data_3DF8
# 
_entry.id   3DF8 
# 
_audit_conform.dict_name       mmcif_pdbx.dic 
_audit_conform.dict_version    5.397 
_audit_conform.dict_location   http://mmcif.pdb.org/dictionaries/ascii/mmcif_pdbx.dic 
# 
loop_
_database_2.database_id 
_database_2.database_code 
_database_2.pdbx_database_accession 
_database_2.pdbx_DOI 
PDB   3DF8         pdb_00003df8 10.2210/pdb3df8/pdb 
RCSB  RCSB047964   ?            ?                   
WWPDB D_1000047964 ?            ?                   
# 
loop_
_pdbx_audit_revision_history.ordinal 
_pdbx_audit_revision_history.data_content_type 
_pdbx_audit_revision_history.major_revision 
_pdbx_audit_revision_history.minor_revision 
_pdbx_audit_revision_history.revision_date 
1 'Structure model' 1 0 2008-08-05 
2 'Structure model' 1 1 2011-07-13 
3 'Structure model' 1 2 2024-10-09 
# 
_pdbx_audit_revision_details.ordinal             1 
_pdbx_audit_revision_details.revision_ordinal    1 
_pdbx_audit_revision_details.data_content_type   'Structure model' 
_pdbx_audit_revision_details.provider            repository 
_pdbx_audit_revision_details.type                'Initial release' 
_pdbx_audit_revision_details.description         ? 
_pdbx_audit_revision_details.details             ? 
# 
loop_
_pdbx_audit_revision_group.ordinal 
_pdbx_audit_revision_group.revision_ordinal 
_pdbx_audit_revision_group.data_content_type 
_pdbx_audit_revision_group.group 
1 2 'Structure model' Advisory                    
2 2 'Structure model' 'Version format compliance' 
3 3 'Structure model' 'Data collection'           
4 3 'Structure model' 'Database references'       
5 3 'Structure model' 'Derived calculations'      
6 3 'Structure model' 'Structure summary'         
# 
loop_
_pdbx_audit_revision_category.ordinal 
_pdbx_audit_revision_category.revision_ordinal 
_pdbx_audit_revision_category.data_content_type 
_pdbx_audit_revision_category.category 
1 3 'Structure model' chem_comp_atom            
2 3 'Structure model' chem_comp_bond            
3 3 'Structure model' database_2                
4 3 'Structure model' pdbx_entry_details        
5 3 'Structure model' pdbx_modification_feature 
6 3 'Structure model' struct_conn               
7 3 'Structure model' struct_ref_seq_dif        
8 3 'Structure model' struct_site               
# 
loop_
_pdbx_audit_revision_item.ordinal 
_pdbx_audit_revision_item.revision_ordinal 
_pdbx_audit_revision_item.data_content_type 
_pdbx_audit_revision_item.item 
1 3 'Structure model' '_database_2.pdbx_DOI'                
2 3 'Structure model' '_database_2.pdbx_database_accession' 
3 3 'Structure model' '_struct_conn.pdbx_leaving_atom_flag' 
4 3 'Structure model' '_struct_ref_seq_dif.details'         
5 3 'Structure model' '_struct_site.pdbx_auth_asym_id'      
6 3 'Structure model' '_struct_site.pdbx_auth_comp_id'      
7 3 'Structure model' '_struct_site.pdbx_auth_seq_id'       
# 
_pdbx_database_status.status_code                     REL 
_pdbx_database_status.entry_id                        3DF8 
_pdbx_database_status.recvd_initial_deposition_date   2008-06-11 
_pdbx_database_status.deposit_site                    RCSB 
_pdbx_database_status.process_site                    RCSB 
_pdbx_database_status.status_code_sf                  REL 
_pdbx_database_status.status_code_mr                  ? 
_pdbx_database_status.SG_entry                        Y 
_pdbx_database_status.pdb_format_compatible           Y 
_pdbx_database_status.status_code_cs                  ? 
_pdbx_database_status.status_code_nmr_data            ? 
_pdbx_database_status.methods_development_category    ? 
# 
_pdbx_database_related.db_name        TargetDB 
_pdbx_database_related.db_id          APC89000 
_pdbx_database_related.details        . 
_pdbx_database_related.content_type   unspecified 
# 
loop_
_audit_author.name 
_audit_author.pdbx_ordinal 
'Tan, K.'                                       1 
'Tesar, C.'                                     2 
'Moy, S.'                                       3 
'Joachimiak, A.'                                4 
'Midwest Center for Structural Genomics (MCSG)' 5 
# 
_citation.id                        primary 
_citation.title                     
'The crystal structure of a possible HxlR family transcriptional factor from Thermoplasma volcanium GSS1' 
_citation.journal_abbrev            'To be Published' 
_citation.journal_volume            ? 
_citation.page_first                ? 
_citation.page_last                 ? 
_citation.year                      ? 
_citation.journal_id_ASTM           ? 
_citation.country                   ? 
_citation.journal_id_ISSN           ? 
_citation.journal_id_CSD            0353 
_citation.book_publisher            ? 
_citation.pdbx_database_id_PubMed   ? 
_citation.pdbx_database_id_DOI      ? 
# 
loop_
_citation_author.citation_id 
_citation_author.name 
_citation_author.ordinal 
_citation_author.identifier_ORCID 
primary 'Tan, K.'        1 ? 
primary 'Tesar, C.'      2 ? 
primary 'Moy, S.'        3 ? 
primary 'Joachimiak, A.' 4 ? 
# 
loop_
_entity.id 
_entity.type 
_entity.src_method 
_entity.pdbx_description 
_entity.formula_weight 
_entity.pdbx_number_of_molecules 
_entity.pdbx_ec 
_entity.pdbx_mutation 
_entity.pdbx_fragment 
_entity.details 
1 polymer     man 'possible HxlR family transcriptional factor' 12519.714 1  ? ? ? ? 
2 non-polymer syn 'ACETATE ION'                                 59.044    2  ? ? ? ? 
3 water       nat water                                         18.015    84 ? ? ? ? 
# 
_entity_poly.entity_id                      1 
_entity_poly.type                           'polypeptide(L)' 
_entity_poly.nstd_linkage                   no 
_entity_poly.nstd_monomer                   yes 
_entity_poly.pdbx_seq_one_letter_code       
;SNA(MSE)LRYGDTEICIDPSESVLHLLGKKYT(MSE)LIISVLGNGSTRQNFNDIRSSIPGISSTILSRRIKDLIDSGL
VERRSGQITTYALTEKG(MSE)NVRNSL(MSE)PLLQYISVLDRNGD
;
_entity_poly.pdbx_seq_one_letter_code_can   
;SNAMLRYGDTEICIDPSESVLHLLGKKYTMLIISVLGNGSTRQNFNDIRSSIPGISSTILSRRIKDLIDSGLVERRSGQI
TTYALTEKGMNVRNSLMPLLQYISVLDRNGD
;
_entity_poly.pdbx_strand_id                 A 
_entity_poly.pdbx_target_identifier         APC89000 
# 
loop_
_pdbx_entity_nonpoly.entity_id 
_pdbx_entity_nonpoly.name 
_pdbx_entity_nonpoly.comp_id 
2 'ACETATE ION' ACT 
3 water         HOH 
# 
loop_
_entity_poly_seq.entity_id 
_entity_poly_seq.num 
_entity_poly_seq.mon_id 
_entity_poly_seq.hetero 
1 1   SER n 
1 2   ASN n 
1 3   ALA n 
1 4   MSE n 
1 5   LEU n 
1 6   ARG n 
1 7   TYR n 
1 8   GLY n 
1 9   ASP n 
1 10  THR n 
1 11  GLU n 
1 12  ILE n 
1 13  CYS n 
1 14  ILE n 
1 15  ASP n 
1 16  PRO n 
1 17  SER n 
1 18  GLU n 
1 19  SER n 
1 20  VAL n 
1 21  LEU n 
1 22  HIS n 
1 23  LEU n 
1 24  LEU n 
1 25  GLY n 
1 26  LYS n 
1 27  LYS n 
1 28  TYR n 
1 29  THR n 
1 30  MSE n 
1 31  LEU n 
1 32  ILE n 
1 33  ILE n 
1 34  SER n 
1 35  VAL n 
1 36  LEU n 
1 37  GLY n 
1 38  ASN n 
1 39  GLY n 
1 40  SER n 
1 41  THR n 
1 42  ARG n 
1 43  GLN n 
1 44  ASN n 
1 45  PHE n 
1 46  ASN n 
1 47  ASP n 
1 48  ILE n 
1 49  ARG n 
1 50  SER n 
1 51  SER n 
1 52  ILE n 
1 53  PRO n 
1 54  GLY n 
1 55  ILE n 
1 56  SER n 
1 57  SER n 
1 58  THR n 
1 59  ILE n 
1 60  LEU n 
1 61  SER n 
1 62  ARG n 
1 63  ARG n 
1 64  ILE n 
1 65  LYS n 
1 66  ASP n 
1 67  LEU n 
1 68  ILE n 
1 69  ASP n 
1 70  SER n 
1 71  GLY n 
1 72  LEU n 
1 73  VAL n 
1 74  GLU n 
1 75  ARG n 
1 76  ARG n 
1 77  SER n 
1 78  GLY n 
1 79  GLN n 
1 80  ILE n 
1 81  THR n 
1 82  THR n 
1 83  TYR n 
1 84  ALA n 
1 85  LEU n 
1 86  THR n 
1 87  GLU n 
1 88  LYS n 
1 89  GLY n 
1 90  MSE n 
1 91  ASN n 
1 92  VAL n 
1 93  ARG n 
1 94  ASN n 
1 95  SER n 
1 96  LEU n 
1 97  MSE n 
1 98  PRO n 
1 99  LEU n 
1 100 LEU n 
1 101 GLN n 
1 102 TYR n 
1 103 ILE n 
1 104 SER n 
1 105 VAL n 
1 106 LEU n 
1 107 ASP n 
1 108 ARG n 
1 109 ASN n 
1 110 GLY n 
1 111 ASP n 
# 
_entity_src_gen.entity_id                          1 
_entity_src_gen.pdbx_src_id                        1 
_entity_src_gen.pdbx_alt_source_flag               sample 
_entity_src_gen.pdbx_seq_type                      ? 
_entity_src_gen.pdbx_beg_seq_num                   ? 
_entity_src_gen.pdbx_end_seq_num                   ? 
_entity_src_gen.gene_src_common_name               ? 
_entity_src_gen.gene_src_genus                     ? 
_entity_src_gen.pdbx_gene_src_gene                 'TV1295, TVG1336486' 
_entity_src_gen.gene_src_species                   ? 
_entity_src_gen.gene_src_strain                    GSS1 
_entity_src_gen.gene_src_tissue                    ? 
_entity_src_gen.gene_src_tissue_fraction           ? 
_entity_src_gen.gene_src_details                   ? 
_entity_src_gen.pdbx_gene_src_fragment             ? 
_entity_src_gen.pdbx_gene_src_scientific_name      'Thermoplasma volcanium' 
_entity_src_gen.pdbx_gene_src_ncbi_taxonomy_id     50339 
_entity_src_gen.pdbx_gene_src_variant              ? 
_entity_src_gen.pdbx_gene_src_cell_line            ? 
_entity_src_gen.pdbx_gene_src_atcc                 ? 
_entity_src_gen.pdbx_gene_src_organ                ? 
_entity_src_gen.pdbx_gene_src_organelle            ? 
_entity_src_gen.pdbx_gene_src_cell                 ? 
_entity_src_gen.pdbx_gene_src_cellular_location    ? 
_entity_src_gen.host_org_common_name               ? 
_entity_src_gen.pdbx_host_org_scientific_name      'Escherichia coli' 
_entity_src_gen.pdbx_host_org_ncbi_taxonomy_id     ? 
_entity_src_gen.host_org_genus                     ? 
_entity_src_gen.pdbx_host_org_gene                 ? 
_entity_src_gen.pdbx_host_org_organ                ? 
_entity_src_gen.host_org_species                   ? 
_entity_src_gen.pdbx_host_org_tissue               ? 
_entity_src_gen.pdbx_host_org_tissue_fraction      ? 
_entity_src_gen.pdbx_host_org_strain               BL21 
_entity_src_gen.pdbx_host_org_variant              ? 
_entity_src_gen.pdbx_host_org_cell_line            ? 
_entity_src_gen.pdbx_host_org_atcc                 ? 
_entity_src_gen.pdbx_host_org_culture_collection   ? 
_entity_src_gen.pdbx_host_org_cell                 ? 
_entity_src_gen.pdbx_host_org_organelle            ? 
_entity_src_gen.pdbx_host_org_cellular_location    ? 
_entity_src_gen.pdbx_host_org_vector_type          plasmid 
_entity_src_gen.pdbx_host_org_vector               ? 
_entity_src_gen.host_org_details                   ? 
_entity_src_gen.expression_system_id               ? 
_entity_src_gen.plasmid_name                       pMCSG7 
_entity_src_gen.plasmid_details                    ? 
_entity_src_gen.pdbx_description                   ? 
# 
loop_
_chem_comp.id 
_chem_comp.type 
_chem_comp.mon_nstd_flag 
_chem_comp.name 
_chem_comp.pdbx_synonyms 
_chem_comp.formula 
_chem_comp.formula_weight 
ACT non-polymer         . 'ACETATE ION'    ? 'C2 H3 O2 -1'    59.044  
ALA 'L-peptide linking' y ALANINE          ? 'C3 H7 N O2'     89.093  
ARG 'L-peptide linking' y ARGININE         ? 'C6 H15 N4 O2 1' 175.209 
ASN 'L-peptide linking' y ASPARAGINE       ? 'C4 H8 N2 O3'    132.118 
ASP 'L-peptide linking' y 'ASPARTIC ACID'  ? 'C4 H7 N O4'     133.103 
CYS 'L-peptide linking' y CYSTEINE         ? 'C3 H7 N O2 S'   121.158 
GLN 'L-peptide linking' y GLUTAMINE        ? 'C5 H10 N2 O3'   146.144 
GLU 'L-peptide linking' y 'GLUTAMIC ACID'  ? 'C5 H9 N O4'     147.129 
GLY 'peptide linking'   y GLYCINE          ? 'C2 H5 N O2'     75.067  
HIS 'L-peptide linking' y HISTIDINE        ? 'C6 H10 N3 O2 1' 156.162 
HOH non-polymer         . WATER            ? 'H2 O'           18.015  
ILE 'L-peptide linking' y ISOLEUCINE       ? 'C6 H13 N O2'    131.173 
LEU 'L-peptide linking' y LEUCINE          ? 'C6 H13 N O2'    131.173 
LYS 'L-peptide linking' y LYSINE           ? 'C6 H15 N2 O2 1' 147.195 
MSE 'L-peptide linking' n SELENOMETHIONINE ? 'C5 H11 N O2 Se' 196.106 
PHE 'L-peptide linking' y PHENYLALANINE    ? 'C9 H11 N O2'    165.189 
PRO 'L-peptide linking' y PROLINE          ? 'C5 H9 N O2'     115.130 
SER 'L-peptide linking' y SERINE           ? 'C3 H7 N O3'     105.093 
THR 'L-peptide linking' y THREONINE        ? 'C4 H9 N O3'     119.119 
TYR 'L-peptide linking' y TYROSINE         ? 'C9 H11 N O3'    181.189 
VAL 'L-peptide linking' y VALINE           ? 'C5 H11 N O2'    117.146 
# 
loop_
_pdbx_poly_seq_scheme.asym_id 
_pdbx_poly_seq_scheme.entity_id 
_pdbx_poly_seq_scheme.seq_id 
_pdbx_poly_seq_scheme.mon_id 
_pdbx_poly_seq_scheme.ndb_seq_num 
_pdbx_poly_seq_scheme.pdb_seq_num 
_pdbx_poly_seq_scheme.auth_seq_num 
_pdbx_poly_seq_scheme.pdb_mon_id 
_pdbx_poly_seq_scheme.auth_mon_id 
_pdbx_poly_seq_scheme.pdb_strand_id 
_pdbx_poly_seq_scheme.pdb_ins_code 
_pdbx_poly_seq_scheme.hetero 
A 1 1   SER 1   -2  -2  SER SER A . n 
A 1 2   ASN 2   -1  -1  ASN ASN A . n 
A 1 3   ALA 3   0   0   ALA ALA A . n 
A 1 4   MSE 4   1   1   MSE MSE A . n 
A 1 5   LEU 5   2   2   LEU LEU A . n 
A 1 6   ARG 6   3   3   ARG ARG A . n 
A 1 7   TYR 7   4   4   TYR TYR A . n 
A 1 8   GLY 8   5   5   GLY GLY A . n 
A 1 9   ASP 9   6   6   ASP ASP A . n 
A 1 10  THR 10  7   7   THR THR A . n 
A 1 11  GLU 11  8   8   GLU GLU A . n 
A 1 12  ILE 12  9   9   ILE ILE A . n 
A 1 13  CYS 13  10  10  CYS CYS A . n 
A 1 14  ILE 14  11  11  ILE ILE A . n 
A 1 15  ASP 15  12  12  ASP ASP A . n 
A 1 16  PRO 16  13  13  PRO PRO A . n 
A 1 17  SER 17  14  14  SER SER A . n 
A 1 18  GLU 18  15  15  GLU GLU A . n 
A 1 19  SER 19  16  16  SER SER A . n 
A 1 20  VAL 20  17  17  VAL VAL A . n 
A 1 21  LEU 21  18  18  LEU LEU A . n 
A 1 22  HIS 22  19  19  HIS HIS A . n 
A 1 23  LEU 23  20  20  LEU LEU A . n 
A 1 24  LEU 24  21  21  LEU LEU A . n 
A 1 25  GLY 25  22  22  GLY GLY A . n 
A 1 26  LYS 26  23  23  LYS LYS A . n 
A 1 27  LYS 27  24  24  LYS LYS A . n 
A 1 28  TYR 28  25  25  TYR TYR A . n 
A 1 29  THR 29  26  26  THR THR A . n 
A 1 30  MSE 30  27  27  MSE MSE A . n 
A 1 31  LEU 31  28  28  LEU LEU A . n 
A 1 32  ILE 32  29  29  ILE ILE A . n 
A 1 33  ILE 33  30  30  ILE ILE A . n 
A 1 34  SER 34  31  31  SER SER A . n 
A 1 35  VAL 35  32  32  VAL VAL A . n 
A 1 36  LEU 36  33  33  LEU LEU A . n 
A 1 37  GLY 37  34  34  GLY GLY A . n 
A 1 38  ASN 38  35  35  ASN ASN A . n 
A 1 39  GLY 39  36  36  GLY GLY A . n 
A 1 40  SER 40  37  37  SER SER A . n 
A 1 41  THR 41  38  38  THR THR A . n 
A 1 42  ARG 42  39  39  ARG ARG A . n 
A 1 43  GLN 43  40  40  GLN GLN A . n 
A 1 44  ASN 44  41  41  ASN ASN A . n 
A 1 45  PHE 45  42  42  PHE PHE A . n 
A 1 46  ASN 46  43  43  ASN ASN A . n 
A 1 47  ASP 47  44  44  ASP ASP A . n 
A 1 48  ILE 48  45  45  ILE ILE A . n 
A 1 49  ARG 49  46  46  ARG ARG A . n 
A 1 50  SER 50  47  47  SER SER A . n 
A 1 51  SER 51  48  48  SER SER A . n 
A 1 52  ILE 52  49  49  ILE ILE A . n 
A 1 53  PRO 53  50  50  PRO PRO A . n 
A 1 54  GLY 54  51  51  GLY GLY A . n 
A 1 55  ILE 55  52  52  ILE ILE A . n 
A 1 56  SER 56  53  53  SER SER A . n 
A 1 57  SER 57  54  54  SER SER A . n 
A 1 58  THR 58  55  55  THR THR A . n 
A 1 59  ILE 59  56  56  ILE ILE A . n 
A 1 60  LEU 60  57  57  LEU LEU A . n 
A 1 61  SER 61  58  58  SER SER A . n 
A 1 62  ARG 62  59  59  ARG ARG A . n 
A 1 63  ARG 63  60  60  ARG ARG A . n 
A 1 64  ILE 64  61  61  ILE ILE A . n 
A 1 65  LYS 65  62  62  LYS LYS A . n 
A 1 66  ASP 66  63  63  ASP ASP A . n 
A 1 67  LEU 67  64  64  LEU LEU A . n 
A 1 68  ILE 68  65  65  ILE ILE A . n 
A 1 69  ASP 69  66  66  ASP ASP A . n 
A 1 70  SER 70  67  67  SER SER A . n 
A 1 71  GLY 71  68  68  GLY GLY A . n 
A 1 72  LEU 72  69  69  LEU LEU A . n 
A 1 73  VAL 73  70  70  VAL VAL A . n 
A 1 74  GLU 74  71  71  GLU GLU A . n 
A 1 75  ARG 75  72  72  ARG ARG A . n 
A 1 76  ARG 76  73  73  ARG ARG A . n 
A 1 77  SER 77  74  74  SER SER A . n 
A 1 78  GLY 78  75  75  GLY GLY A . n 
A 1 79  GLN 79  76  76  GLN GLN A . n 
A 1 80  ILE 80  77  77  ILE ILE A . n 
A 1 81  THR 81  78  78  THR THR A . n 
A 1 82  THR 82  79  79  THR THR A . n 
A 1 83  TYR 83  80  80  TYR TYR A . n 
A 1 84  ALA 84  81  81  ALA ALA A . n 
A 1 85  LEU 85  82  82  LEU LEU A . n 
A 1 86  THR 86  83  83  THR THR A . n 
A 1 87  GLU 87  84  84  GLU GLU A . n 
A 1 88  LYS 88  85  85  LYS LYS A . n 
A 1 89  GLY 89  86  86  GLY GLY A . n 
A 1 90  MSE 90  87  87  MSE MSE A . n 
A 1 91  ASN 91  88  88  ASN ASN A . n 
A 1 92  VAL 92  89  89  VAL VAL A . n 
A 1 93  ARG 93  90  90  ARG ARG A . n 
A 1 94  ASN 94  91  91  ASN ASN A . n 
A 1 95  SER 95  92  92  SER SER A . n 
A 1 96  LEU 96  93  93  LEU LEU A . n 
A 1 97  MSE 97  94  94  MSE MSE A . n 
A 1 98  PRO 98  95  95  PRO PRO A . n 
A 1 99  LEU 99  96  96  LEU LEU A . n 
A 1 100 LEU 100 97  97  LEU LEU A . n 
A 1 101 GLN 101 98  98  GLN GLN A . n 
A 1 102 TYR 102 99  99  TYR TYR A . n 
A 1 103 ILE 103 100 100 ILE ILE A . n 
A 1 104 SER 104 101 101 SER SER A . n 
A 1 105 VAL 105 102 102 VAL VAL A . n 
A 1 106 LEU 106 103 103 LEU LEU A . n 
A 1 107 ASP 107 104 104 ASP ASP A . n 
A 1 108 ARG 108 105 105 ARG ARG A . n 
A 1 109 ASN 109 106 106 ASN ASN A . n 
A 1 110 GLY 110 107 ?   ?   ?   A . n 
A 1 111 ASP 111 108 ?   ?   ?   A . n 
# 
loop_
_pdbx_nonpoly_scheme.asym_id 
_pdbx_nonpoly_scheme.entity_id 
_pdbx_nonpoly_scheme.mon_id 
_pdbx_nonpoly_scheme.ndb_seq_num 
_pdbx_nonpoly_scheme.pdb_seq_num 
_pdbx_nonpoly_scheme.auth_seq_num 
_pdbx_nonpoly_scheme.pdb_mon_id 
_pdbx_nonpoly_scheme.auth_mon_id 
_pdbx_nonpoly_scheme.pdb_strand_id 
_pdbx_nonpoly_scheme.pdb_ins_code 
B 2 ACT 1  109 1  ACT ACT A . 
C 2 ACT 1  110 2  ACT ACT A . 
D 3 HOH 1  111 1  HOH HOH A . 
D 3 HOH 2  112 2  HOH HOH A . 
D 3 HOH 3  113 3  HOH HOH A . 
D 3 HOH 4  114 4  HOH HOH A . 
D 3 HOH 5  115 5  HOH HOH A . 
D 3 HOH 6  116 6  HOH HOH A . 
D 3 HOH 7  117 7  HOH HOH A . 
D 3 HOH 8  118 8  HOH HOH A . 
D 3 HOH 9  119 9  HOH HOH A . 
D 3 HOH 10 120 10 HOH HOH A . 
D 3 HOH 11 121 11 HOH HOH A . 
D 3 HOH 12 122 12 HOH HOH A . 
D 3 HOH 13 123 13 HOH HOH A . 
D 3 HOH 14 124 14 HOH HOH A . 
D 3 HOH 15 125 15 HOH HOH A . 
D 3 HOH 16 126 16 HOH HOH A . 
D 3 HOH 17 127 17 HOH HOH A . 
D 3 HOH 18 128 18 HOH HOH A . 
D 3 HOH 19 129 19 HOH HOH A . 
D 3 HOH 20 130 20 HOH HOH A . 
D 3 HOH 21 131 21 HOH HOH A . 
D 3 HOH 22 132 22 HOH HOH A . 
D 3 HOH 23 133 23 HOH HOH A . 
D 3 HOH 24 134 24 HOH HOH A . 
D 3 HOH 25 135 25 HOH HOH A . 
D 3 HOH 26 136 26 HOH HOH A . 
D 3 HOH 27 137 27 HOH HOH A . 
D 3 HOH 28 138 28 HOH HOH A . 
D 3 HOH 29 139 29 HOH HOH A . 
D 3 HOH 30 140 30 HOH HOH A . 
D 3 HOH 31 141 31 HOH HOH A . 
D 3 HOH 32 142 32 HOH HOH A . 
D 3 HOH 33 143 33 HOH HOH A . 
D 3 HOH 34 144 34 HOH HOH A . 
D 3 HOH 35 145 35 HOH HOH A . 
D 3 HOH 36 146 36 HOH HOH A . 
D 3 HOH 37 147 37 HOH HOH A . 
D 3 HOH 38 148 38 HOH HOH A . 
D 3 HOH 39 149 39 HOH HOH A . 
D 3 HOH 40 150 40 HOH HOH A . 
D 3 HOH 41 151 41 HOH HOH A . 
D 3 HOH 42 152 42 HOH HOH A . 
D 3 HOH 43 153 43 HOH HOH A . 
D 3 HOH 44 154 44 HOH HOH A . 
D 3 HOH 45 155 45 HOH HOH A . 
D 3 HOH 46 156 46 HOH HOH A . 
D 3 HOH 47 157 47 HOH HOH A . 
D 3 HOH 48 158 48 HOH HOH A . 
D 3 HOH 49 159 49 HOH HOH A . 
D 3 HOH 50 160 50 HOH HOH A . 
D 3 HOH 51 161 51 HOH HOH A . 
D 3 HOH 52 162 52 HOH HOH A . 
D 3 HOH 53 163 53 HOH HOH A . 
D 3 HOH 54 164 54 HOH HOH A . 
D 3 HOH 55 165 55 HOH HOH A . 
D 3 HOH 56 166 56 HOH HOH A . 
D 3 HOH 57 167 57 HOH HOH A . 
D 3 HOH 58 168 58 HOH HOH A . 
D 3 HOH 59 169 59 HOH HOH A . 
D 3 HOH 60 170 60 HOH HOH A . 
D 3 HOH 61 171 61 HOH HOH A . 
D 3 HOH 62 172 62 HOH HOH A . 
D 3 HOH 63 173 63 HOH HOH A . 
D 3 HOH 64 174 64 HOH HOH A . 
D 3 HOH 65 175 65 HOH HOH A . 
D 3 HOH 66 176 66 HOH HOH A . 
D 3 HOH 67 177 67 HOH HOH A . 
D 3 HOH 68 178 68 HOH HOH A . 
D 3 HOH 69 179 69 HOH HOH A . 
D 3 HOH 70 180 70 HOH HOH A . 
D 3 HOH 71 181 71 HOH HOH A . 
D 3 HOH 72 182 72 HOH HOH A . 
D 3 HOH 73 183 73 HOH HOH A . 
D 3 HOH 74 184 74 HOH HOH A . 
D 3 HOH 75 185 75 HOH HOH A . 
D 3 HOH 76 186 76 HOH HOH A . 
D 3 HOH 77 187 77 HOH HOH A . 
D 3 HOH 78 188 78 HOH HOH A . 
D 3 HOH 79 189 79 HOH HOH A . 
D 3 HOH 80 190 80 HOH HOH A . 
D 3 HOH 81 191 81 HOH HOH A . 
D 3 HOH 82 192 82 HOH HOH A . 
D 3 HOH 83 193 83 HOH HOH A . 
D 3 HOH 84 194 84 HOH HOH A . 
# 
loop_
_software.name 
_software.classification 
_software.version 
_software.citation_id 
_software.pdbx_ordinal 
REFMAC      refinement        5.2.0019 ? 1 
SBC-Collect 'data collection' .        ? 2 
HKL-3000    'data reduction'  .        ? 3 
HKL-3000    'data scaling'    .        ? 4 
SHELXD      phasing           .        ? 5 
MLPHARE     phasing           .        ? 6 
DM          phasing           .        ? 7 
RESOLVE     phasing           .        ? 8 
HKL-3000    phasing           .        ? 9 
# 
_cell.entry_id           3DF8 
_cell.length_a           65.739 
_cell.length_b           54.755 
_cell.length_c           40.687 
_cell.angle_alpha        90.00 
_cell.angle_beta         125.31 
_cell.angle_gamma        90.00 
_cell.Z_PDB              4 
_cell.pdbx_unique_axis   ? 
_cell.length_a_esd       ? 
_cell.length_b_esd       ? 
_cell.length_c_esd       ? 
_cell.angle_alpha_esd    ? 
_cell.angle_beta_esd     ? 
_cell.angle_gamma_esd    ? 
# 
_symmetry.entry_id                         3DF8 
_symmetry.space_group_name_H-M             'C 1 2 1' 
_symmetry.pdbx_full_space_group_name_H-M   ? 
_symmetry.cell_setting                     ? 
_symmetry.Int_Tables_number                5 
_symmetry.space_group_name_Hall            ? 
# 
_exptl.entry_id          3DF8 
_exptl.method            'X-RAY DIFFRACTION' 
_exptl.crystals_number   1 
# 
_exptl_crystal.id                    1 
_exptl_crystal.density_meas          ? 
_exptl_crystal.density_Matthews      2.39 
_exptl_crystal.density_percent_sol   48.46 
_exptl_crystal.description           ? 
_exptl_crystal.F_000                 ? 
_exptl_crystal.preparation           ? 
# 
_exptl_crystal_grow.crystal_id      1 
_exptl_crystal_grow.method          'VAPOR DIFFUSION, HANGING DROP' 
_exptl_crystal_grow.temp            289 
_exptl_crystal_grow.temp_details    ? 
_exptl_crystal_grow.pH              6 
_exptl_crystal_grow.pdbx_details    
;0.2M Cacium Acetate, 
0.1M MES 
20%(w/v) PEG8000, pH 6, VAPOR DIFFUSION, HANGING DROP, temperature 289K
;
_exptl_crystal_grow.pdbx_pH_range   . 
# 
_diffrn.id                     1 
_diffrn.ambient_temp           100 
_diffrn.ambient_temp_details   ? 
_diffrn.crystal_id             1 
# 
_diffrn_detector.diffrn_id              1 
_diffrn_detector.detector               CCD 
_diffrn_detector.type                   'ADSC QUANTUM 315' 
_diffrn_detector.pdbx_collection_date   2008-03-08 
_diffrn_detector.details                Mirror 
# 
_diffrn_radiation.diffrn_id                        1 
_diffrn_radiation.wavelength_id                    1 
_diffrn_radiation.pdbx_monochromatic_or_laue_m_l   M 
_diffrn_radiation.monochromator                    'Si 111 crystal' 
_diffrn_radiation.pdbx_diffrn_protocol             'SINGLE WAVELENGTH' 
_diffrn_radiation.pdbx_scattering_type             x-ray 
# 
_diffrn_radiation_wavelength.id           1 
_diffrn_radiation_wavelength.wavelength   0.97931 
_diffrn_radiation_wavelength.wt           1.0 
# 
_diffrn_source.diffrn_id                   1 
_diffrn_source.source                      SYNCHROTRON 
_diffrn_source.type                        'APS BEAMLINE 19-ID' 
_diffrn_source.pdbx_synchrotron_site       APS 
_diffrn_source.pdbx_synchrotron_beamline   19-ID 
_diffrn_source.pdbx_wavelength             ? 
_diffrn_source.pdbx_wavelength_list        0.97931 
# 
_reflns.entry_id                     3DF8 
_reflns.observed_criterion_sigma_F   0 
_reflns.observed_criterion_sigma_I   0 
_reflns.d_resolution_high            1.65 
_reflns.d_resolution_low             38.3 
_reflns.number_all                   13735 
_reflns.number_obs                   13735 
_reflns.percent_possible_obs         97.3 
_reflns.pdbx_Rmerge_I_obs            0.099 
_reflns.pdbx_Rsym_value              ? 
_reflns.pdbx_netI_over_sigmaI        27.9 
_reflns.B_iso_Wilson_estimate        ? 
_reflns.pdbx_redundancy              4.3 
_reflns.R_free_details               ? 
_reflns.limit_h_max                  ? 
_reflns.limit_h_min                  ? 
_reflns.limit_k_max                  ? 
_reflns.limit_k_min                  ? 
_reflns.limit_l_max                  ? 
_reflns.limit_l_min                  ? 
_reflns.observed_criterion_F_max     ? 
_reflns.observed_criterion_F_min     ? 
_reflns.pdbx_chi_squared             ? 
_reflns.pdbx_scaling_rejects         ? 
_reflns.pdbx_ordinal                 1 
_reflns.pdbx_diffrn_id               1 
# 
_reflns_shell.d_res_high             1.65 
_reflns_shell.d_res_low              1.69 
_reflns_shell.percent_possible_all   77.3 
_reflns_shell.Rmerge_I_obs           0.477 
_reflns_shell.pdbx_Rsym_value        ? 
_reflns_shell.meanI_over_sigI_obs    1.8 
_reflns_shell.pdbx_redundancy        2.7 
_reflns_shell.percent_possible_obs   ? 
_reflns_shell.number_unique_all      734 
_reflns_shell.number_measured_all    ? 
_reflns_shell.number_measured_obs    ? 
_reflns_shell.number_unique_obs      ? 
_reflns_shell.pdbx_chi_squared       ? 
_reflns_shell.pdbx_ordinal           1 
_reflns_shell.pdbx_diffrn_id         1 
# 
_refine.entry_id                                 3DF8 
_refine.ls_number_reflns_obs                     13052 
_refine.ls_number_reflns_all                     13052 
_refine.pdbx_ls_sigma_I                          0 
_refine.pdbx_ls_sigma_F                          0 
_refine.pdbx_data_cutoff_high_absF               ? 
_refine.pdbx_data_cutoff_low_absF                ? 
_refine.pdbx_data_cutoff_high_rms_absF           ? 
_refine.ls_d_res_low                             38.3 
_refine.ls_d_res_high                            1.65 
_refine.ls_percent_reflns_obs                    97.14 
_refine.ls_R_factor_obs                          0.17285 
_refine.ls_R_factor_all                          0.17285 
_refine.ls_R_factor_R_work                       0.17074 
_refine.ls_R_factor_R_free                       0.21064 
_refine.ls_R_factor_R_free_error                 ? 
_refine.ls_R_factor_R_free_error_details         ? 
_refine.ls_percent_reflns_R_free                 5.0 
_refine.ls_number_reflns_R_free                  681 
_refine.ls_number_parameters                     ? 
_refine.ls_number_restraints                     ? 
_refine.occupancy_min                            ? 
_refine.occupancy_max                            ? 
_refine.correlation_coeff_Fo_to_Fc               0.970 
_refine.correlation_coeff_Fo_to_Fc_free          0.961 
_refine.B_iso_mean                               32.435 
_refine.aniso_B[1][1]                            -0.17 
_refine.aniso_B[2][2]                            0.16 
_refine.aniso_B[3][3]                            -0.24 
_refine.aniso_B[1][2]                            0.00 
_refine.aniso_B[1][3]                            -0.22 
_refine.aniso_B[2][3]                            0.00 
_refine.solvent_model_details                    MASK 
_refine.solvent_model_param_ksol                 ? 
_refine.solvent_model_param_bsol                 ? 
_refine.pdbx_solvent_vdw_probe_radii             1.20 
_refine.pdbx_solvent_ion_probe_radii             0.80 
_refine.pdbx_solvent_shrinkage_radii             0.80 
_refine.pdbx_ls_cross_valid_method               THROUGHOUT 
_refine.details                                  'HYDROGENS HAVE BEEN ADDED IN THE RIDING POSITIONS' 
_refine.pdbx_starting_model                      ? 
_refine.pdbx_method_to_determine_struct          SAD 
_refine.pdbx_isotropic_thermal_model             ? 
_refine.pdbx_stereochemistry_target_values       'MAXIMUM LIKELIHOOD' 
_refine.pdbx_stereochem_target_val_spec_case     ? 
_refine.pdbx_R_Free_selection_details            RANDOM 
_refine.pdbx_overall_ESU_R                       0.096 
_refine.pdbx_overall_ESU_R_Free                  0.099 
_refine.overall_SU_ML                            0.068 
_refine.overall_SU_B                             4.097 
_refine.ls_redundancy_reflns_obs                 ? 
_refine.B_iso_min                                ? 
_refine.B_iso_max                                ? 
_refine.overall_SU_R_Cruickshank_DPI             ? 
_refine.overall_SU_R_free                        ? 
_refine.ls_wR_factor_R_free                      ? 
_refine.ls_wR_factor_R_work                      ? 
_refine.overall_FOM_free_R_set                   ? 
_refine.overall_FOM_work_R_set                   ? 
_refine.pdbx_overall_phase_error                 ? 
_refine.pdbx_refine_id                           'X-RAY DIFFRACTION' 
_refine.pdbx_TLS_residual_ADP_flag               'LIKELY RESIDUAL' 
_refine.pdbx_diffrn_id                           1 
_refine.pdbx_overall_SU_R_free_Cruickshank_DPI   ? 
_refine.pdbx_overall_SU_R_Blow_DPI               ? 
_refine.pdbx_overall_SU_R_free_Blow_DPI          ? 
# 
_refine_hist.pdbx_refine_id                   'X-RAY DIFFRACTION' 
_refine_hist.cycle_id                         LAST 
_refine_hist.pdbx_number_atoms_protein        848 
_refine_hist.pdbx_number_atoms_nucleic_acid   0 
_refine_hist.pdbx_number_atoms_ligand         8 
_refine_hist.number_atoms_solvent             84 
_refine_hist.number_atoms_total               940 
_refine_hist.d_res_high                       1.65 
_refine_hist.d_res_low                        38.3 
# 
loop_
_refine_ls_restr.type 
_refine_ls_restr.dev_ideal 
_refine_ls_restr.dev_ideal_target 
_refine_ls_restr.weight 
_refine_ls_restr.number 
_refine_ls_restr.pdbx_refine_id 
_refine_ls_restr.pdbx_restraint_function 
r_bond_refined_d             0.015  0.022  ? 930  'X-RAY DIFFRACTION' ? 
r_bond_other_d               ?      ?      ? ?    'X-RAY DIFFRACTION' ? 
r_angle_refined_deg          1.558  1.999  ? 1272 'X-RAY DIFFRACTION' ? 
r_angle_other_deg            ?      ?      ? ?    'X-RAY DIFFRACTION' ? 
r_dihedral_angle_1_deg       5.501  5.000  ? 132  'X-RAY DIFFRACTION' ? 
r_dihedral_angle_2_deg       30.691 23.333 ? 39   'X-RAY DIFFRACTION' ? 
r_dihedral_angle_3_deg       13.834 15.000 ? 182  'X-RAY DIFFRACTION' ? 
r_dihedral_angle_4_deg       16.082 15.000 ? 10   'X-RAY DIFFRACTION' ? 
r_chiral_restr               0.101  0.200  ? 153  'X-RAY DIFFRACTION' ? 
r_gen_planes_refined         0.007  0.020  ? 695  'X-RAY DIFFRACTION' ? 
r_gen_planes_other           ?      ?      ? ?    'X-RAY DIFFRACTION' ? 
r_nbd_refined                0.219  0.200  ? 430  'X-RAY DIFFRACTION' ? 
r_nbd_other                  ?      ?      ? ?    'X-RAY DIFFRACTION' ? 
r_nbtor_refined              0.311  0.200  ? 652  'X-RAY DIFFRACTION' ? 
r_nbtor_other                ?      ?      ? ?    'X-RAY DIFFRACTION' ? 
r_xyhbond_nbd_refined        0.139  0.200  ? 62   'X-RAY DIFFRACTION' ? 
r_xyhbond_nbd_other          ?      ?      ? ?    'X-RAY DIFFRACTION' ? 
r_metal_ion_refined          ?      ?      ? ?    'X-RAY DIFFRACTION' ? 
r_metal_ion_other            ?      ?      ? ?    'X-RAY DIFFRACTION' ? 
r_symmetry_vdw_refined       0.203  0.200  ? 73   'X-RAY DIFFRACTION' ? 
r_symmetry_vdw_other         ?      ?      ? ?    'X-RAY DIFFRACTION' ? 
r_symmetry_hbond_refined     0.121  0.200  ? 23   'X-RAY DIFFRACTION' ? 
r_symmetry_hbond_other       ?      ?      ? ?    'X-RAY DIFFRACTION' ? 
r_symmetry_metal_ion_refined ?      ?      ? ?    'X-RAY DIFFRACTION' ? 
r_symmetry_metal_ion_other   ?      ?      ? ?    'X-RAY DIFFRACTION' ? 
r_mcbond_it                  0.899  1.500  ? 609  'X-RAY DIFFRACTION' ? 
r_mcbond_other               ?      ?      ? ?    'X-RAY DIFFRACTION' ? 
r_mcangle_it                 1.364  2.000  ? 961  'X-RAY DIFFRACTION' ? 
r_scbond_it                  2.284  3.000  ? 358  'X-RAY DIFFRACTION' ? 
r_scangle_it                 3.580  4.500  ? 300  'X-RAY DIFFRACTION' ? 
r_rigid_bond_restr           ?      ?      ? ?    'X-RAY DIFFRACTION' ? 
r_sphericity_free            ?      ?      ? ?    'X-RAY DIFFRACTION' ? 
r_sphericity_bonded          ?      ?      ? ?    'X-RAY DIFFRACTION' ? 
# 
_refine_ls_shell.pdbx_total_number_of_bins_used   20 
_refine_ls_shell.d_res_high                       1.655 
_refine_ls_shell.d_res_low                        1.698 
_refine_ls_shell.number_reflns_R_work             772 
_refine_ls_shell.R_factor_R_work                  0.274 
_refine_ls_shell.percent_reflns_obs               76.58 
_refine_ls_shell.R_factor_R_free                  0.326 
_refine_ls_shell.R_factor_R_free_error            ? 
_refine_ls_shell.percent_reflns_R_free            ? 
_refine_ls_shell.number_reflns_R_free             42 
_refine_ls_shell.number_reflns_all                ? 
_refine_ls_shell.R_factor_all                     ? 
_refine_ls_shell.number_reflns_obs                814 
_refine_ls_shell.redundancy_reflns_obs            ? 
_refine_ls_shell.pdbx_refine_id                   'X-RAY DIFFRACTION' 
# 
_struct.entry_id                  3DF8 
_struct.title                     
'The crystal structure of a possible HxlR family transcriptional factor from Thermoplasma volcanium GSS1' 
_struct.pdbx_model_details        ? 
_struct.pdbx_CASP_flag            Y 
_struct.pdbx_model_type_details   ? 
# 
_struct_keywords.entry_id        3DF8 
_struct_keywords.pdbx_keywords   TRANSCRIPTION 
_struct_keywords.text            
;APC89000, HxlR, transcriptional factor, structural genomics, PSI-2, midwest center for structural genomics, MCSG, Protein Structure Initiative, TRANSCRIPTION
;
# 
loop_
_struct_asym.id 
_struct_asym.pdbx_blank_PDB_chainid_flag 
_struct_asym.pdbx_modified 
_struct_asym.entity_id 
_struct_asym.details 
A N N 1 ? 
B N N 2 ? 
C N N 2 ? 
D N N 3 ? 
# 
_struct_ref.id                         1 
_struct_ref.db_name                    UNP 
_struct_ref.db_code                    Q978X0_THEVO 
_struct_ref.pdbx_db_accession          Q978X0 
_struct_ref.entity_id                  1 
_struct_ref.pdbx_seq_one_letter_code   
;MLRYGDTEICIDPSESVLHLLGKKYTMLIISVLGNGSTRQNFNDIRSSIPGISSTILSRRIKDLIDSGLVERRSGQITTY
ALTEKGMNVRNSLMPLLQYISVLDRNGD
;
_struct_ref.pdbx_align_begin           10 
_struct_ref.pdbx_db_isoform            ? 
# 
_struct_ref_seq.align_id                      1 
_struct_ref_seq.ref_id                        1 
_struct_ref_seq.pdbx_PDB_id_code              3DF8 
_struct_ref_seq.pdbx_strand_id                A 
_struct_ref_seq.seq_align_beg                 4 
_struct_ref_seq.pdbx_seq_align_beg_ins_code   ? 
_struct_ref_seq.seq_align_end                 111 
_struct_ref_seq.pdbx_seq_align_end_ins_code   ? 
_struct_ref_seq.pdbx_db_accession             Q978X0 
_struct_ref_seq.db_align_beg                  10 
_struct_ref_seq.pdbx_db_align_beg_ins_code    ? 
_struct_ref_seq.db_align_end                  117 
_struct_ref_seq.pdbx_db_align_end_ins_code    ? 
_struct_ref_seq.pdbx_auth_seq_align_beg       1 
_struct_ref_seq.pdbx_auth_seq_align_end       108 
# 
loop_
_struct_ref_seq_dif.align_id 
_struct_ref_seq_dif.pdbx_pdb_id_code 
_struct_ref_seq_dif.mon_id 
_struct_ref_seq_dif.pdbx_pdb_strand_id 
_struct_ref_seq_dif.seq_num 
_struct_ref_seq_dif.pdbx_pdb_ins_code 
_struct_ref_seq_dif.pdbx_seq_db_name 
_struct_ref_seq_dif.pdbx_seq_db_accession_code 
_struct_ref_seq_dif.db_mon_id 
_struct_ref_seq_dif.pdbx_seq_db_seq_num 
_struct_ref_seq_dif.details 
_struct_ref_seq_dif.pdbx_auth_seq_num 
_struct_ref_seq_dif.pdbx_ordinal 
1 3DF8 SER A 1 ? UNP Q978X0 ? ? 'expression tag' -2 1 
1 3DF8 ASN A 2 ? UNP Q978X0 ? ? 'expression tag' -1 2 
1 3DF8 ALA A 3 ? UNP Q978X0 ? ? 'expression tag' 0  3 
# 
_pdbx_struct_assembly.id                   1 
_pdbx_struct_assembly.details              software_defined_assembly 
_pdbx_struct_assembly.method_details       PISA 
_pdbx_struct_assembly.oligomeric_details   dimeric 
_pdbx_struct_assembly.oligomeric_count     2 
# 
loop_
_pdbx_struct_assembly_prop.biol_id 
_pdbx_struct_assembly_prop.type 
_pdbx_struct_assembly_prop.value 
_pdbx_struct_assembly_prop.details 
1 'ABSA (A^2)' 4010  ? 
1 MORE         -34   ? 
1 'SSA (A^2)'  11000 ? 
# 
_pdbx_struct_assembly_gen.assembly_id       1 
_pdbx_struct_assembly_gen.oper_expression   1,2 
_pdbx_struct_assembly_gen.asym_id_list      A,B,C,D 
# 
loop_
_pdbx_struct_oper_list.id 
_pdbx_struct_oper_list.type 
_pdbx_struct_oper_list.name 
_pdbx_struct_oper_list.symmetry_operation 
_pdbx_struct_oper_list.matrix[1][1] 
_pdbx_struct_oper_list.matrix[1][2] 
_pdbx_struct_oper_list.matrix[1][3] 
_pdbx_struct_oper_list.vector[1] 
_pdbx_struct_oper_list.matrix[2][1] 
_pdbx_struct_oper_list.matrix[2][2] 
_pdbx_struct_oper_list.matrix[2][3] 
_pdbx_struct_oper_list.vector[2] 
_pdbx_struct_oper_list.matrix[3][1] 
_pdbx_struct_oper_list.matrix[3][2] 
_pdbx_struct_oper_list.matrix[3][3] 
_pdbx_struct_oper_list.vector[3] 
1 'identity operation'         1_555 x,y,z   1.0000000000  0.0000000000  0.0000000000 0.0000000000  0.0000000000  1.0000000000 0.0000000000  0.0000000000 0.0000000000 0.0000000000  1.0000000000  0.0000000000   
2 'crystal symmetry operation' 2_555 -x,y,-z -0.9114028921 -0.4023655602 0.0862944045 13.3106611623 -0.4023655602 0.8273513421 -0.3919077860 0.5432662059 0.0862944045 -0.3919077860 -0.9159484500 -11.1327551034 
# 
_struct_biol.id        1 
_struct_biol.details   
;authors state that the biological unit is experimentally unknown.  The molecule is expected to form a dimer with its symmetry-related molecule (-x,1+y,-z).
;
# 
loop_
_struct_conf.conf_type_id 
_struct_conf.id 
_struct_conf.pdbx_PDB_helix_id 
_struct_conf.beg_label_comp_id 
_struct_conf.beg_label_asym_id 
_struct_conf.beg_label_seq_id 
_struct_conf.pdbx_beg_PDB_ins_code 
_struct_conf.end_label_comp_id 
_struct_conf.end_label_asym_id 
_struct_conf.end_label_seq_id 
_struct_conf.pdbx_end_PDB_ins_code 
_struct_conf.beg_auth_comp_id 
_struct_conf.beg_auth_asym_id 
_struct_conf.beg_auth_seq_id 
_struct_conf.end_auth_comp_id 
_struct_conf.end_auth_asym_id 
_struct_conf.end_auth_seq_id 
_struct_conf.pdbx_PDB_helix_class 
_struct_conf.details 
_struct_conf.pdbx_PDB_helix_length 
HELX_P HELX_P1 1 VAL A 20 ? LYS A 26  ? VAL A 17 LYS A 23  1 ? 7  
HELX_P HELX_P2 2 TYR A 28 ? GLY A 37  ? TYR A 25 GLY A 34  1 ? 10 
HELX_P HELX_P3 3 ASN A 44 ? SER A 51  ? ASN A 41 SER A 48  1 ? 8  
HELX_P HELX_P4 4 SER A 56 ? SER A 70  ? SER A 53 SER A 67  1 ? 15 
HELX_P HELX_P5 5 THR A 86 ? ASN A 109 ? THR A 83 ASN A 106 1 ? 24 
# 
_struct_conf_type.id          HELX_P 
_struct_conf_type.criteria    ? 
_struct_conf_type.reference   ? 
# 
loop_
_struct_conn.id 
_struct_conn.conn_type_id 
_struct_conn.pdbx_leaving_atom_flag 
_struct_conn.pdbx_PDB_id 
_struct_conn.ptnr1_label_asym_id 
_struct_conn.ptnr1_label_comp_id 
_struct_conn.ptnr1_label_seq_id 
_struct_conn.ptnr1_label_atom_id 
_struct_conn.pdbx_ptnr1_label_alt_id 
_struct_conn.pdbx_ptnr1_PDB_ins_code 
_struct_conn.pdbx_ptnr1_standard_comp_id 
_struct_conn.ptnr1_symmetry 
_struct_conn.ptnr2_label_asym_id 
_struct_conn.ptnr2_label_comp_id 
_struct_conn.ptnr2_label_seq_id 
_struct_conn.ptnr2_label_atom_id 
_struct_conn.pdbx_ptnr2_label_alt_id 
_struct_conn.pdbx_ptnr2_PDB_ins_code 
_struct_conn.ptnr1_auth_asym_id 
_struct_conn.ptnr1_auth_comp_id 
_struct_conn.ptnr1_auth_seq_id 
_struct_conn.ptnr2_auth_asym_id 
_struct_conn.ptnr2_auth_comp_id 
_struct_conn.ptnr2_auth_seq_id 
_struct_conn.ptnr2_symmetry 
_struct_conn.pdbx_ptnr3_label_atom_id 
_struct_conn.pdbx_ptnr3_label_seq_id 
_struct_conn.pdbx_ptnr3_label_comp_id 
_struct_conn.pdbx_ptnr3_label_asym_id 
_struct_conn.pdbx_ptnr3_label_alt_id 
_struct_conn.pdbx_ptnr3_PDB_ins_code 
_struct_conn.details 
_struct_conn.pdbx_dist_value 
_struct_conn.pdbx_value_order 
_struct_conn.pdbx_role 
covale1 covale both ? A ALA 3  C ? ? ? 1_555 A MSE 4  N ? ? A ALA 0  A MSE 1  1_555 ? ? ? ? ? ? ? 1.336 ? ? 
covale2 covale both ? A MSE 4  C ? ? ? 1_555 A LEU 5  N ? ? A MSE 1  A LEU 2  1_555 ? ? ? ? ? ? ? 1.327 ? ? 
covale3 covale both ? A THR 29 C ? ? ? 1_555 A MSE 30 N ? ? A THR 26 A MSE 27 1_555 ? ? ? ? ? ? ? 1.333 ? ? 
covale4 covale both ? A MSE 30 C ? ? ? 1_555 A LEU 31 N ? ? A MSE 27 A LEU 28 1_555 ? ? ? ? ? ? ? 1.324 ? ? 
covale5 covale both ? A GLY 89 C ? ? ? 1_555 A MSE 90 N ? ? A GLY 86 A MSE 87 1_555 ? ? ? ? ? ? ? 1.330 ? ? 
covale6 covale both ? A MSE 90 C ? ? ? 1_555 A ASN 91 N ? ? A MSE 87 A ASN 88 1_555 ? ? ? ? ? ? ? 1.325 ? ? 
covale7 covale both ? A LEU 96 C ? ? ? 1_555 A MSE 97 N ? ? A LEU 93 A MSE 94 1_555 ? ? ? ? ? ? ? 1.341 ? ? 
covale8 covale both ? A MSE 97 C ? ? ? 1_555 A PRO 98 N ? ? A MSE 94 A PRO 95 1_555 ? ? ? ? ? ? ? 1.350 ? ? 
# 
_struct_conn_type.id          covale 
_struct_conn_type.criteria    ? 
_struct_conn_type.reference   ? 
# 
loop_
_pdbx_modification_feature.ordinal 
_pdbx_modification_feature.label_comp_id 
_pdbx_modification_feature.label_asym_id 
_pdbx_modification_feature.label_seq_id 
_pdbx_modification_feature.label_alt_id 
_pdbx_modification_feature.modified_residue_label_comp_id 
_pdbx_modification_feature.modified_residue_label_asym_id 
_pdbx_modification_feature.modified_residue_label_seq_id 
_pdbx_modification_feature.modified_residue_label_alt_id 
_pdbx_modification_feature.auth_comp_id 
_pdbx_modification_feature.auth_asym_id 
_pdbx_modification_feature.auth_seq_id 
_pdbx_modification_feature.PDB_ins_code 
_pdbx_modification_feature.symmetry 
_pdbx_modification_feature.modified_residue_auth_comp_id 
_pdbx_modification_feature.modified_residue_auth_asym_id 
_pdbx_modification_feature.modified_residue_auth_seq_id 
_pdbx_modification_feature.modified_residue_PDB_ins_code 
_pdbx_modification_feature.modified_residue_symmetry 
_pdbx_modification_feature.comp_id_linking_atom 
_pdbx_modification_feature.modified_residue_id_linking_atom 
_pdbx_modification_feature.modified_residue_id 
_pdbx_modification_feature.ref_pcm_id 
_pdbx_modification_feature.ref_comp_id 
_pdbx_modification_feature.type 
_pdbx_modification_feature.category 
1 MSE A 4  ? . . . . MSE A 1  ? 1_555 . . . . . . . MET 1 MSE Selenomethionine 'Named protein modification' 
2 MSE A 30 ? . . . . MSE A 27 ? 1_555 . . . . . . . MET 1 MSE Selenomethionine 'Named protein modification' 
3 MSE A 90 ? . . . . MSE A 87 ? 1_555 . . . . . . . MET 1 MSE Selenomethionine 'Named protein modification' 
4 MSE A 97 ? . . . . MSE A 94 ? 1_555 . . . . . . . MET 1 MSE Selenomethionine 'Named protein modification' 
# 
loop_
_struct_sheet.id 
_struct_sheet.type 
_struct_sheet.number_strands 
_struct_sheet.details 
A ? 2 ? 
B ? 2 ? 
# 
loop_
_struct_sheet_order.sheet_id 
_struct_sheet_order.range_id_1 
_struct_sheet_order.range_id_2 
_struct_sheet_order.offset 
_struct_sheet_order.sense 
A 1 2 ? anti-parallel 
B 1 2 ? anti-parallel 
# 
loop_
_struct_sheet_range.sheet_id 
_struct_sheet_range.id 
_struct_sheet_range.beg_label_comp_id 
_struct_sheet_range.beg_label_asym_id 
_struct_sheet_range.beg_label_seq_id 
_struct_sheet_range.pdbx_beg_PDB_ins_code 
_struct_sheet_range.end_label_comp_id 
_struct_sheet_range.end_label_asym_id 
_struct_sheet_range.end_label_seq_id 
_struct_sheet_range.pdbx_end_PDB_ins_code 
_struct_sheet_range.beg_auth_comp_id 
_struct_sheet_range.beg_auth_asym_id 
_struct_sheet_range.beg_auth_seq_id 
_struct_sheet_range.end_auth_comp_id 
_struct_sheet_range.end_auth_asym_id 
_struct_sheet_range.end_auth_seq_id 
A 1 ALA A 3  ? TYR A 7  ? ALA A 0  TYR A 4  
A 2 THR A 10 ? ILE A 14 ? THR A 7  ILE A 11 
B 1 VAL A 73 ? SER A 77 ? VAL A 70 SER A 74 
B 2 THR A 81 ? LEU A 85 ? THR A 78 LEU A 82 
# 
loop_
_pdbx_struct_sheet_hbond.sheet_id 
_pdbx_struct_sheet_hbond.range_id_1 
_pdbx_struct_sheet_hbond.range_id_2 
_pdbx_struct_sheet_hbond.range_1_label_atom_id 
_pdbx_struct_sheet_hbond.range_1_label_comp_id 
_pdbx_struct_sheet_hbond.range_1_label_asym_id 
_pdbx_struct_sheet_hbond.range_1_label_seq_id 
_pdbx_struct_sheet_hbond.range_1_PDB_ins_code 
_pdbx_struct_sheet_hbond.range_1_auth_atom_id 
_pdbx_struct_sheet_hbond.range_1_auth_comp_id 
_pdbx_struct_sheet_hbond.range_1_auth_asym_id 
_pdbx_struct_sheet_hbond.range_1_auth_seq_id 
_pdbx_struct_sheet_hbond.range_2_label_atom_id 
_pdbx_struct_sheet_hbond.range_2_label_comp_id 
_pdbx_struct_sheet_hbond.range_2_label_asym_id 
_pdbx_struct_sheet_hbond.range_2_label_seq_id 
_pdbx_struct_sheet_hbond.range_2_PDB_ins_code 
_pdbx_struct_sheet_hbond.range_2_auth_atom_id 
_pdbx_struct_sheet_hbond.range_2_auth_comp_id 
_pdbx_struct_sheet_hbond.range_2_auth_asym_id 
_pdbx_struct_sheet_hbond.range_2_auth_seq_id 
A 1 2 N ALA A 3  ? N ALA A 0  O ILE A 14 ? O ILE A 11 
B 1 2 N ARG A 76 ? N ARG A 73 O THR A 82 ? O THR A 79 
# 
loop_
_struct_site.id 
_struct_site.pdbx_evidence_code 
_struct_site.pdbx_auth_asym_id 
_struct_site.pdbx_auth_comp_id 
_struct_site.pdbx_auth_seq_id 
_struct_site.pdbx_auth_ins_code 
_struct_site.pdbx_num_residues 
_struct_site.details 
AC1 Software A ACT 109 ? 8 'BINDING SITE FOR RESIDUE ACT A 109' 
AC2 Software A ACT 110 ? 5 'BINDING SITE FOR RESIDUE ACT A 110' 
# 
loop_
_struct_site_gen.id 
_struct_site_gen.site_id 
_struct_site_gen.pdbx_num_res 
_struct_site_gen.label_comp_id 
_struct_site_gen.label_asym_id 
_struct_site_gen.label_seq_id 
_struct_site_gen.pdbx_auth_ins_code 
_struct_site_gen.auth_comp_id 
_struct_site_gen.auth_asym_id 
_struct_site_gen.auth_seq_id 
_struct_site_gen.label_atom_id 
_struct_site_gen.label_alt_id 
_struct_site_gen.symmetry 
_struct_site_gen.details 
1  AC1 8 ARG A 6  ? ARG A 3   . ? 1_555 ? 
2  AC1 8 TYR A 7  ? TYR A 4   . ? 1_555 ? 
3  AC1 8 GLY A 8  ? GLY A 5   . ? 1_555 ? 
4  AC1 8 ARG A 49 ? ARG A 46  . ? 3_556 ? 
5  AC1 8 SER A 57 ? SER A 54  . ? 3_556 ? 
6  AC1 8 ARG A 93 ? ARG A 90  . ? 2_555 ? 
7  AC1 8 HOH D .  ? HOH A 123 . ? 2_555 ? 
8  AC1 8 HOH D .  ? HOH A 135 . ? 2_555 ? 
9  AC2 5 PRO A 16 ? PRO A 13  . ? 2_555 ? 
10 AC2 5 HIS A 22 ? HIS A 19  . ? 2_555 ? 
11 AC2 5 LYS A 27 ? LYS A 24  . ? 1_555 ? 
12 AC2 5 TYR A 28 ? TYR A 25  . ? 1_555 ? 
13 AC2 5 HOH D .  ? HOH A 111 . ? 1_555 ? 
# 
_pdbx_entry_details.entry_id                   3DF8 
_pdbx_entry_details.compound_details           ? 
_pdbx_entry_details.source_details             ? 
_pdbx_entry_details.nonpolymer_details         ? 
_pdbx_entry_details.sequence_details           ? 
_pdbx_entry_details.has_ligand_of_interest     ? 
_pdbx_entry_details.has_protein_modification   Y 
# 
_pdbx_validate_torsion.id              1 
_pdbx_validate_torsion.PDB_model_num   1 
_pdbx_validate_torsion.auth_comp_id    TYR 
_pdbx_validate_torsion.auth_asym_id    A 
_pdbx_validate_torsion.auth_seq_id     25 
_pdbx_validate_torsion.PDB_ins_code    ? 
_pdbx_validate_torsion.label_alt_id    ? 
_pdbx_validate_torsion.phi             83.00 
_pdbx_validate_torsion.psi             -15.88 
# 
_pdbx_SG_project.id                    1 
_pdbx_SG_project.project_name          'PSI, Protein Structure Initiative' 
_pdbx_SG_project.full_name_of_center   'Midwest Center for Structural Genomics' 
_pdbx_SG_project.initial_of_center     MCSG 
# 
loop_
_pdbx_struct_mod_residue.id 
_pdbx_struct_mod_residue.label_asym_id 
_pdbx_struct_mod_residue.label_comp_id 
_pdbx_struct_mod_residue.label_seq_id 
_pdbx_struct_mod_residue.auth_asym_id 
_pdbx_struct_mod_residue.auth_comp_id 
_pdbx_struct_mod_residue.auth_seq_id 
_pdbx_struct_mod_residue.PDB_ins_code 
_pdbx_struct_mod_residue.parent_comp_id 
_pdbx_struct_mod_residue.details 
1 A MSE 4  A MSE 1  ? MET SELENOMETHIONINE 
2 A MSE 30 A MSE 27 ? MET SELENOMETHIONINE 
3 A MSE 90 A MSE 87 ? MET SELENOMETHIONINE 
4 A MSE 97 A MSE 94 ? MET SELENOMETHIONINE 
# 
_pdbx_struct_special_symmetry.id              1 
_pdbx_struct_special_symmetry.PDB_model_num   1 
_pdbx_struct_special_symmetry.auth_asym_id    A 
_pdbx_struct_special_symmetry.auth_comp_id    HOH 
_pdbx_struct_special_symmetry.auth_seq_id     126 
_pdbx_struct_special_symmetry.PDB_ins_code    ? 
_pdbx_struct_special_symmetry.label_asym_id   D 
_pdbx_struct_special_symmetry.label_comp_id   HOH 
_pdbx_struct_special_symmetry.label_seq_id    . 
# 
loop_
_pdbx_refine_tls.id 
_pdbx_refine_tls.details 
_pdbx_refine_tls.method 
_pdbx_refine_tls.origin_x 
_pdbx_refine_tls.origin_y 
_pdbx_refine_tls.origin_z 
_pdbx_refine_tls.T[1][1] 
_pdbx_refine_tls.T[2][2] 
_pdbx_refine_tls.T[3][3] 
_pdbx_refine_tls.T[1][2] 
_pdbx_refine_tls.T[1][3] 
_pdbx_refine_tls.T[2][3] 
_pdbx_refine_tls.L[1][1] 
_pdbx_refine_tls.L[2][2] 
_pdbx_refine_tls.L[3][3] 
_pdbx_refine_tls.L[1][2] 
_pdbx_refine_tls.L[1][3] 
_pdbx_refine_tls.L[2][3] 
_pdbx_refine_tls.S[1][1] 
_pdbx_refine_tls.S[1][2] 
_pdbx_refine_tls.S[1][3] 
_pdbx_refine_tls.S[2][1] 
_pdbx_refine_tls.S[2][2] 
_pdbx_refine_tls.S[2][3] 
_pdbx_refine_tls.S[3][1] 
_pdbx_refine_tls.S[3][2] 
_pdbx_refine_tls.S[3][3] 
_pdbx_refine_tls.pdbx_refine_id 
1 ? refined 18.5369 8.3698  -0.5225 0.0010  -0.0212 -0.0570 -0.0812 0.0093  -0.0472 3.7678  11.4734 7.7208  -1.7658 1.7726  -5.0214 0.3682  -0.7048 -0.0316 0.7805  -0.0942 0.1107  -0.1980 0.4914  -0.2740 'X-RAY DIFFRACTION' 
2 ? refined 7.5405  -3.6725 0.8904  -0.0834 -0.1369 -0.0993 0.0246  0.0137  0.0159  31.9878 29.0489 7.7089  24.8170 15.6706 12.7177 -0.1618 0.0644  -1.0624 -0.1376 0.2990  -0.6342 0.1072  0.4098  -0.1371 'X-RAY DIFFRACTION' 
3 ? refined -4.0449 -1.5518 -2.4683 -0.1104 -0.1901 -0.1888 -0.0097 -0.0315 -0.0104 13.8968 5.5407  5.9325  -3.2525 -3.2536 -0.2757 0.1573  0.3954  0.0444  -0.0787 -0.0979 -0.0088 0.0903  -0.2563 -0.0595 'X-RAY DIFFRACTION' 
4 ? refined -8.0937 -4.6830 5.2206  -0.1097 -0.1806 -0.1376 -0.0124 -0.0281 -0.0062 2.8206  1.9644  3.9583  0.5405  -2.2321 0.4207  -0.0283 0.0949  -0.2086 -0.0563 -0.0857 0.0491  0.1769  -0.3143 0.1139  'X-RAY DIFFRACTION' 
5 ? refined 0.3289  5.0609  -9.1105 -0.1061 -0.1371 -0.1043 0.0536  -0.0207 0.0327  2.7007  1.7373  11.3821 -0.3513 -2.5722 1.5879  0.1781  0.4641  0.1409  -0.0739 -0.1665 0.1030  -0.3305 -0.4158 -0.0116 'X-RAY DIFFRACTION' 
# 
loop_
_pdbx_refine_tls_group.id 
_pdbx_refine_tls_group.refine_tls_id 
_pdbx_refine_tls_group.beg_auth_asym_id 
_pdbx_refine_tls_group.beg_auth_seq_id 
_pdbx_refine_tls_group.beg_label_asym_id 
_pdbx_refine_tls_group.beg_label_seq_id 
_pdbx_refine_tls_group.end_auth_asym_id 
_pdbx_refine_tls_group.end_auth_seq_id 
_pdbx_refine_tls_group.end_label_asym_id 
_pdbx_refine_tls_group.end_label_seq_id 
_pdbx_refine_tls_group.selection 
_pdbx_refine_tls_group.pdbx_refine_id 
_pdbx_refine_tls_group.selection_details 
1 1 A -2 A 1  A 15  A 18  ? 'X-RAY DIFFRACTION' ? 
2 2 A 16 A 19 A 24  A 27  ? 'X-RAY DIFFRACTION' ? 
3 3 A 25 A 28 A 35  A 38  ? 'X-RAY DIFFRACTION' ? 
4 4 A 36 A 39 A 83  A 86  ? 'X-RAY DIFFRACTION' ? 
5 5 A 84 A 87 A 106 A 109 ? 'X-RAY DIFFRACTION' ? 
# 
loop_
_pdbx_unobs_or_zero_occ_residues.id 
_pdbx_unobs_or_zero_occ_residues.PDB_model_num 
_pdbx_unobs_or_zero_occ_residues.polymer_flag 
_pdbx_unobs_or_zero_occ_residues.occupancy_flag 
_pdbx_unobs_or_zero_occ_residues.auth_asym_id 
_pdbx_unobs_or_zero_occ_residues.auth_comp_id 
_pdbx_unobs_or_zero_occ_residues.auth_seq_id 
_pdbx_unobs_or_zero_occ_residues.PDB_ins_code 
_pdbx_unobs_or_zero_occ_residues.label_asym_id 
_pdbx_unobs_or_zero_occ_residues.label_comp_id 
_pdbx_unobs_or_zero_occ_residues.label_seq_id 
1 1 Y 1 A GLY 107 ? A GLY 110 
2 1 Y 1 A ASP 108 ? A ASP 111 
# 
loop_
_chem_comp_atom.comp_id 
_chem_comp_atom.atom_id 
_chem_comp_atom.type_symbol 
_chem_comp_atom.pdbx_aromatic_flag 
_chem_comp_atom.pdbx_stereo_config 
_chem_comp_atom.pdbx_ordinal 
ACT C    C  N N 1   
ACT O    O  N N 2   
ACT OXT  O  N N 3   
ACT CH3  C  N N 4   
ACT H1   H  N N 5   
ACT H2   H  N N 6   
ACT H3   H  N N 7   
ALA N    N  N N 8   
ALA CA   C  N S 9   
ALA C    C  N N 10  
ALA O    O  N N 11  
ALA CB   C  N N 12  
ALA OXT  O  N N 13  
ALA H    H  N N 14  
ALA H2   H  N N 15  
ALA HA   H  N N 16  
ALA HB1  H  N N 17  
ALA HB2  H  N N 18  
ALA HB3  H  N N 19  
ALA HXT  H  N N 20  
ARG N    N  N N 21  
ARG CA   C  N S 22  
ARG C    C  N N 23  
ARG O    O  N N 24  
ARG CB   C  N N 25  
ARG CG   C  N N 26  
ARG CD   C  N N 27  
ARG NE   N  N N 28  
ARG CZ   C  N N 29  
ARG NH1  N  N N 30  
ARG NH2  N  N N 31  
ARG OXT  O  N N 32  
ARG H    H  N N 33  
ARG H2   H  N N 34  
ARG HA   H  N N 35  
ARG HB2  H  N N 36  
ARG HB3  H  N N 37  
ARG HG2  H  N N 38  
ARG HG3  H  N N 39  
ARG HD2  H  N N 40  
ARG HD3  H  N N 41  
ARG HE   H  N N 42  
ARG HH11 H  N N 43  
ARG HH12 H  N N 44  
ARG HH21 H  N N 45  
ARG HH22 H  N N 46  
ARG HXT  H  N N 47  
ASN N    N  N N 48  
ASN CA   C  N S 49  
ASN C    C  N N 50  
ASN O    O  N N 51  
ASN CB   C  N N 52  
ASN CG   C  N N 53  
ASN OD1  O  N N 54  
ASN ND2  N  N N 55  
ASN OXT  O  N N 56  
ASN H    H  N N 57  
ASN H2   H  N N 58  
ASN HA   H  N N 59  
ASN HB2  H  N N 60  
ASN HB3  H  N N 61  
ASN HD21 H  N N 62  
ASN HD22 H  N N 63  
ASN HXT  H  N N 64  
ASP N    N  N N 65  
ASP CA   C  N S 66  
ASP C    C  N N 67  
ASP O    O  N N 68  
ASP CB   C  N N 69  
ASP CG   C  N N 70  
ASP OD1  O  N N 71  
ASP OD2  O  N N 72  
ASP OXT  O  N N 73  
ASP H    H  N N 74  
ASP H2   H  N N 75  
ASP HA   H  N N 76  
ASP HB2  H  N N 77  
ASP HB3  H  N N 78  
ASP HD2  H  N N 79  
ASP HXT  H  N N 80  
CYS N    N  N N 81  
CYS CA   C  N R 82  
CYS C    C  N N 83  
CYS O    O  N N 84  
CYS CB   C  N N 85  
CYS SG   S  N N 86  
CYS OXT  O  N N 87  
CYS H    H  N N 88  
CYS H2   H  N N 89  
CYS HA   H  N N 90  
CYS HB2  H  N N 91  
CYS HB3  H  N N 92  
CYS HG   H  N N 93  
CYS HXT  H  N N 94  
GLN N    N  N N 95  
GLN CA   C  N S 96  
GLN C    C  N N 97  
GLN O    O  N N 98  
GLN CB   C  N N 99  
GLN CG   C  N N 100 
GLN CD   C  N N 101 
GLN OE1  O  N N 102 
GLN NE2  N  N N 103 
GLN OXT  O  N N 104 
GLN H    H  N N 105 
GLN H2   H  N N 106 
GLN HA   H  N N 107 
GLN HB2  H  N N 108 
GLN HB3  H  N N 109 
GLN HG2  H  N N 110 
GLN HG3  H  N N 111 
GLN HE21 H  N N 112 
GLN HE22 H  N N 113 
GLN HXT  H  N N 114 
GLU N    N  N N 115 
GLU CA   C  N S 116 
GLU C    C  N N 117 
GLU O    O  N N 118 
GLU CB   C  N N 119 
GLU CG   C  N N 120 
GLU CD   C  N N 121 
GLU OE1  O  N N 122 
GLU OE2  O  N N 123 
GLU OXT  O  N N 124 
GLU H    H  N N 125 
GLU H2   H  N N 126 
GLU HA   H  N N 127 
GLU HB2  H  N N 128 
GLU HB3  H  N N 129 
GLU HG2  H  N N 130 
GLU HG3  H  N N 131 
GLU HE2  H  N N 132 
GLU HXT  H  N N 133 
GLY N    N  N N 134 
GLY CA   C  N N 135 
GLY C    C  N N 136 
GLY O    O  N N 137 
GLY OXT  O  N N 138 
GLY H    H  N N 139 
GLY H2   H  N N 140 
GLY HA2  H  N N 141 
GLY HA3  H  N N 142 
GLY HXT  H  N N 143 
HIS N    N  N N 144 
HIS CA   C  N S 145 
HIS C    C  N N 146 
HIS O    O  N N 147 
HIS CB   C  N N 148 
HIS CG   C  Y N 149 
HIS ND1  N  Y N 150 
HIS CD2  C  Y N 151 
HIS CE1  C  Y N 152 
HIS NE2  N  Y N 153 
HIS OXT  O  N N 154 
HIS H    H  N N 155 
HIS H2   H  N N 156 
HIS HA   H  N N 157 
HIS HB2  H  N N 158 
HIS HB3  H  N N 159 
HIS HD1  H  N N 160 
HIS HD2  H  N N 161 
HIS HE1  H  N N 162 
HIS HE2  H  N N 163 
HIS HXT  H  N N 164 
HOH O    O  N N 165 
HOH H1   H  N N 166 
HOH H2   H  N N 167 
ILE N    N  N N 168 
ILE CA   C  N S 169 
ILE C    C  N N 170 
ILE O    O  N N 171 
ILE CB   C  N S 172 
ILE CG1  C  N N 173 
ILE CG2  C  N N 174 
ILE CD1  C  N N 175 
ILE OXT  O  N N 176 
ILE H    H  N N 177 
ILE H2   H  N N 178 
ILE HA   H  N N 179 
ILE HB   H  N N 180 
ILE HG12 H  N N 181 
ILE HG13 H  N N 182 
ILE HG21 H  N N 183 
ILE HG22 H  N N 184 
ILE HG23 H  N N 185 
ILE HD11 H  N N 186 
ILE HD12 H  N N 187 
ILE HD13 H  N N 188 
ILE HXT  H  N N 189 
LEU N    N  N N 190 
LEU CA   C  N S 191 
LEU C    C  N N 192 
LEU O    O  N N 193 
LEU CB   C  N N 194 
LEU CG   C  N N 195 
LEU CD1  C  N N 196 
LEU CD2  C  N N 197 
LEU OXT  O  N N 198 
LEU H    H  N N 199 
LEU H2   H  N N 200 
LEU HA   H  N N 201 
LEU HB2  H  N N 202 
LEU HB3  H  N N 203 
LEU HG   H  N N 204 
LEU HD11 H  N N 205 
LEU HD12 H  N N 206 
LEU HD13 H  N N 207 
LEU HD21 H  N N 208 
LEU HD22 H  N N 209 
LEU HD23 H  N N 210 
LEU HXT  H  N N 211 
LYS N    N  N N 212 
LYS CA   C  N S 213 
LYS C    C  N N 214 
LYS O    O  N N 215 
LYS CB   C  N N 216 
LYS CG   C  N N 217 
LYS CD   C  N N 218 
LYS CE   C  N N 219 
LYS NZ   N  N N 220 
LYS OXT  O  N N 221 
LYS H    H  N N 222 
LYS H2   H  N N 223 
LYS HA   H  N N 224 
LYS HB2  H  N N 225 
LYS HB3  H  N N 226 
LYS HG2  H  N N 227 
LYS HG3  H  N N 228 
LYS HD2  H  N N 229 
LYS HD3  H  N N 230 
LYS HE2  H  N N 231 
LYS HE3  H  N N 232 
LYS HZ1  H  N N 233 
LYS HZ2  H  N N 234 
LYS HZ3  H  N N 235 
LYS HXT  H  N N 236 
MSE N    N  N N 237 
MSE CA   C  N S 238 
MSE C    C  N N 239 
MSE O    O  N N 240 
MSE OXT  O  N N 241 
MSE CB   C  N N 242 
MSE CG   C  N N 243 
MSE SE   SE N N 244 
MSE CE   C  N N 245 
MSE H    H  N N 246 
MSE H2   H  N N 247 
MSE HA   H  N N 248 
MSE HXT  H  N N 249 
MSE HB2  H  N N 250 
MSE HB3  H  N N 251 
MSE HG2  H  N N 252 
MSE HG3  H  N N 253 
MSE HE1  H  N N 254 
MSE HE2  H  N N 255 
MSE HE3  H  N N 256 
PHE N    N  N N 257 
PHE CA   C  N S 258 
PHE C    C  N N 259 
PHE O    O  N N 260 
PHE CB   C  N N 261 
PHE CG   C  Y N 262 
PHE CD1  C  Y N 263 
PHE CD2  C  Y N 264 
PHE CE1  C  Y N 265 
PHE CE2  C  Y N 266 
PHE CZ   C  Y N 267 
PHE OXT  O  N N 268 
PHE H    H  N N 269 
PHE H2   H  N N 270 
PHE HA   H  N N 271 
PHE HB2  H  N N 272 
PHE HB3  H  N N 273 
PHE HD1  H  N N 274 
PHE HD2  H  N N 275 
PHE HE1  H  N N 276 
PHE HE2  H  N N 277 
PHE HZ   H  N N 278 
PHE HXT  H  N N 279 
PRO N    N  N N 280 
PRO CA   C  N S 281 
PRO C    C  N N 282 
PRO O    O  N N 283 
PRO CB   C  N N 284 
PRO CG   C  N N 285 
PRO CD   C  N N 286 
PRO OXT  O  N N 287 
PRO H    H  N N 288 
PRO HA   H  N N 289 
PRO HB2  H  N N 290 
PRO HB3  H  N N 291 
PRO HG2  H  N N 292 
PRO HG3  H  N N 293 
PRO HD2  H  N N 294 
PRO HD3  H  N N 295 
PRO HXT  H  N N 296 
SER N    N  N N 297 
SER CA   C  N S 298 
SER C    C  N N 299 
SER O    O  N N 300 
SER CB   C  N N 301 
SER OG   O  N N 302 
SER OXT  O  N N 303 
SER H    H  N N 304 
SER H2   H  N N 305 
SER HA   H  N N 306 
SER HB2  H  N N 307 
SER HB3  H  N N 308 
SER HG   H  N N 309 
SER HXT  H  N N 310 
THR N    N  N N 311 
THR CA   C  N S 312 
THR C    C  N N 313 
THR O    O  N N 314 
THR CB   C  N R 315 
THR OG1  O  N N 316 
THR CG2  C  N N 317 
THR OXT  O  N N 318 
THR H    H  N N 319 
THR H2   H  N N 320 
THR HA   H  N N 321 
THR HB   H  N N 322 
THR HG1  H  N N 323 
THR HG21 H  N N 324 
THR HG22 H  N N 325 
THR HG23 H  N N 326 
THR HXT  H  N N 327 
TYR N    N  N N 328 
TYR CA   C  N S 329 
TYR C    C  N N 330 
TYR O    O  N N 331 
TYR CB   C  N N 332 
TYR CG   C  Y N 333 
TYR CD1  C  Y N 334 
TYR CD2  C  Y N 335 
TYR CE1  C  Y N 336 
TYR CE2  C  Y N 337 
TYR CZ   C  Y N 338 
TYR OH   O  N N 339 
TYR OXT  O  N N 340 
TYR H    H  N N 341 
TYR H2   H  N N 342 
TYR HA   H  N N 343 
TYR HB2  H  N N 344 
TYR HB3  H  N N 345 
TYR HD1  H  N N 346 
TYR HD2  H  N N 347 
TYR HE1  H  N N 348 
TYR HE2  H  N N 349 
TYR HH   H  N N 350 
TYR HXT  H  N N 351 
VAL N    N  N N 352 
VAL CA   C  N S 353 
VAL C    C  N N 354 
VAL O    O  N N 355 
VAL CB   C  N N 356 
VAL CG1  C  N N 357 
VAL CG2  C  N N 358 
VAL OXT  O  N N 359 
VAL H    H  N N 360 
VAL H2   H  N N 361 
VAL HA   H  N N 362 
VAL HB   H  N N 363 
VAL HG11 H  N N 364 
VAL HG12 H  N N 365 
VAL HG13 H  N N 366 
VAL HG21 H  N N 367 
VAL HG22 H  N N 368 
VAL HG23 H  N N 369 
VAL HXT  H  N N 370 
# 
loop_
_chem_comp_bond.comp_id 
_chem_comp_bond.atom_id_1 
_chem_comp_bond.atom_id_2 
_chem_comp_bond.value_order 
_chem_comp_bond.pdbx_aromatic_flag 
_chem_comp_bond.pdbx_stereo_config 
_chem_comp_bond.pdbx_ordinal 
ACT C   O    doub N N 1   
ACT C   OXT  sing N N 2   
ACT C   CH3  sing N N 3   
ACT CH3 H1   sing N N 4   
ACT CH3 H2   sing N N 5   
ACT CH3 H3   sing N N 6   
ALA N   CA   sing N N 7   
ALA N   H    sing N N 8   
ALA N   H2   sing N N 9   
ALA CA  C    sing N N 10  
ALA CA  CB   sing N N 11  
ALA CA  HA   sing N N 12  
ALA C   O    doub N N 13  
ALA C   OXT  sing N N 14  
ALA CB  HB1  sing N N 15  
ALA CB  HB2  sing N N 16  
ALA CB  HB3  sing N N 17  
ALA OXT HXT  sing N N 18  
ARG N   CA   sing N N 19  
ARG N   H    sing N N 20  
ARG N   H2   sing N N 21  
ARG CA  C    sing N N 22  
ARG CA  CB   sing N N 23  
ARG CA  HA   sing N N 24  
ARG C   O    doub N N 25  
ARG C   OXT  sing N N 26  
ARG CB  CG   sing N N 27  
ARG CB  HB2  sing N N 28  
ARG CB  HB3  sing N N 29  
ARG CG  CD   sing N N 30  
ARG CG  HG2  sing N N 31  
ARG CG  HG3  sing N N 32  
ARG CD  NE   sing N N 33  
ARG CD  HD2  sing N N 34  
ARG CD  HD3  sing N N 35  
ARG NE  CZ   sing N N 36  
ARG NE  HE   sing N N 37  
ARG CZ  NH1  sing N N 38  
ARG CZ  NH2  doub N N 39  
ARG NH1 HH11 sing N N 40  
ARG NH1 HH12 sing N N 41  
ARG NH2 HH21 sing N N 42  
ARG NH2 HH22 sing N N 43  
ARG OXT HXT  sing N N 44  
ASN N   CA   sing N N 45  
ASN N   H    sing N N 46  
ASN N   H2   sing N N 47  
ASN CA  C    sing N N 48  
ASN CA  CB   sing N N 49  
ASN CA  HA   sing N N 50  
ASN C   O    doub N N 51  
ASN C   OXT  sing N N 52  
ASN CB  CG   sing N N 53  
ASN CB  HB2  sing N N 54  
ASN CB  HB3  sing N N 55  
ASN CG  OD1  doub N N 56  
ASN CG  ND2  sing N N 57  
ASN ND2 HD21 sing N N 58  
ASN ND2 HD22 sing N N 59  
ASN OXT HXT  sing N N 60  
ASP N   CA   sing N N 61  
ASP N   H    sing N N 62  
ASP N   H2   sing N N 63  
ASP CA  C    sing N N 64  
ASP CA  CB   sing N N 65  
ASP CA  HA   sing N N 66  
ASP C   O    doub N N 67  
ASP C   OXT  sing N N 68  
ASP CB  CG   sing N N 69  
ASP CB  HB2  sing N N 70  
ASP CB  HB3  sing N N 71  
ASP CG  OD1  doub N N 72  
ASP CG  OD2  sing N N 73  
ASP OD2 HD2  sing N N 74  
ASP OXT HXT  sing N N 75  
CYS N   CA   sing N N 76  
CYS N   H    sing N N 77  
CYS N   H2   sing N N 78  
CYS CA  C    sing N N 79  
CYS CA  CB   sing N N 80  
CYS CA  HA   sing N N 81  
CYS C   O    doub N N 82  
CYS C   OXT  sing N N 83  
CYS CB  SG   sing N N 84  
CYS CB  HB2  sing N N 85  
CYS CB  HB3  sing N N 86  
CYS SG  HG   sing N N 87  
CYS OXT HXT  sing N N 88  
GLN N   CA   sing N N 89  
GLN N   H    sing N N 90  
GLN N   H2   sing N N 91  
GLN CA  C    sing N N 92  
GLN CA  CB   sing N N 93  
GLN CA  HA   sing N N 94  
GLN C   O    doub N N 95  
GLN C   OXT  sing N N 96  
GLN CB  CG   sing N N 97  
GLN CB  HB2  sing N N 98  
GLN CB  HB3  sing N N 99  
GLN CG  CD   sing N N 100 
GLN CG  HG2  sing N N 101 
GLN CG  HG3  sing N N 102 
GLN CD  OE1  doub N N 103 
GLN CD  NE2  sing N N 104 
GLN NE2 HE21 sing N N 105 
GLN NE2 HE22 sing N N 106 
GLN OXT HXT  sing N N 107 
GLU N   CA   sing N N 108 
GLU N   H    sing N N 109 
GLU N   H2   sing N N 110 
GLU CA  C    sing N N 111 
GLU CA  CB   sing N N 112 
GLU CA  HA   sing N N 113 
GLU C   O    doub N N 114 
GLU C   OXT  sing N N 115 
GLU CB  CG   sing N N 116 
GLU CB  HB2  sing N N 117 
GLU CB  HB3  sing N N 118 
GLU CG  CD   sing N N 119 
GLU CG  HG2  sing N N 120 
GLU CG  HG3  sing N N 121 
GLU CD  OE1  doub N N 122 
GLU CD  OE2  sing N N 123 
GLU OE2 HE2  sing N N 124 
GLU OXT HXT  sing N N 125 
GLY N   CA   sing N N 126 
GLY N   H    sing N N 127 
GLY N   H2   sing N N 128 
GLY CA  C    sing N N 129 
GLY CA  HA2  sing N N 130 
GLY CA  HA3  sing N N 131 
GLY C   O    doub N N 132 
GLY C   OXT  sing N N 133 
GLY OXT HXT  sing N N 134 
HIS N   CA   sing N N 135 
HIS N   H    sing N N 136 
HIS N   H2   sing N N 137 
HIS CA  C    sing N N 138 
HIS CA  CB   sing N N 139 
HIS CA  HA   sing N N 140 
HIS C   O    doub N N 141 
HIS C   OXT  sing N N 142 
HIS CB  CG   sing N N 143 
HIS CB  HB2  sing N N 144 
HIS CB  HB3  sing N N 145 
HIS CG  ND1  sing Y N 146 
HIS CG  CD2  doub Y N 147 
HIS ND1 CE1  doub Y N 148 
HIS ND1 HD1  sing N N 149 
HIS CD2 NE2  sing Y N 150 
HIS CD2 HD2  sing N N 151 
HIS CE1 NE2  sing Y N 152 
HIS CE1 HE1  sing N N 153 
HIS NE2 HE2  sing N N 154 
HIS OXT HXT  sing N N 155 
HOH O   H1   sing N N 156 
HOH O   H2   sing N N 157 
ILE N   CA   sing N N 158 
ILE N   H    sing N N 159 
ILE N   H2   sing N N 160 
ILE CA  C    sing N N 161 
ILE CA  CB   sing N N 162 
ILE CA  HA   sing N N 163 
ILE C   O    doub N N 164 
ILE C   OXT  sing N N 165 
ILE CB  CG1  sing N N 166 
ILE CB  CG2  sing N N 167 
ILE CB  HB   sing N N 168 
ILE CG1 CD1  sing N N 169 
ILE CG1 HG12 sing N N 170 
ILE CG1 HG13 sing N N 171 
ILE CG2 HG21 sing N N 172 
ILE CG2 HG22 sing N N 173 
ILE CG2 HG23 sing N N 174 
ILE CD1 HD11 sing N N 175 
ILE CD1 HD12 sing N N 176 
ILE CD1 HD13 sing N N 177 
ILE OXT HXT  sing N N 178 
LEU N   CA   sing N N 179 
LEU N   H    sing N N 180 
LEU N   H2   sing N N 181 
LEU CA  C    sing N N 182 
LEU CA  CB   sing N N 183 
LEU CA  HA   sing N N 184 
LEU C   O    doub N N 185 
LEU C   OXT  sing N N 186 
LEU CB  CG   sing N N 187 
LEU CB  HB2  sing N N 188 
LEU CB  HB3  sing N N 189 
LEU CG  CD1  sing N N 190 
LEU CG  CD2  sing N N 191 
LEU CG  HG   sing N N 192 
LEU CD1 HD11 sing N N 193 
LEU CD1 HD12 sing N N 194 
LEU CD1 HD13 sing N N 195 
LEU CD2 HD21 sing N N 196 
LEU CD2 HD22 sing N N 197 
LEU CD2 HD23 sing N N 198 
LEU OXT HXT  sing N N 199 
LYS N   CA   sing N N 200 
LYS N   H    sing N N 201 
LYS N   H2   sing N N 202 
LYS CA  C    sing N N 203 
LYS CA  CB   sing N N 204 
LYS CA  HA   sing N N 205 
LYS C   O    doub N N 206 
LYS C   OXT  sing N N 207 
LYS CB  CG   sing N N 208 
LYS CB  HB2  sing N N 209 
LYS CB  HB3  sing N N 210 
LYS CG  CD   sing N N 211 
LYS CG  HG2  sing N N 212 
LYS CG  HG3  sing N N 213 
LYS CD  CE   sing N N 214 
LYS CD  HD2  sing N N 215 
LYS CD  HD3  sing N N 216 
LYS CE  NZ   sing N N 217 
LYS CE  HE2  sing N N 218 
LYS CE  HE3  sing N N 219 
LYS NZ  HZ1  sing N N 220 
LYS NZ  HZ2  sing N N 221 
LYS NZ  HZ3  sing N N 222 
LYS OXT HXT  sing N N 223 
MSE N   CA   sing N N 224 
MSE N   H    sing N N 225 
MSE N   H2   sing N N 226 
MSE CA  C    sing N N 227 
MSE CA  CB   sing N N 228 
MSE CA  HA   sing N N 229 
MSE C   O    doub N N 230 
MSE C   OXT  sing N N 231 
MSE OXT HXT  sing N N 232 
MSE CB  CG   sing N N 233 
MSE CB  HB2  sing N N 234 
MSE CB  HB3  sing N N 235 
MSE CG  SE   sing N N 236 
MSE CG  HG2  sing N N 237 
MSE CG  HG3  sing N N 238 
MSE SE  CE   sing N N 239 
MSE CE  HE1  sing N N 240 
MSE CE  HE2  sing N N 241 
MSE CE  HE3  sing N N 242 
PHE N   CA   sing N N 243 
PHE N   H    sing N N 244 
PHE N   H2   sing N N 245 
PHE CA  C    sing N N 246 
PHE CA  CB   sing N N 247 
PHE CA  HA   sing N N 248 
PHE C   O    doub N N 249 
PHE C   OXT  sing N N 250 
PHE CB  CG   sing N N 251 
PHE CB  HB2  sing N N 252 
PHE CB  HB3  sing N N 253 
PHE CG  CD1  doub Y N 254 
PHE CG  CD2  sing Y N 255 
PHE CD1 CE1  sing Y N 256 
PHE CD1 HD1  sing N N 257 
PHE CD2 CE2  doub Y N 258 
PHE CD2 HD2  sing N N 259 
PHE CE1 CZ   doub Y N 260 
PHE CE1 HE1  sing N N 261 
PHE CE2 CZ   sing Y N 262 
PHE CE2 HE2  sing N N 263 
PHE CZ  HZ   sing N N 264 
PHE OXT HXT  sing N N 265 
PRO N   CA   sing N N 266 
PRO N   CD   sing N N 267 
PRO N   H    sing N N 268 
PRO CA  C    sing N N 269 
PRO CA  CB   sing N N 270 
PRO CA  HA   sing N N 271 
PRO C   O    doub N N 272 
PRO C   OXT  sing N N 273 
PRO CB  CG   sing N N 274 
PRO CB  HB2  sing N N 275 
PRO CB  HB3  sing N N 276 
PRO CG  CD   sing N N 277 
PRO CG  HG2  sing N N 278 
PRO CG  HG3  sing N N 279 
PRO CD  HD2  sing N N 280 
PRO CD  HD3  sing N N 281 
PRO OXT HXT  sing N N 282 
SER N   CA   sing N N 283 
SER N   H    sing N N 284 
SER N   H2   sing N N 285 
SER CA  C    sing N N 286 
SER CA  CB   sing N N 287 
SER CA  HA   sing N N 288 
SER C   O    doub N N 289 
SER C   OXT  sing N N 290 
SER CB  OG   sing N N 291 
SER CB  HB2  sing N N 292 
SER CB  HB3  sing N N 293 
SER OG  HG   sing N N 294 
SER OXT HXT  sing N N 295 
THR N   CA   sing N N 296 
THR N   H    sing N N 297 
THR N   H2   sing N N 298 
THR CA  C    sing N N 299 
THR CA  CB   sing N N 300 
THR CA  HA   sing N N 301 
THR C   O    doub N N 302 
THR C   OXT  sing N N 303 
THR CB  OG1  sing N N 304 
THR CB  CG2  sing N N 305 
THR CB  HB   sing N N 306 
THR OG1 HG1  sing N N 307 
THR CG2 HG21 sing N N 308 
THR CG2 HG22 sing N N 309 
THR CG2 HG23 sing N N 310 
THR OXT HXT  sing N N 311 
TYR N   CA   sing N N 312 
TYR N   H    sing N N 313 
TYR N   H2   sing N N 314 
TYR CA  C    sing N N 315 
TYR CA  CB   sing N N 316 
TYR CA  HA   sing N N 317 
TYR C   O    doub N N 318 
TYR C   OXT  sing N N 319 
TYR CB  CG   sing N N 320 
TYR CB  HB2  sing N N 321 
TYR CB  HB3  sing N N 322 
TYR CG  CD1  doub Y N 323 
TYR CG  CD2  sing Y N 324 
TYR CD1 CE1  sing Y N 325 
TYR CD1 HD1  sing N N 326 
TYR CD2 CE2  doub Y N 327 
TYR CD2 HD2  sing N N 328 
TYR CE1 CZ   doub Y N 329 
TYR CE1 HE1  sing N N 330 
TYR CE2 CZ   sing Y N 331 
TYR CE2 HE2  sing N N 332 
TYR CZ  OH   sing N N 333 
TYR OH  HH   sing N N 334 
TYR OXT HXT  sing N N 335 
VAL N   CA   sing N N 336 
VAL N   H    sing N N 337 
VAL N   H2   sing N N 338 
VAL CA  C    sing N N 339 
VAL CA  CB   sing N N 340 
VAL CA  HA   sing N N 341 
VAL C   O    doub N N 342 
VAL C   OXT  sing N N 343 
VAL CB  CG1  sing N N 344 
VAL CB  CG2  sing N N 345 
VAL CB  HB   sing N N 346 
VAL CG1 HG11 sing N N 347 
VAL CG1 HG12 sing N N 348 
VAL CG1 HG13 sing N N 349 
VAL CG2 HG21 sing N N 350 
VAL CG2 HG22 sing N N 351 
VAL CG2 HG23 sing N N 352 
VAL OXT HXT  sing N N 353 
# 
_atom_sites.entry_id                    3DF8 
_atom_sites.fract_transf_matrix[1][1]   0.01153683 
_atom_sites.fract_transf_matrix[1][2]   -0.00059730 
_atom_sites.fract_transf_matrix[1][3]   -0.01462973 
_atom_sites.fract_transf_matrix[2][1]   -0.00384385 
_atom_sites.fract_transf_matrix[2][2]   0.01745694 
_atom_sites.fract_transf_matrix[2][3]   -0.00374395 
_atom_sites.fract_transf_matrix[3][1]   0.02937272 
_atom_sites.fract_transf_matrix[3][2]   0.00662039 
_atom_sites.fract_transf_matrix[3][3]   0.00071241 
_atom_sites.fract_transf_vector[1]      -0.158054 
_atom_sites.fract_transf_vector[2]      0.494106 
_atom_sites.fract_transf_vector[3]      -0.193318 
# 
loop_
_atom_type.symbol 
C  
N  
O  
S  
SE 
# 
loop_
_atom_site.group_PDB 
_atom_site.id 
_atom_site.type_symbol 
_atom_site.label_atom_id 
_atom_site.label_alt_id 
_atom_site.label_comp_id 
_atom_site.label_asym_id 
_atom_site.label_entity_id 
_atom_site.label_seq_id 
_atom_site.pdbx_PDB_ins_code 
_atom_site.Cartn_x 
_atom_site.Cartn_y 
_atom_site.Cartn_z 
_atom_site.occupancy 
_atom_site.B_iso_or_equiv 
_atom_site.pdbx_formal_charge 
_atom_site.auth_seq_id 
_atom_site.auth_comp_id 
_atom_site.auth_asym_id 
_atom_site.auth_atom_id 
_atom_site.pdbx_PDB_model_num 
ATOM   1   N  N   . SER A 1 1   ? 24.361  1.149   6.127   1.00 36.73 ? -2  SER A N   1 
ATOM   2   C  CA  . SER A 1 1   ? 24.713  1.864   4.870   1.00 36.27 ? -2  SER A CA  1 
ATOM   3   C  C   . SER A 1 1   ? 23.489  2.063   3.986   1.00 35.28 ? -2  SER A C   1 
ATOM   4   O  O   . SER A 1 1   ? 22.595  1.196   3.915   1.00 35.90 ? -2  SER A O   1 
ATOM   5   C  CB  . SER A 1 1   ? 25.855  1.175   4.116   1.00 36.84 ? -2  SER A CB  1 
ATOM   6   O  OG  . SER A 1 1   ? 26.253  1.961   2.990   1.00 38.33 ? -2  SER A OG  1 
ATOM   7   N  N   . ASN A 1 2   ? 23.484  3.213   3.314   1.00 33.96 ? -1  ASN A N   1 
ATOM   8   C  CA  A ASN A 1 2   ? 22.297  3.755   2.652   0.50 33.06 ? -1  ASN A CA  1 
ATOM   9   C  CA  B ASN A 1 2   ? 22.286  3.700   2.641   0.50 33.05 ? -1  ASN A CA  1 
ATOM   10  C  C   . ASN A 1 2   ? 22.452  3.932   1.151   1.00 32.42 ? -1  ASN A C   1 
ATOM   11  O  O   . ASN A 1 2   ? 23.554  4.136   0.661   1.00 32.77 ? -1  ASN A O   1 
ATOM   12  C  CB  A ASN A 1 2   ? 21.965  5.134   3.233   0.50 33.17 ? -1  ASN A CB  1 
ATOM   13  C  CB  B ASN A 1 2   ? 21.839  4.992   3.310   0.50 33.26 ? -1  ASN A CB  1 
ATOM   14  C  CG  A ASN A 1 2   ? 21.344  5.064   4.617   0.50 33.12 ? -1  ASN A CG  1 
ATOM   15  C  CG  B ASN A 1 2   ? 22.073  4.961   4.799   0.50 32.85 ? -1  ASN A CG  1 
ATOM   16  O  OD1 A ASN A 1 2   ? 20.779  6.050   5.088   0.50 35.02 ? -1  ASN A OD1 1 
ATOM   17  O  OD1 B ASN A 1 2   ? 22.969  5.629   5.309   0.50 35.38 ? -1  ASN A OD1 1 
ATOM   18  N  ND2 A ASN A 1 2   ? 21.439  3.907   5.271   0.50 31.87 ? -1  ASN A ND2 1 
ATOM   19  N  ND2 B ASN A 1 2   ? 21.301  4.137   5.500   0.50 32.98 ? -1  ASN A ND2 1 
ATOM   20  N  N   . ALA A 1 3   ? 21.332  3.885   0.444   1.00 31.43 ? 0   ALA A N   1 
ATOM   21  C  CA  . ALA A 1 3   ? 21.298  4.285   -0.944  1.00 31.00 ? 0   ALA A CA  1 
ATOM   22  C  C   . ALA A 1 3   ? 20.966  5.761   -0.916  1.00 30.63 ? 0   ALA A C   1 
ATOM   23  O  O   . ALA A 1 3   ? 20.093  6.183   -0.148  1.00 31.26 ? 0   ALA A O   1 
ATOM   24  C  CB  . ALA A 1 3   ? 20.222  3.504   -1.711  1.00 30.25 ? 0   ALA A CB  1 
HETATM 25  N  N   . MSE A 1 4   ? 21.653  6.557   -1.740  1.00 30.89 ? 1   MSE A N   1 
HETATM 26  C  CA  . MSE A 1 4   ? 21.416  7.989   -1.818  1.00 30.57 ? 1   MSE A CA  1 
HETATM 27  C  C   . MSE A 1 4   ? 20.880  8.272   -3.200  1.00 29.89 ? 1   MSE A C   1 
HETATM 28  O  O   . MSE A 1 4   ? 21.570  7.994   -4.202  1.00 29.61 ? 1   MSE A O   1 
HETATM 29  C  CB  . MSE A 1 4   ? 22.735  8.762   -1.595  1.00 31.45 ? 1   MSE A CB  1 
HETATM 30  C  CG  . MSE A 1 4   ? 23.186  8.765   -0.156  1.00 34.71 ? 1   MSE A CG  1 
HETATM 31  SE SE  . MSE A 1 4   ? 21.948  9.753   0.991   0.55 40.32 ? 1   MSE A SE  1 
HETATM 32  C  CE  . MSE A 1 4   ? 22.553  11.572  0.689   1.00 40.24 ? 1   MSE A CE  1 
ATOM   33  N  N   . LEU A 1 5   ? 19.650  8.766   -3.272  1.00 29.52 ? 2   LEU A N   1 
ATOM   34  C  CA  . LEU A 1 5   ? 18.967  8.949   -4.558  1.00 30.45 ? 2   LEU A CA  1 
ATOM   35  C  C   . LEU A 1 5   ? 18.745  10.432  -4.900  1.00 31.10 ? 2   LEU A C   1 
ATOM   36  O  O   . LEU A 1 5   ? 18.159  11.174  -4.128  1.00 32.83 ? 2   LEU A O   1 
ATOM   37  C  CB  . LEU A 1 5   ? 17.632  8.173   -4.600  1.00 29.59 ? 2   LEU A CB  1 
ATOM   38  C  CG  . LEU A 1 5   ? 17.684  6.849   -3.851  1.00 30.64 ? 2   LEU A CG  1 
ATOM   39  C  CD1 . LEU A 1 5   ? 16.281  6.329   -3.625  1.00 30.79 ? 2   LEU A CD1 1 
ATOM   40  C  CD2 . LEU A 1 5   ? 18.555  5.875   -4.641  1.00 27.96 ? 2   LEU A CD2 1 
ATOM   41  N  N   . ARG A 1 6   ? 19.230  10.845  -6.061  1.00 31.38 ? 3   ARG A N   1 
ATOM   42  C  CA  . ARG A 1 6   ? 19.111  12.229  -6.502  1.00 31.04 ? 3   ARG A CA  1 
ATOM   43  C  C   . ARG A 1 6   ? 17.643  12.555  -6.779  1.00 30.97 ? 3   ARG A C   1 
ATOM   44  O  O   . ARG A 1 6   ? 16.980  11.837  -7.523  1.00 32.05 ? 3   ARG A O   1 
ATOM   45  C  CB  . ARG A 1 6   ? 19.936  12.434  -7.776  1.00 29.54 ? 3   ARG A CB  1 
ATOM   46  C  CG  . ARG A 1 6   ? 19.810  13.818  -8.405  1.00 33.13 ? 3   ARG A CG  1 
ATOM   47  C  CD  . ARG A 1 6   ? 20.096  14.878  -7.408  1.00 33.20 ? 3   ARG A CD  1 
ATOM   48  N  NE  . ARG A 1 6   ? 21.475  14.868  -6.912  1.00 33.00 ? 3   ARG A NE  1 
ATOM   49  C  CZ  . ARG A 1 6   ? 21.953  15.777  -6.063  1.00 32.70 ? 3   ARG A CZ  1 
ATOM   50  N  NH1 . ARG A 1 6   ? 23.200  15.692  -5.643  1.00 30.79 ? 3   ARG A NH1 1 
ATOM   51  N  NH2 . ARG A 1 6   ? 21.178  16.772  -5.636  1.00 30.14 ? 3   ARG A NH2 1 
ATOM   52  N  N   . TYR A 1 7   ? 17.154  13.644  -6.182  1.00 30.67 ? 4   TYR A N   1 
ATOM   53  C  CA  . TYR A 1 7   ? 15.793  14.107  -6.446  1.00 30.64 ? 4   TYR A CA  1 
ATOM   54  C  C   . TYR A 1 7   ? 15.842  15.637  -6.535  1.00 29.31 ? 4   TYR A C   1 
ATOM   55  O  O   . TYR A 1 7   ? 15.704  16.330  -5.527  1.00 29.58 ? 4   TYR A O   1 
ATOM   56  C  CB  . TYR A 1 7   ? 14.834  13.646  -5.339  1.00 30.37 ? 4   TYR A CB  1 
ATOM   57  C  CG  . TYR A 1 7   ? 13.382  14.021  -5.535  1.00 31.58 ? 4   TYR A CG  1 
ATOM   58  C  CD1 . TYR A 1 7   ? 12.828  14.139  -6.806  1.00 33.67 ? 4   TYR A CD1 1 
ATOM   59  C  CD2 . TYR A 1 7   ? 12.546  14.219  -4.436  1.00 31.83 ? 4   TYR A CD2 1 
ATOM   60  C  CE1 . TYR A 1 7   ? 11.471  14.463  -6.974  1.00 33.79 ? 4   TYR A CE1 1 
ATOM   61  C  CE2 . TYR A 1 7   ? 11.211  14.533  -4.597  1.00 33.39 ? 4   TYR A CE2 1 
ATOM   62  C  CZ  . TYR A 1 7   ? 10.676  14.660  -5.858  1.00 33.60 ? 4   TYR A CZ  1 
ATOM   63  O  OH  . TYR A 1 7   ? 9.350   15.003  -6.007  1.00 32.89 ? 4   TYR A OH  1 
ATOM   64  N  N   . GLY A 1 8   ? 16.088  16.164  -7.738  1.00 29.52 ? 5   GLY A N   1 
ATOM   65  C  CA  . GLY A 1 8   ? 16.240  17.616  -7.871  1.00 29.08 ? 5   GLY A CA  1 
ATOM   66  C  C   . GLY A 1 8   ? 17.483  18.064  -7.117  1.00 29.21 ? 5   GLY A C   1 
ATOM   67  O  O   . GLY A 1 8   ? 18.537  17.451  -7.219  1.00 29.78 ? 5   GLY A O   1 
ATOM   68  N  N   . ASP A 1 9   ? 17.356  19.113  -6.321  1.00 27.53 ? 6   ASP A N   1 
ATOM   69  C  CA  . ASP A 1 9   ? 18.478  19.669  -5.570  1.00 29.01 ? 6   ASP A CA  1 
ATOM   70  C  C   . ASP A 1 9   ? 18.761  18.877  -4.288  1.00 28.64 ? 6   ASP A C   1 
ATOM   71  O  O   . ASP A 1 9   ? 19.628  19.267  -3.512  1.00 30.34 ? 6   ASP A O   1 
ATOM   72  C  CB  . ASP A 1 9   ? 18.158  21.121  -5.252  1.00 27.53 ? 6   ASP A CB  1 
ATOM   73  C  CG  . ASP A 1 9   ? 19.376  21.922  -4.740  1.00 28.31 ? 6   ASP A CG  1 
ATOM   74  O  OD1 . ASP A 1 9   ? 20.526  21.744  -5.230  1.00 27.20 ? 6   ASP A OD1 1 
ATOM   75  O  OD2 . ASP A 1 9   ? 19.153  22.762  -3.856  1.00 31.32 ? 6   ASP A OD2 1 
ATOM   76  N  N   . THR A 1 10  ? 18.010  17.801  -4.052  1.00 28.31 ? 7   THR A N   1 
ATOM   77  C  CA  . THR A 1 10  ? 18.077  17.061  -2.792  1.00 29.02 ? 7   THR A CA  1 
ATOM   78  C  C   . THR A 1 10  ? 18.547  15.622  -3.048  1.00 27.83 ? 7   THR A C   1 
ATOM   79  O  O   . THR A 1 10  ? 18.505  15.132  -4.196  1.00 27.98 ? 7   THR A O   1 
ATOM   80  C  CB  . THR A 1 10  ? 16.692  16.992  -2.064  1.00 28.56 ? 7   THR A CB  1 
ATOM   81  O  OG1 . THR A 1 10  ? 15.853  16.015  -2.717  1.00 32.75 ? 7   THR A OG1 1 
ATOM   82  C  CG2 . THR A 1 10  ? 16.013  18.376  -2.009  1.00 31.29 ? 7   THR A CG2 1 
ATOM   83  N  N   . GLU A 1 11  ? 18.995  14.951  -1.994  1.00 26.75 ? 8   GLU A N   1 
ATOM   84  C  CA  . GLU A 1 11  ? 19.175  13.500  -2.087  1.00 28.15 ? 8   GLU A CA  1 
ATOM   85  C  C   . GLU A 1 11  ? 18.298  12.798  -1.050  1.00 27.58 ? 8   GLU A C   1 
ATOM   86  O  O   . GLU A 1 11  ? 18.212  13.232  0.104   1.00 27.69 ? 8   GLU A O   1 
ATOM   87  C  CB  . GLU A 1 11  ? 20.648  13.109  -1.945  1.00 27.56 ? 8   GLU A CB  1 
ATOM   88  C  CG  . GLU A 1 11  ? 21.530  13.584  -3.089  1.00 30.04 ? 8   GLU A CG  1 
ATOM   89  C  CD  . GLU A 1 11  ? 22.997  13.280  -2.831  1.00 34.00 ? 8   GLU A CD  1 
ATOM   90  O  OE1 . GLU A 1 11  ? 23.603  13.990  -1.986  1.00 35.94 ? 8   GLU A OE1 1 
ATOM   91  O  OE2 . GLU A 1 11  ? 23.545  12.347  -3.466  1.00 33.57 ? 8   GLU A OE2 1 
ATOM   92  N  N   . ILE A 1 12  ? 17.657  11.724  -1.484  1.00 28.49 ? 9   ILE A N   1 
ATOM   93  C  CA  . ILE A 1 12  ? 16.777  10.927  -0.628  1.00 28.91 ? 9   ILE A CA  1 
ATOM   94  C  C   . ILE A 1 12  ? 17.647  9.775   -0.115  1.00 28.83 ? 9   ILE A C   1 
ATOM   95  O  O   . ILE A 1 12  ? 18.329  9.116   -0.914  1.00 29.05 ? 9   ILE A O   1 
ATOM   96  C  CB  . ILE A 1 12  ? 15.579  10.368  -1.446  1.00 29.30 ? 9   ILE A CB  1 
ATOM   97  C  CG1 . ILE A 1 12  ? 14.796  11.521  -2.123  1.00 31.03 ? 9   ILE A CG1 1 
ATOM   98  C  CG2 . ILE A 1 12  ? 14.686  9.428   -0.560  1.00 29.96 ? 9   ILE A CG2 1 
ATOM   99  C  CD1 . ILE A 1 12  ? 13.773  11.050  -3.208  1.00 31.07 ? 9   ILE A CD1 1 
ATOM   100 N  N   . CYS A 1 13  ? 17.604  9.570   1.200   1.00 27.28 ? 10  CYS A N   1 
ATOM   101 C  CA  A CYS A 1 13  ? 18.330  8.509   1.856   0.50 27.26 ? 10  CYS A CA  1 
ATOM   102 C  CA  B CYS A 1 13  ? 18.321  8.500   1.869   0.50 28.31 ? 10  CYS A CA  1 
ATOM   103 C  C   . CYS A 1 13  ? 17.392  7.333   2.159   1.00 28.00 ? 10  CYS A C   1 
ATOM   104 O  O   . CYS A 1 13  ? 16.366  7.515   2.831   1.00 27.25 ? 10  CYS A O   1 
ATOM   105 C  CB  A CYS A 1 13  ? 18.934  9.049   3.155   0.50 27.24 ? 10  CYS A CB  1 
ATOM   106 C  CB  B CYS A 1 13  ? 18.892  9.012   3.193   0.50 28.47 ? 10  CYS A CB  1 
ATOM   107 S  SG  A CYS A 1 13  ? 20.103  7.929   3.899   0.50 25.64 ? 10  CYS A SG  1 
ATOM   108 S  SG  B CYS A 1 13  ? 20.622  9.390   3.107   0.50 33.10 ? 10  CYS A SG  1 
ATOM   109 N  N   . ILE A 1 14  ? 17.735  6.146   1.645   1.00 27.87 ? 11  ILE A N   1 
ATOM   110 C  CA  . ILE A 1 14  ? 17.001  4.911   1.940   1.00 28.04 ? 11  ILE A CA  1 
ATOM   111 C  C   . ILE A 1 14  ? 17.960  3.821   2.429   1.00 28.25 ? 11  ILE A C   1 
ATOM   112 O  O   . ILE A 1 14  ? 18.947  3.484   1.766   1.00 28.02 ? 11  ILE A O   1 
ATOM   113 C  CB  . ILE A 1 14  ? 16.238  4.344   0.688   1.00 27.07 ? 11  ILE A CB  1 
ATOM   114 C  CG1 . ILE A 1 14  ? 15.264  5.397   0.105   1.00 28.97 ? 11  ILE A CG1 1 
ATOM   115 C  CG2 . ILE A 1 14  ? 15.545  2.975   1.000   1.00 27.42 ? 11  ILE A CG2 1 
ATOM   116 C  CD1 . ILE A 1 14  ? 13.952  5.536   0.858   1.00 28.09 ? 11  ILE A CD1 1 
ATOM   117 N  N   . ASP A 1 15  ? 17.645  3.248   3.571   1.00 28.87 ? 12  ASP A N   1 
ATOM   118 C  CA  . ASP A 1 15  ? 18.372  2.100   4.021   1.00 30.05 ? 12  ASP A CA  1 
ATOM   119 C  C   . ASP A 1 15  ? 17.655  0.836   3.527   1.00 31.28 ? 12  ASP A C   1 
ATOM   120 O  O   . ASP A 1 15  ? 16.589  0.504   4.023   1.00 31.16 ? 12  ASP A O   1 
ATOM   121 C  CB  . ASP A 1 15  ? 18.462  2.143   5.541   1.00 30.09 ? 12  ASP A CB  1 
ATOM   122 C  CG  . ASP A 1 15  ? 19.405  1.111   6.092   1.00 30.26 ? 12  ASP A CG  1 
ATOM   123 O  OD1 . ASP A 1 15  ? 19.881  0.261   5.313   1.00 32.36 ? 12  ASP A OD1 1 
ATOM   124 O  OD2 . ASP A 1 15  ? 19.666  1.149   7.312   1.00 30.84 ? 12  ASP A OD2 1 
ATOM   125 N  N   . PRO A 1 16  ? 18.255  0.115   2.557   1.00 32.52 ? 13  PRO A N   1 
ATOM   126 C  CA  . PRO A 1 16  ? 17.551  -1.000  1.947   1.00 33.72 ? 13  PRO A CA  1 
ATOM   127 C  C   . PRO A 1 16  ? 17.289  -2.137  2.939   1.00 34.14 ? 13  PRO A C   1 
ATOM   128 O  O   . PRO A 1 16  ? 16.347  -2.895  2.743   1.00 35.37 ? 13  PRO A O   1 
ATOM   129 C  CB  . PRO A 1 16  ? 18.501  -1.458  0.827   1.00 33.18 ? 13  PRO A CB  1 
ATOM   130 C  CG  . PRO A 1 16  ? 19.439  -0.330  0.619   1.00 34.54 ? 13  PRO A CG  1 
ATOM   131 C  CD  . PRO A 1 16  ? 19.604  0.266   1.988   1.00 33.05 ? 13  PRO A CD  1 
ATOM   132 N  N   . SER A 1 17  ? 18.097  -2.238  3.998   1.00 35.19 ? 14  SER A N   1 
ATOM   133 C  CA  . SER A 1 17  ? 17.920  -3.288  5.006   1.00 35.46 ? 14  SER A CA  1 
ATOM   134 C  C   . SER A 1 17  ? 16.904  -2.937  6.107   1.00 35.43 ? 14  SER A C   1 
ATOM   135 O  O   . SER A 1 17  ? 16.474  -3.819  6.852   1.00 35.51 ? 14  SER A O   1 
ATOM   136 C  CB  . SER A 1 17  ? 19.267  -3.686  5.622   1.00 35.69 ? 14  SER A CB  1 
ATOM   137 O  OG  . SER A 1 17  ? 19.784  -2.659  6.455   1.00 35.63 ? 14  SER A OG  1 
ATOM   138 N  N   . GLU A 1 18  ? 16.563  -1.651  6.225   1.00 35.21 ? 15  GLU A N   1 
ATOM   139 C  CA  A GLU A 1 18  ? 15.525  -1.185  7.151   0.50 35.18 ? 15  GLU A CA  1 
ATOM   140 C  CA  B GLU A 1 18  ? 15.509  -1.199  7.139   0.50 35.12 ? 15  GLU A CA  1 
ATOM   141 C  C   . GLU A 1 18  ? 14.782  0.022   6.577   1.00 35.05 ? 15  GLU A C   1 
ATOM   142 O  O   . GLU A 1 18  ? 15.185  1.177   6.763   1.00 35.41 ? 15  GLU A O   1 
ATOM   143 C  CB  A GLU A 1 18  ? 16.107  -0.878  8.535   0.50 35.13 ? 15  GLU A CB  1 
ATOM   144 C  CB  B GLU A 1 18  ? 16.025  -0.991  8.575   0.50 35.18 ? 15  GLU A CB  1 
ATOM   145 C  CG  A GLU A 1 18  ? 16.085  -2.072  9.489   0.50 35.62 ? 15  GLU A CG  1 
ATOM   146 C  CG  B GLU A 1 18  ? 17.248  -0.101  8.732   0.50 35.74 ? 15  GLU A CG  1 
ATOM   147 C  CD  A GLU A 1 18  ? 16.619  -1.750  10.871  0.50 35.62 ? 15  GLU A CD  1 
ATOM   148 C  CD  B GLU A 1 18  ? 16.945  1.225   9.420   0.50 36.44 ? 15  GLU A CD  1 
ATOM   149 O  OE1 A GLU A 1 18  ? 17.016  -2.703  11.582  0.50 37.29 ? 15  GLU A OE1 1 
ATOM   150 O  OE1 B GLU A 1 18  ? 16.267  1.213   10.470  0.50 36.78 ? 15  GLU A OE1 1 
ATOM   151 O  OE2 A GLU A 1 18  ? 16.645  -0.555  11.251  0.50 36.60 ? 15  GLU A OE2 1 
ATOM   152 O  OE2 B GLU A 1 18  ? 17.409  2.276   8.925   0.50 36.33 ? 15  GLU A OE2 1 
ATOM   153 N  N   . SER A 1 19  ? 13.719  -0.260  5.839   1.00 34.61 ? 16  SER A N   1 
ATOM   154 C  CA  . SER A 1 19  ? 12.875  0.753   5.244   1.00 33.27 ? 16  SER A CA  1 
ATOM   155 C  C   . SER A 1 19  ? 11.531  0.119   5.015   1.00 33.78 ? 16  SER A C   1 
ATOM   156 O  O   . SER A 1 19  ? 11.447  -1.091  4.775   1.00 34.23 ? 16  SER A O   1 
ATOM   157 C  CB  . SER A 1 19  ? 13.410  1.193   3.873   1.00 33.81 ? 16  SER A CB  1 
ATOM   158 O  OG  . SER A 1 19  ? 12.451  2.040   3.246   1.00 31.21 ? 16  SER A OG  1 
ATOM   159 N  N   . VAL A 1 20  ? 10.483  0.936   5.064   1.00 32.42 ? 17  VAL A N   1 
ATOM   160 C  CA  . VAL A 1 20  ? 9.123   0.479   4.759   1.00 32.16 ? 17  VAL A CA  1 
ATOM   161 C  C   . VAL A 1 20  ? 8.991   0.177   3.253   1.00 30.52 ? 17  VAL A C   1 
ATOM   162 O  O   . VAL A 1 20  ? 7.988   -0.359  2.803   1.00 29.18 ? 17  VAL A O   1 
ATOM   163 C  CB  . VAL A 1 20  ? 8.072   1.452   5.333   1.00 32.40 ? 17  VAL A CB  1 
ATOM   164 C  CG1 . VAL A 1 20  ? 8.115   2.809   4.633   1.00 33.30 ? 17  VAL A CG1 1 
ATOM   165 C  CG2 . VAL A 1 20  ? 6.688   0.830   5.297   1.00 34.67 ? 17  VAL A CG2 1 
ATOM   166 N  N   . LEU A 1 21  ? 10.036  0.514   2.495   1.00 29.65 ? 18  LEU A N   1 
ATOM   167 C  CA  . LEU A 1 21  ? 10.109  0.155   1.086   1.00 28.31 ? 18  LEU A CA  1 
ATOM   168 C  C   . LEU A 1 21  ? 9.980   -1.371  0.942   1.00 28.00 ? 18  LEU A C   1 
ATOM   169 O  O   . LEU A 1 21  ? 9.349   -1.828  -0.002  1.00 27.24 ? 18  LEU A O   1 
ATOM   170 C  CB  . LEU A 1 21  ? 11.436  0.637   0.472   1.00 29.04 ? 18  LEU A CB  1 
ATOM   171 C  CG  . LEU A 1 21  ? 11.664  0.306   -1.003  1.00 29.06 ? 18  LEU A CG  1 
ATOM   172 C  CD1 . LEU A 1 21  ? 10.563  0.889   -1.875  1.00 30.76 ? 18  LEU A CD1 1 
ATOM   173 C  CD2 . LEU A 1 21  ? 13.050  0.824   -1.409  1.00 28.18 ? 18  LEU A CD2 1 
ATOM   174 N  N   . HIS A 1 22  ? 10.552  -2.136  1.883   1.00 28.90 ? 19  HIS A N   1 
ATOM   175 C  CA  . HIS A 1 22  ? 10.484  -3.597  1.868   1.00 30.07 ? 19  HIS A CA  1 
ATOM   176 C  C   . HIS A 1 22  ? 9.036   -4.046  1.822   1.00 29.78 ? 19  HIS A C   1 
ATOM   177 O  O   . HIS A 1 22  ? 8.634   -4.843  0.956   1.00 29.81 ? 19  HIS A O   1 
ATOM   178 C  CB  . HIS A 1 22  ? 11.194  -4.185  3.114   1.00 29.57 ? 19  HIS A CB  1 
ATOM   179 C  CG  . HIS A 1 22  ? 11.151  -5.681  3.208   1.00 32.86 ? 19  HIS A CG  1 
ATOM   180 N  ND1 . HIS A 1 22  ? 12.031  -6.490  2.527   1.00 36.16 ? 19  HIS A ND1 1 
ATOM   181 C  CD2 . HIS A 1 22  ? 10.373  -6.510  3.945   1.00 34.12 ? 19  HIS A CD2 1 
ATOM   182 C  CE1 . HIS A 1 22  ? 11.786  -7.759  2.821   1.00 36.42 ? 19  HIS A CE1 1 
ATOM   183 N  NE2 . HIS A 1 22  ? 10.779  -7.800  3.675   1.00 36.45 ? 19  HIS A NE2 1 
ATOM   184 N  N   . LEU A 1 23  ? 8.244   -3.520  2.744   1.00 30.25 ? 20  LEU A N   1 
ATOM   185 C  CA  . LEU A 1 23  ? 6.817   -3.882  2.802   1.00 30.37 ? 20  LEU A CA  1 
ATOM   186 C  C   . LEU A 1 23  ? 6.108   -3.443  1.525   1.00 32.08 ? 20  LEU A C   1 
ATOM   187 O  O   . LEU A 1 23  ? 5.394   -4.244  0.892   1.00 32.10 ? 20  LEU A O   1 
ATOM   188 C  CB  . LEU A 1 23  ? 6.164   -3.221  4.007   1.00 30.65 ? 20  LEU A CB  1 
ATOM   189 C  CG  . LEU A 1 23  ? 4.636   -3.346  4.107   1.00 30.24 ? 20  LEU A CG  1 
ATOM   190 C  CD1 . LEU A 1 23  ? 4.130   -4.813  3.995   1.00 33.22 ? 20  LEU A CD1 1 
ATOM   191 C  CD2 . LEU A 1 23  ? 4.156   -2.669  5.405   1.00 30.94 ? 20  LEU A CD2 1 
ATOM   192 N  N   . LEU A 1 24  ? 6.346   -2.191  1.141   1.00 31.13 ? 21  LEU A N   1 
ATOM   193 C  CA  A LEU A 1 24  ? 5.697   -1.630  -0.040  0.50 32.96 ? 21  LEU A CA  1 
ATOM   194 C  CA  B LEU A 1 24  ? 5.732   -1.612  -0.059  0.50 32.90 ? 21  LEU A CA  1 
ATOM   195 C  C   . LEU A 1 24  ? 5.928   -2.444  -1.306  1.00 32.52 ? 21  LEU A C   1 
ATOM   196 O  O   . LEU A 1 24  ? 5.058   -2.487  -2.176  1.00 33.32 ? 21  LEU A O   1 
ATOM   197 C  CB  A LEU A 1 24  ? 6.098   -0.169  -0.238  0.50 32.98 ? 21  LEU A CB  1 
ATOM   198 C  CB  B LEU A 1 24  ? 6.248   -0.195  -0.310  0.50 32.93 ? 21  LEU A CB  1 
ATOM   199 C  CG  A LEU A 1 24  ? 5.039   0.869   0.148   0.50 35.89 ? 21  LEU A CG  1 
ATOM   200 C  CG  B LEU A 1 24  ? 5.369   0.893   0.303   0.50 35.49 ? 21  LEU A CG  1 
ATOM   201 C  CD1 A LEU A 1 24  ? 4.131   1.104   -1.041  0.50 35.58 ? 21  LEU A CD1 1 
ATOM   202 C  CD1 B LEU A 1 24  ? 3.884   0.543   0.108   0.50 33.99 ? 21  LEU A CD1 1 
ATOM   203 C  CD2 A LEU A 1 24  ? 4.215   0.521   1.405   0.50 34.56 ? 21  LEU A CD2 1 
ATOM   204 C  CD2 B LEU A 1 24  ? 5.667   1.160   1.760   0.50 36.57 ? 21  LEU A CD2 1 
ATOM   205 N  N   . GLY A 1 25  ? 7.073   -3.099  -1.388  1.00 32.78 ? 22  GLY A N   1 
ATOM   206 C  CA  . GLY A 1 25  ? 7.403   -3.923  -2.555  1.00 32.77 ? 22  GLY A CA  1 
ATOM   207 C  C   . GLY A 1 25  ? 6.788   -5.317  -2.597  1.00 32.09 ? 22  GLY A C   1 
ATOM   208 O  O   . GLY A 1 25  ? 6.650   -5.894  -3.674  1.00 32.25 ? 22  GLY A O   1 
ATOM   209 N  N   . LYS A 1 26  ? 6.432   -5.868  -1.440  1.00 31.77 ? 23  LYS A N   1 
ATOM   210 C  CA  . LYS A 1 26  ? 5.849   -7.203  -1.381  1.00 31.54 ? 23  LYS A CA  1 
ATOM   211 C  C   . LYS A 1 26  ? 4.584   -7.269  -2.242  1.00 30.09 ? 23  LYS A C   1 
ATOM   212 O  O   . LYS A 1 26  ? 3.819   -6.282  -2.315  1.00 30.18 ? 23  LYS A O   1 
ATOM   213 C  CB  . LYS A 1 26  ? 5.507   -7.568  0.064   1.00 32.58 ? 23  LYS A CB  1 
ATOM   214 C  CG  . LYS A 1 26  ? 6.713   -7.792  0.938   1.00 32.14 ? 23  LYS A CG  1 
ATOM   215 C  CD  . LYS A 1 26  ? 6.295   -8.270  2.317   1.00 34.07 ? 23  LYS A CD  1 
ATOM   216 C  CE  . LYS A 1 26  ? 7.425   -8.017  3.313   1.00 33.53 ? 23  LYS A CE  1 
ATOM   217 N  NZ  . LYS A 1 26  ? 7.662   -9.190  4.220   1.00 32.24 ? 23  LYS A NZ  1 
ATOM   218 N  N   . LYS A 1 27  ? 4.370   -8.435  -2.857  1.00 29.46 ? 24  LYS A N   1 
ATOM   219 C  CA  . LYS A 1 27  ? 3.263   -8.640  -3.773  1.00 28.20 ? 24  LYS A CA  1 
ATOM   220 C  C   . LYS A 1 27  ? 1.962   -8.133  -3.139  1.00 28.47 ? 24  LYS A C   1 
ATOM   221 O  O   . LYS A 1 27  ? 1.669   -8.466  -1.986  1.00 27.82 ? 24  LYS A O   1 
ATOM   222 C  CB  . LYS A 1 27  ? 3.135   -10.120 -4.164  1.00 28.29 ? 24  LYS A CB  1 
ATOM   223 C  CG  . LYS A 1 27  ? 2.240   -10.295 -5.359  1.00 27.35 ? 24  LYS A CG  1 
ATOM   224 C  CD  . LYS A 1 27  ? 2.241   -11.739 -5.897  1.00 28.02 ? 24  LYS A CD  1 
ATOM   225 C  CE  . LYS A 1 27  ? 1.325   -11.818 -7.109  1.00 32.06 ? 24  LYS A CE  1 
ATOM   226 N  NZ  . LYS A 1 27  ? 1.526   -10.605 -7.989  1.00 36.20 ? 24  LYS A NZ  1 
ATOM   227 N  N   . TYR A 1 28  ? 1.205   -7.326  -3.901  1.00 28.32 ? 25  TYR A N   1 
ATOM   228 C  CA  . TYR A 1 28  ? -0.113  -6.801  -3.502  1.00 28.81 ? 25  TYR A CA  1 
ATOM   229 C  C   . TYR A 1 28  ? -0.137  -5.557  -2.621  1.00 28.80 ? 25  TYR A C   1 
ATOM   230 O  O   . TYR A 1 28  ? -1.178  -4.936  -2.484  1.00 29.16 ? 25  TYR A O   1 
ATOM   231 C  CB  . TYR A 1 28  ? -0.998  -7.889  -2.876  1.00 29.50 ? 25  TYR A CB  1 
ATOM   232 C  CG  . TYR A 1 28  ? -1.261  -9.074  -3.792  1.00 28.58 ? 25  TYR A CG  1 
ATOM   233 C  CD1 . TYR A 1 28  ? -0.746  -10.333 -3.482  1.00 28.14 ? 25  TYR A CD1 1 
ATOM   234 C  CD2 . TYR A 1 28  ? -2.056  -8.942  -4.944  1.00 29.00 ? 25  TYR A CD2 1 
ATOM   235 C  CE1 . TYR A 1 28  ? -0.995  -11.412 -4.303  1.00 26.00 ? 25  TYR A CE1 1 
ATOM   236 C  CE2 . TYR A 1 28  ? -2.302  -10.025 -5.760  1.00 29.83 ? 25  TYR A CE2 1 
ATOM   237 C  CZ  . TYR A 1 28  ? -1.773  -11.254 -5.433  1.00 28.24 ? 25  TYR A CZ  1 
ATOM   238 O  OH  . TYR A 1 28  ? -2.024  -12.349 -6.225  1.00 32.25 ? 25  TYR A OH  1 
ATOM   239 N  N   . THR A 1 29  ? 0.981   -5.200  -2.001  1.00 29.70 ? 26  THR A N   1 
ATOM   240 C  CA  . THR A 1 29  ? 0.912   -4.133  -0.967  1.00 28.91 ? 26  THR A CA  1 
ATOM   241 C  C   . THR A 1 29  ? 0.460   -2.825  -1.572  1.00 28.79 ? 26  THR A C   1 
ATOM   242 O  O   . THR A 1 29  ? -0.410  -2.147  -1.014  1.00 29.77 ? 26  THR A O   1 
ATOM   243 C  CB  . THR A 1 29  ? 2.237   -3.971  -0.200  1.00 28.38 ? 26  THR A CB  1 
ATOM   244 O  OG1 . THR A 1 29  ? 2.599   -5.231  0.396   1.00 29.94 ? 26  THR A OG1 1 
ATOM   245 C  CG2 . THR A 1 29  ? 2.099   -2.889  0.932   1.00 29.10 ? 26  THR A CG2 1 
HETATM 246 N  N   . MSE A 1 30  ? 1.025   -2.482  -2.729  1.00 28.10 ? 27  MSE A N   1 
HETATM 247 C  CA  . MSE A 1 30  ? 0.656   -1.212  -3.381  1.00 29.83 ? 27  MSE A CA  1 
HETATM 248 C  C   . MSE A 1 30  ? -0.800  -1.269  -3.827  1.00 30.09 ? 27  MSE A C   1 
HETATM 249 O  O   . MSE A 1 30  ? -1.547  -0.275  -3.727  1.00 30.64 ? 27  MSE A O   1 
HETATM 250 C  CB  . MSE A 1 30  ? 1.599   -0.877  -4.538  1.00 28.47 ? 27  MSE A CB  1 
HETATM 251 C  CG  . MSE A 1 30  ? 2.986   -0.504  -4.057  1.00 31.09 ? 27  MSE A CG  1 
HETATM 252 SE SE  . MSE A 1 30  ? 4.194   -0.052  -5.535  0.70 33.89 ? 27  MSE A SE  1 
HETATM 253 C  CE  . MSE A 1 30  ? 5.016   -1.836  -5.699  1.00 34.51 ? 27  MSE A CE  1 
ATOM   254 N  N   . LEU A 1 31  ? -1.226  -2.435  -4.289  1.00 29.49 ? 28  LEU A N   1 
ATOM   255 C  CA  . LEU A 1 31  ? -2.635  -2.596  -4.692  1.00 29.99 ? 28  LEU A CA  1 
ATOM   256 C  C   . LEU A 1 31  ? -3.572  -2.491  -3.481  1.00 30.67 ? 28  LEU A C   1 
ATOM   257 O  O   . LEU A 1 31  ? -4.669  -1.930  -3.623  1.00 29.61 ? 28  LEU A O   1 
ATOM   258 C  CB  . LEU A 1 31  ? -2.842  -3.905  -5.401  1.00 28.61 ? 28  LEU A CB  1 
ATOM   259 C  CG  . LEU A 1 31  ? -2.217  -3.993  -6.806  1.00 27.57 ? 28  LEU A CG  1 
ATOM   260 C  CD1 . LEU A 1 31  ? -2.364  -5.448  -7.312  1.00 29.53 ? 28  LEU A CD1 1 
ATOM   261 C  CD2 . LEU A 1 31  ? -2.780  -2.922  -7.740  1.00 32.58 ? 28  LEU A CD2 1 
ATOM   262 N  N   . ILE A 1 32  ? -3.180  -3.049  -2.330  1.00 29.61 ? 29  ILE A N   1 
ATOM   263 C  CA  . ILE A 1 32  ? -4.019  -2.934  -1.103  1.00 29.63 ? 29  ILE A CA  1 
ATOM   264 C  C   . ILE A 1 32  ? -4.161  -1.439  -0.722  1.00 29.77 ? 29  ILE A C   1 
ATOM   265 O  O   . ILE A 1 32  ? -5.279  -0.945  -0.473  1.00 31.22 ? 29  ILE A O   1 
ATOM   266 C  CB  . ILE A 1 32  ? -3.443  -3.752  0.046   1.00 30.11 ? 29  ILE A CB  1 
ATOM   267 C  CG1 . ILE A 1 32  ? -3.583  -5.264  -0.279  1.00 28.44 ? 29  ILE A CG1 1 
ATOM   268 C  CG2 . ILE A 1 32  ? -4.163  -3.384  1.353   1.00 28.91 ? 29  ILE A CG2 1 
ATOM   269 C  CD1 . ILE A 1 32  ? -2.679  -6.248  0.567   1.00 31.16 ? 29  ILE A CD1 1 
ATOM   270 N  N   . ILE A 1 33  ? -3.039  -0.731  -0.640  1.00 29.65 ? 30  ILE A N   1 
ATOM   271 C  CA  . ILE A 1 33  ? -3.082  0.722   -0.376  1.00 29.78 ? 30  ILE A CA  1 
ATOM   272 C  C   . ILE A 1 33  ? -3.973  1.451   -1.367  1.00 30.83 ? 30  ILE A C   1 
ATOM   273 O  O   . ILE A 1 33  ? -4.758  2.299   -0.984  1.00 31.62 ? 30  ILE A O   1 
ATOM   274 C  CB  . ILE A 1 33  ? -1.656  1.342   -0.333  1.00 29.54 ? 30  ILE A CB  1 
ATOM   275 C  CG1 . ILE A 1 33  ? -0.883  0.714   0.852   1.00 30.49 ? 30  ILE A CG1 1 
ATOM   276 C  CG2 . ILE A 1 33  ? -1.683  2.903   -0.350  1.00 28.42 ? 30  ILE A CG2 1 
ATOM   277 C  CD1 . ILE A 1 33  ? 0.641   1.019   0.872   1.00 31.56 ? 30  ILE A CD1 1 
ATOM   278 N  N   . SER A 1 34  ? -3.839  1.110   -2.648  1.00 30.02 ? 31  SER A N   1 
ATOM   279 C  CA  . SER A 1 34  ? -4.649  1.766   -3.685  1.00 29.45 ? 31  SER A CA  1 
ATOM   280 C  C   . SER A 1 34  ? -6.155  1.500   -3.512  1.00 28.34 ? 31  SER A C   1 
ATOM   281 O  O   . SER A 1 34  ? -6.999  2.438   -3.572  1.00 29.92 ? 31  SER A O   1 
ATOM   282 C  CB  . SER A 1 34  ? -4.175  1.269   -5.040  1.00 29.54 ? 31  SER A CB  1 
ATOM   283 O  OG  . SER A 1 34  ? -2.782  1.541   -5.210  1.00 33.14 ? 31  SER A OG  1 
ATOM   284 N  N   . VAL A 1 35  ? -6.529  0.250   -3.294  1.00 29.48 ? 32  VAL A N   1 
ATOM   285 C  CA  A VAL A 1 35  ? -7.971  -0.043  -3.227  0.50 29.47 ? 32  VAL A CA  1 
ATOM   286 C  CA  B VAL A 1 35  ? -7.952  -0.097  -3.203  0.50 29.85 ? 32  VAL A CA  1 
ATOM   287 C  C   . VAL A 1 35  ? -8.578  0.528   -1.941  1.00 29.83 ? 32  VAL A C   1 
ATOM   288 O  O   . VAL A 1 35  ? -9.740  0.886   -1.926  1.00 29.45 ? 32  VAL A O   1 
ATOM   289 C  CB  A VAL A 1 35  ? -8.340  -1.545  -3.460  0.50 29.52 ? 32  VAL A CB  1 
ATOM   290 C  CB  B VAL A 1 35  ? -8.120  -1.634  -3.254  0.50 30.44 ? 32  VAL A CB  1 
ATOM   291 C  CG1 A VAL A 1 35  ? -7.945  -1.987  -4.870  0.50 29.61 ? 32  VAL A CG1 1 
ATOM   292 C  CG1 B VAL A 1 35  ? -9.486  -2.089  -2.775  0.50 30.77 ? 32  VAL A CG1 1 
ATOM   293 C  CG2 A VAL A 1 35  ? -7.739  -2.471  -2.373  0.50 29.25 ? 32  VAL A CG2 1 
ATOM   294 C  CG2 B VAL A 1 35  ? -7.847  -2.153  -4.665  0.50 29.90 ? 32  VAL A CG2 1 
ATOM   295 N  N   . LEU A 1 36  ? -7.781  0.620   -0.865  1.00 29.61 ? 33  LEU A N   1 
ATOM   296 C  CA  . LEU A 1 36  ? -8.316  1.158   0.402   1.00 31.83 ? 33  LEU A CA  1 
ATOM   297 C  C   . LEU A 1 36  ? -8.753  2.617   0.271   1.00 32.62 ? 33  LEU A C   1 
ATOM   298 O  O   . LEU A 1 36  ? -9.562  3.151   1.072   1.00 33.33 ? 33  LEU A O   1 
ATOM   299 C  CB  . LEU A 1 36  ? -7.319  0.945   1.554   1.00 31.76 ? 33  LEU A CB  1 
ATOM   300 C  CG  . LEU A 1 36  ? -7.354  -0.421  2.227   1.00 34.33 ? 33  LEU A CG  1 
ATOM   301 C  CD1 . LEU A 1 36  ? -6.199  -0.614  3.180   1.00 33.48 ? 33  LEU A CD1 1 
ATOM   302 C  CD2 . LEU A 1 36  ? -8.708  -0.673  2.939   1.00 33.15 ? 33  LEU A CD2 1 
ATOM   303 N  N   . GLY A 1 37  ? -8.227  3.271   -0.756  1.00 32.67 ? 34  GLY A N   1 
ATOM   304 C  CA  . GLY A 1 37  ? -8.619  4.651   -1.078  1.00 34.43 ? 34  GLY A CA  1 
ATOM   305 C  C   . GLY A 1 37  ? -9.647  4.799   -2.193  1.00 34.47 ? 34  GLY A C   1 
ATOM   306 O  O   . GLY A 1 37  ? -9.892  5.912   -2.637  1.00 34.99 ? 34  GLY A O   1 
ATOM   307 N  N   . ASN A 1 38  ? -10.221 3.692   -2.672  1.00 35.53 ? 35  ASN A N   1 
ATOM   308 C  CA  . ASN A 1 38  ? -11.343 3.704   -3.634  1.00 35.74 ? 35  ASN A CA  1 
ATOM   309 C  C   . ASN A 1 38  ? -12.681 3.959   -2.926  1.00 37.71 ? 35  ASN A C   1 
ATOM   310 O  O   . ASN A 1 38  ? -12.732 3.997   -1.700  1.00 38.33 ? 35  ASN A O   1 
ATOM   311 C  CB  . ASN A 1 38  ? -11.520 2.341   -4.284  1.00 35.54 ? 35  ASN A CB  1 
ATOM   312 C  CG  . ASN A 1 38  ? -10.460 2.003   -5.314  1.00 32.45 ? 35  ASN A CG  1 
ATOM   313 O  OD1 . ASN A 1 38  ? -9.668  2.838   -5.757  1.00 31.30 ? 35  ASN A OD1 1 
ATOM   314 N  ND2 . ASN A 1 38  ? -10.488 0.761   -5.740  1.00 29.32 ? 35  ASN A ND2 1 
ATOM   315 N  N   . GLY A 1 39  ? -13.771 4.086   -3.686  1.00 39.07 ? 36  GLY A N   1 
ATOM   316 C  CA  . GLY A 1 39  ? -15.129 4.234   -3.087  1.00 40.35 ? 36  GLY A CA  1 
ATOM   317 C  C   . GLY A 1 39  ? -15.309 5.280   -1.984  1.00 40.83 ? 36  GLY A C   1 
ATOM   318 O  O   . GLY A 1 39  ? -14.441 6.144   -1.779  1.00 40.09 ? 36  GLY A O   1 
ATOM   319 N  N   . SER A 1 40  ? -16.428 5.191   -1.255  1.00 41.52 ? 37  SER A N   1 
ATOM   320 C  CA  . SER A 1 40  ? -16.863 6.281   -0.352  1.00 42.35 ? 37  SER A CA  1 
ATOM   321 C  C   . SER A 1 40  ? -17.042 5.874   1.116   1.00 42.42 ? 37  SER A C   1 
ATOM   322 O  O   . SER A 1 40  ? -17.529 6.662   1.941   1.00 43.03 ? 37  SER A O   1 
ATOM   323 C  CB  . SER A 1 40  ? -18.194 6.849   -0.830  1.00 42.11 ? 37  SER A CB  1 
ATOM   324 O  OG  . SER A 1 40  ? -18.450 6.475   -2.169  1.00 45.27 ? 37  SER A OG  1 
ATOM   325 N  N   . THR A 1 41  ? -16.667 4.645   1.434   1.00 41.48 ? 38  THR A N   1 
ATOM   326 C  CA  . THR A 1 41  ? -17.089 4.034   2.688   1.00 41.13 ? 38  THR A CA  1 
ATOM   327 C  C   . THR A 1 41  ? -15.950 3.160   3.109   1.00 39.96 ? 38  THR A C   1 
ATOM   328 O  O   . THR A 1 41  ? -15.220 2.659   2.250   1.00 40.02 ? 38  THR A O   1 
ATOM   329 C  CB  . THR A 1 41  ? -18.357 3.129   2.490   1.00 41.46 ? 38  THR A CB  1 
ATOM   330 O  OG1 . THR A 1 41  ? -18.085 2.116   1.508   1.00 43.48 ? 38  THR A OG1 1 
ATOM   331 C  CG2 . THR A 1 41  ? -19.558 3.942   2.037   1.00 41.84 ? 38  THR A CG2 1 
ATOM   332 N  N   . ARG A 1 42  ? -15.796 2.965   4.419   1.00 38.48 ? 39  ARG A N   1 
ATOM   333 C  CA  . ARG A 1 42  ? -14.859 1.959   4.912   1.00 36.84 ? 39  ARG A CA  1 
ATOM   334 C  C   . ARG A 1 42  ? -15.225 0.600   4.315   1.00 35.70 ? 39  ARG A C   1 
ATOM   335 O  O   . ARG A 1 42  ? -16.400 0.241   4.250   1.00 35.70 ? 39  ARG A O   1 
ATOM   336 C  CB  . ARG A 1 42  ? -14.914 1.875   6.440   1.00 37.38 ? 39  ARG A CB  1 
ATOM   337 C  CG  . ARG A 1 42  ? -14.485 3.149   7.153   1.00 37.62 ? 39  ARG A CG  1 
ATOM   338 C  CD  . ARG A 1 42  ? -14.494 2.966   8.666   1.00 36.40 ? 39  ARG A CD  1 
ATOM   339 N  NE  . ARG A 1 42  ? -13.432 2.029   9.055   1.00 36.40 ? 39  ARG A NE  1 
ATOM   340 C  CZ  . ARG A 1 42  ? -12.233 2.398   9.492   1.00 35.20 ? 39  ARG A CZ  1 
ATOM   341 N  NH1 . ARG A 1 42  ? -11.952 3.708   9.613   1.00 34.57 ? 39  ARG A NH1 1 
ATOM   342 N  NH2 . ARG A 1 42  ? -11.319 1.471   9.805   1.00 36.13 ? 39  ARG A NH2 1 
ATOM   343 N  N   . GLN A 1 43  ? -14.206 -0.175  3.955   1.00 34.69 ? 40  GLN A N   1 
ATOM   344 C  CA  . GLN A 1 43  ? -14.398 -1.494  3.320   1.00 33.10 ? 40  GLN A CA  1 
ATOM   345 C  C   . GLN A 1 43  ? -14.152 -2.610  4.303   1.00 32.14 ? 40  GLN A C   1 
ATOM   346 O  O   . GLN A 1 43  ? -13.252 -2.501  5.126   1.00 31.59 ? 40  GLN A O   1 
ATOM   347 C  CB  . GLN A 1 43  ? -13.409 -1.626  2.170   1.00 33.74 ? 40  GLN A CB  1 
ATOM   348 C  CG  . GLN A 1 43  ? -13.466 -0.380  1.276   1.00 37.32 ? 40  GLN A CG  1 
ATOM   349 C  CD  . GLN A 1 43  ? -12.397 -0.368  0.184   1.00 43.97 ? 40  GLN A CD  1 
ATOM   350 O  OE1 . GLN A 1 43  ? -11.972 -1.417  -0.303  1.00 50.03 ? 40  GLN A OE1 1 
ATOM   351 N  NE2 . GLN A 1 43  ? -11.985 0.819   -0.217  1.00 44.66 ? 40  GLN A NE2 1 
ATOM   352 N  N   . ASN A 1 44  ? -14.917 -3.694  4.175   1.00 28.58 ? 41  ASN A N   1 
ATOM   353 C  CA  . ASN A 1 44  ? -14.657 -4.897  4.959   1.00 30.12 ? 41  ASN A CA  1 
ATOM   354 C  C   . ASN A 1 44  ? -13.655 -5.759  4.215   1.00 29.00 ? 41  ASN A C   1 
ATOM   355 O  O   . ASN A 1 44  ? -13.224 -5.395  3.102   1.00 29.15 ? 41  ASN A O   1 
ATOM   356 C  CB  . ASN A 1 44  ? -15.960 -5.634  5.296   1.00 28.73 ? 41  ASN A CB  1 
ATOM   357 C  CG  . ASN A 1 44  ? -16.722 -6.135  4.063   1.00 31.42 ? 41  ASN A CG  1 
ATOM   358 O  OD1 . ASN A 1 44  ? -16.147 -6.471  3.025   1.00 29.93 ? 41  ASN A OD1 1 
ATOM   359 N  ND2 . ASN A 1 44  ? -18.037 -6.170  4.180   1.00 32.12 ? 41  ASN A ND2 1 
ATOM   360 N  N   . PHE A 1 45  ? -13.275 -6.889  4.816   1.00 29.73 ? 42  PHE A N   1 
ATOM   361 C  CA  . PHE A 1 45  ? -12.190 -7.704  4.289   1.00 30.13 ? 42  PHE A CA  1 
ATOM   362 C  C   . PHE A 1 45  ? -12.549 -8.301  2.949   1.00 30.35 ? 42  PHE A C   1 
ATOM   363 O  O   . PHE A 1 45  ? -11.710 -8.303  2.025   1.00 29.85 ? 42  PHE A O   1 
ATOM   364 C  CB  . PHE A 1 45  ? -11.881 -8.775  5.291   1.00 29.47 ? 42  PHE A CB  1 
ATOM   365 C  CG  . PHE A 1 45  ? -10.673 -9.580  4.983   1.00 29.78 ? 42  PHE A CG  1 
ATOM   366 C  CD1 . PHE A 1 45  ? -9.432  -9.240  5.525   1.00 30.76 ? 42  PHE A CD1 1 
ATOM   367 C  CD2 . PHE A 1 45  ? -10.792 -10.758 4.221   1.00 30.09 ? 42  PHE A CD2 1 
ATOM   368 C  CE1 . PHE A 1 45  ? -8.299  -10.040 5.276   1.00 30.36 ? 42  PHE A CE1 1 
ATOM   369 C  CE2 . PHE A 1 45  ? -9.679  -11.578 3.981   1.00 30.04 ? 42  PHE A CE2 1 
ATOM   370 C  CZ  . PHE A 1 45  ? -8.433  -11.204 4.505   1.00 30.03 ? 42  PHE A CZ  1 
ATOM   371 N  N   . ASN A 1 46  ? -13.799 -8.739  2.821   1.00 30.11 ? 43  ASN A N   1 
ATOM   372 C  CA  A ASN A 1 46  ? -14.267 -9.290  1.536   0.50 30.41 ? 43  ASN A CA  1 
ATOM   373 C  CA  B ASN A 1 46  ? -14.250 -9.309  1.545   0.50 30.64 ? 43  ASN A CA  1 
ATOM   374 C  C   . ASN A 1 46  ? -14.265 -8.265  0.421   1.00 30.53 ? 43  ASN A C   1 
ATOM   375 O  O   . ASN A 1 46  ? -13.925 -8.592  -0.714  1.00 31.41 ? 43  ASN A O   1 
ATOM   376 C  CB  A ASN A 1 46  ? -15.665 -9.912  1.622   0.50 30.92 ? 43  ASN A CB  1 
ATOM   377 C  CB  B ASN A 1 46  ? -15.604 -10.036 1.687   0.50 31.29 ? 43  ASN A CB  1 
ATOM   378 C  CG  A ASN A 1 46  ? -16.074 -10.565 0.321   0.50 31.12 ? 43  ASN A CG  1 
ATOM   379 C  CG  B ASN A 1 46  ? -15.555 -11.198 2.693   0.50 32.52 ? 43  ASN A CG  1 
ATOM   380 O  OD1 A ASN A 1 46  ? -15.520 -11.591 -0.062  0.50 32.62 ? 43  ASN A OD1 1 
ATOM   381 O  OD1 B ASN A 1 46  ? -14.494 -11.746 2.990   0.50 34.39 ? 43  ASN A OD1 1 
ATOM   382 N  ND2 A ASN A 1 46  ? -17.056 -9.983  -0.368  0.50 32.99 ? 43  ASN A ND2 1 
ATOM   383 N  ND2 B ASN A 1 46  ? -16.715 -11.578 3.209   0.50 34.93 ? 43  ASN A ND2 1 
ATOM   384 N  N   . ASP A 1 47  ? -14.642 -7.023  0.744   1.00 30.93 ? 44  ASP A N   1 
ATOM   385 C  CA  . ASP A 1 47  ? -14.669 -5.904  -0.237  1.00 32.46 ? 44  ASP A CA  1 
ATOM   386 C  C   . ASP A 1 47  ? -13.264 -5.719  -0.846  1.00 31.87 ? 44  ASP A C   1 
ATOM   387 O  O   . ASP A 1 47  ? -13.092 -5.553  -2.064  1.00 30.64 ? 44  ASP A O   1 
ATOM   388 C  CB  . ASP A 1 47  ? -15.004 -4.550  0.427   1.00 33.84 ? 44  ASP A CB  1 
ATOM   389 C  CG  . ASP A 1 47  ? -16.462 -4.402  0.858   1.00 36.73 ? 44  ASP A CG  1 
ATOM   390 O  OD1 . ASP A 1 47  ? -17.370 -5.020  0.211   1.00 37.68 ? 44  ASP A OD1 1 
ATOM   391 O  OD2 . ASP A 1 47  ? -16.689 -3.609  1.839   1.00 37.94 ? 44  ASP A OD2 1 
ATOM   392 N  N   . ILE A 1 48  ? -12.281 -5.695  0.046   1.00 30.43 ? 45  ILE A N   1 
ATOM   393 C  CA  . ILE A 1 48  ? -10.874 -5.497  -0.321  1.00 30.48 ? 45  ILE A CA  1 
ATOM   394 C  C   . ILE A 1 48  ? -10.388 -6.667  -1.168  1.00 30.36 ? 45  ILE A C   1 
ATOM   395 O  O   . ILE A 1 48  ? -9.854  -6.474  -2.261  1.00 29.97 ? 45  ILE A O   1 
ATOM   396 C  CB  . ILE A 1 48  ? -9.973  -5.339  0.913   1.00 30.17 ? 45  ILE A CB  1 
ATOM   397 C  CG1 . ILE A 1 48  ? -10.378 -4.101  1.709   1.00 30.92 ? 45  ILE A CG1 1 
ATOM   398 C  CG2 . ILE A 1 48  ? -8.526  -5.179  0.504   1.00 28.80 ? 45  ILE A CG2 1 
ATOM   399 C  CD1 . ILE A 1 48  ? -9.872  -4.158  3.210   1.00 31.00 ? 45  ILE A CD1 1 
ATOM   400 N  N   . ARG A 1 49  ? -10.594 -7.887  -0.669  1.00 29.39 ? 46  ARG A N   1 
ATOM   401 C  CA  . ARG A 1 49  ? -10.151 -9.095  -1.367  1.00 30.94 ? 46  ARG A CA  1 
ATOM   402 C  C   . ARG A 1 49  ? -10.765 -9.204  -2.773  1.00 30.35 ? 46  ARG A C   1 
ATOM   403 O  O   . ARG A 1 49  ? -10.059 -9.503  -3.744  1.00 30.44 ? 46  ARG A O   1 
ATOM   404 C  CB  . ARG A 1 49  ? -10.478 -10.332 -0.505  1.00 30.61 ? 46  ARG A CB  1 
ATOM   405 C  CG  . ARG A 1 49  ? -10.107 -11.696 -1.123  1.00 31.60 ? 46  ARG A CG  1 
ATOM   406 C  CD  . ARG A 1 49  ? -10.550 -12.886 -0.225  1.00 34.32 ? 46  ARG A CD  1 
ATOM   407 N  NE  . ARG A 1 49  ? -12.002 -12.889 -0.035  1.00 39.66 ? 46  ARG A NE  1 
ATOM   408 C  CZ  . ARG A 1 49  ? -12.646 -13.276 1.069   1.00 43.59 ? 46  ARG A CZ  1 
ATOM   409 N  NH1 . ARG A 1 49  ? -13.967 -13.218 1.098   1.00 45.11 ? 46  ARG A NH1 1 
ATOM   410 N  NH2 . ARG A 1 49  ? -11.992 -13.715 2.148   1.00 45.51 ? 46  ARG A NH2 1 
ATOM   411 N  N   . SER A 1 50  ? -12.065 -8.899  -2.887  1.00 30.07 ? 47  SER A N   1 
ATOM   412 C  CA  . SER A 1 50  ? -12.782 -8.955  -4.161  1.00 31.54 ? 47  SER A CA  1 
ATOM   413 C  C   . SER A 1 50  ? -12.274 -7.952  -5.174  1.00 31.04 ? 47  SER A C   1 
ATOM   414 O  O   . SER A 1 50  ? -12.425 -8.150  -6.382  1.00 30.98 ? 47  SER A O   1 
ATOM   415 C  CB  . SER A 1 50  ? -14.257 -8.678  -3.924  1.00 31.85 ? 47  SER A CB  1 
ATOM   416 O  OG  . SER A 1 50  ? -14.844 -9.758  -3.234  1.00 35.55 ? 47  SER A OG  1 
ATOM   417 N  N   . SER A 1 51  ? -11.680 -6.871  -4.669  1.00 30.50 ? 48  SER A N   1 
ATOM   418 C  CA  A SER A 1 51  ? -11.181 -5.779  -5.496  0.50 30.66 ? 48  SER A CA  1 
ATOM   419 C  CA  B SER A 1 51  ? -11.206 -5.804  -5.536  0.50 30.50 ? 48  SER A CA  1 
ATOM   420 C  C   . SER A 1 51  ? -9.772  -6.037  -6.039  1.00 30.93 ? 48  SER A C   1 
ATOM   421 O  O   . SER A 1 51  ? -9.284  -5.287  -6.875  1.00 31.22 ? 48  SER A O   1 
ATOM   422 C  CB  A SER A 1 51  ? -11.174 -4.482  -4.691  0.50 30.43 ? 48  SER A CB  1 
ATOM   423 C  CB  B SER A 1 51  ? -11.298 -4.469  -4.809  0.50 30.30 ? 48  SER A CB  1 
ATOM   424 O  OG  A SER A 1 51  ? -12.479 -4.134  -4.284  0.50 30.15 ? 48  SER A OG  1 
ATOM   425 O  OG  B SER A 1 51  ? -10.431 -4.466  -3.696  0.50 29.08 ? 48  SER A OG  1 
ATOM   426 N  N   . ILE A 1 52  ? -9.108  -7.092  -5.555  1.00 30.63 ? 49  ILE A N   1 
ATOM   427 C  CA  . ILE A 1 52  ? -7.760  -7.424  -6.013  1.00 30.93 ? 49  ILE A CA  1 
ATOM   428 C  C   . ILE A 1 52  ? -7.782  -8.862  -6.534  1.00 31.45 ? 49  ILE A C   1 
ATOM   429 O  O   . ILE A 1 52  ? -7.549  -9.798  -5.764  1.00 30.76 ? 49  ILE A O   1 
ATOM   430 C  CB  . ILE A 1 52  ? -6.674  -7.241  -4.886  1.00 30.84 ? 49  ILE A CB  1 
ATOM   431 C  CG1 . ILE A 1 52  ? -6.740  -5.827  -4.306  1.00 31.83 ? 49  ILE A CG1 1 
ATOM   432 C  CG2 . ILE A 1 52  ? -5.275  -7.530  -5.438  1.00 33.13 ? 49  ILE A CG2 1 
ATOM   433 C  CD1 . ILE A 1 52  ? -5.916  -5.623  -3.027  1.00 30.67 ? 49  ILE A CD1 1 
ATOM   434 N  N   A PRO A 1 53  ? -7.857  -9.012  -7.870  0.50 32.17 ? 50  PRO A N   1 
ATOM   435 N  N   B PRO A 1 53  ? -8.295  -9.064  -7.764  0.50 32.15 ? 50  PRO A N   1 
ATOM   436 C  CA  A PRO A 1 53  ? -7.921  -10.307 -8.550  0.50 32.18 ? 50  PRO A CA  1 
ATOM   437 C  CA  B PRO A 1 53  ? -8.407  -10.434 -8.272  0.50 32.28 ? 50  PRO A CA  1 
ATOM   438 C  C   A PRO A 1 53  ? -6.902  -11.297 -7.990  0.50 32.28 ? 50  PRO A C   1 
ATOM   439 C  C   B PRO A 1 53  ? -7.135  -11.276 -8.073  0.50 32.52 ? 50  PRO A C   1 
ATOM   440 O  O   A PRO A 1 53  ? -5.706  -10.994 -7.975  0.50 32.32 ? 50  PRO A O   1 
ATOM   441 O  O   B PRO A 1 53  ? -6.032  -10.846 -8.386  0.50 32.62 ? 50  PRO A O   1 
ATOM   442 C  CB  A PRO A 1 53  ? -7.528  -9.953  -9.988  0.50 32.32 ? 50  PRO A CB  1 
ATOM   443 C  CB  B PRO A 1 53  ? -8.734  -10.225 -9.750  0.50 32.39 ? 50  PRO A CB  1 
ATOM   444 C  CG  A PRO A 1 53  ? -7.974  -8.574  -10.166 0.50 32.43 ? 50  PRO A CG  1 
ATOM   445 C  CG  B PRO A 1 53  ? -9.509  -8.966  -9.759  0.50 31.78 ? 50  PRO A CG  1 
ATOM   446 C  CD  A PRO A 1 53  ? -7.814  -7.894  -8.835  0.50 31.62 ? 50  PRO A CD  1 
ATOM   447 C  CD  B PRO A 1 53  ? -8.843  -8.090  -8.730  0.50 31.88 ? 50  PRO A CD  1 
ATOM   448 N  N   . GLY A 1 54  ? -7.341  -12.467 -7.519  1.00 32.85 ? 51  GLY A N   1 
ATOM   449 C  CA  . GLY A 1 54  ? -6.313  -13.449 -7.178  1.00 32.55 ? 51  GLY A CA  1 
ATOM   450 C  C   . GLY A 1 54  ? -5.594  -13.397 -5.835  1.00 31.92 ? 51  GLY A C   1 
ATOM   451 O  O   . GLY A 1 54  ? -4.873  -14.351 -5.506  1.00 32.11 ? 51  GLY A O   1 
ATOM   452 N  N   . ILE A 1 55  ? -5.746  -12.316 -5.059  1.00 30.84 ? 52  ILE A N   1 
ATOM   453 C  CA  . ILE A 1 55  ? -5.137  -12.277 -3.724  1.00 30.41 ? 52  ILE A CA  1 
ATOM   454 C  C   . ILE A 1 55  ? -5.800  -13.315 -2.786  1.00 29.49 ? 52  ILE A C   1 
ATOM   455 O  O   . ILE A 1 55  ? -7.020  -13.433 -2.771  1.00 30.15 ? 52  ILE A O   1 
ATOM   456 C  CB  . ILE A 1 55  ? -5.199  -10.837 -3.087  1.00 29.10 ? 52  ILE A CB  1 
ATOM   457 C  CG1 . ILE A 1 55  ? -4.181  -10.722 -1.944  1.00 29.13 ? 52  ILE A CG1 1 
ATOM   458 C  CG2 . ILE A 1 55  ? -6.628  -10.470 -2.641  1.00 29.74 ? 52  ILE A CG2 1 
ATOM   459 C  CD1 . ILE A 1 55  ? -3.932  -9.290  -1.368  1.00 31.94 ? 52  ILE A CD1 1 
ATOM   460 N  N   . SER A 1 56  ? -5.004  -14.064 -2.021  1.00 29.28 ? 53  SER A N   1 
ATOM   461 C  CA  . SER A 1 56  ? -5.563  -15.009 -1.039  1.00 29.08 ? 53  SER A CA  1 
ATOM   462 C  C   . SER A 1 56  ? -5.925  -14.293 0.261   1.00 28.45 ? 53  SER A C   1 
ATOM   463 O  O   . SER A 1 56  ? -5.400  -13.210 0.557   1.00 29.02 ? 53  SER A O   1 
ATOM   464 C  CB  . SER A 1 56  ? -4.573  -16.132 -0.725  1.00 28.31 ? 53  SER A CB  1 
ATOM   465 O  OG  . SER A 1 56  ? -3.436  -15.575 -0.085  1.00 29.25 ? 53  SER A OG  1 
ATOM   466 N  N   . SER A 1 57  ? -6.846  -14.887 1.023   1.00 28.29 ? 54  SER A N   1 
ATOM   467 C  CA  . SER A 1 57  ? -7.175  -14.338 2.344   1.00 29.38 ? 54  SER A CA  1 
ATOM   468 C  C   . SER A 1 57  ? -5.920  -14.279 3.206   1.00 29.47 ? 54  SER A C   1 
ATOM   469 O  O   . SER A 1 57  ? -5.717  -13.317 3.928   1.00 30.03 ? 54  SER A O   1 
ATOM   470 C  CB  . SER A 1 57  ? -8.228  -15.173 3.058   1.00 30.29 ? 54  SER A CB  1 
ATOM   471 O  OG  . SER A 1 57  ? -9.458  -15.086 2.378   1.00 32.01 ? 54  SER A OG  1 
ATOM   472 N  N   . THR A 1 58  ? -5.101  -15.330 3.151   1.00 29.45 ? 55  THR A N   1 
ATOM   473 C  CA  . THR A 1 58  ? -3.884  -15.378 3.967   1.00 29.58 ? 55  THR A CA  1 
ATOM   474 C  C   . THR A 1 58  ? -2.949  -14.201 3.656   1.00 29.16 ? 55  THR A C   1 
ATOM   475 O  O   . THR A 1 58  ? -2.480  -13.538 4.570   1.00 28.38 ? 55  THR A O   1 
ATOM   476 C  CB  . THR A 1 58  ? -3.141  -16.738 3.872   1.00 30.87 ? 55  THR A CB  1 
ATOM   477 O  OG1 . THR A 1 58  ? -3.949  -17.779 4.457   1.00 30.95 ? 55  THR A OG1 1 
ATOM   478 C  CG2 . THR A 1 58  ? -1.773  -16.679 4.609   1.00 31.28 ? 55  THR A CG2 1 
ATOM   479 N  N   . ILE A 1 59  ? -2.656  -13.978 2.380   1.00 27.97 ? 56  ILE A N   1 
ATOM   480 C  CA  . ILE A 1 59  ? -1.752  -12.883 1.999   1.00 29.61 ? 56  ILE A CA  1 
ATOM   481 C  C   . ILE A 1 59  ? -2.387  -11.542 2.356   1.00 29.82 ? 56  ILE A C   1 
ATOM   482 O  O   . ILE A 1 59  ? -1.712  -10.627 2.866   1.00 29.80 ? 56  ILE A O   1 
ATOM   483 C  CB  . ILE A 1 59  ? -1.351  -12.956 0.482   1.00 29.39 ? 56  ILE A CB  1 
ATOM   484 C  CG1 . ILE A 1 59  ? -0.579  -14.266 0.219   1.00 32.81 ? 56  ILE A CG1 1 
ATOM   485 C  CG2 . ILE A 1 59  ? -0.618  -11.634 0.015   1.00 30.71 ? 56  ILE A CG2 1 
ATOM   486 C  CD1 . ILE A 1 59  ? 0.680   -14.411 1.015   1.00 36.38 ? 56  ILE A CD1 1 
ATOM   487 N  N   . LEU A 1 60  ? -3.687  -11.397 2.096   1.00 29.61 ? 57  LEU A N   1 
ATOM   488 C  CA  . LEU A 1 60  ? -4.340  -10.124 2.412   1.00 28.72 ? 57  LEU A CA  1 
ATOM   489 C  C   . LEU A 1 60  ? -4.259  -9.825  3.903   1.00 29.13 ? 57  LEU A C   1 
ATOM   490 O  O   . LEU A 1 60  ? -3.970  -8.689  4.296   1.00 29.42 ? 57  LEU A O   1 
ATOM   491 C  CB  . LEU A 1 60  ? -5.781  -10.061 1.925   1.00 29.24 ? 57  LEU A CB  1 
ATOM   492 C  CG  . LEU A 1 60  ? -6.581  -8.768  2.216   1.00 28.18 ? 57  LEU A CG  1 
ATOM   493 C  CD1 . LEU A 1 60  ? -5.917  -7.522  1.667   1.00 29.10 ? 57  LEU A CD1 1 
ATOM   494 C  CD2 . LEU A 1 60  ? -8.006  -8.890  1.668   1.00 29.94 ? 57  LEU A CD2 1 
ATOM   495 N  N   . SER A 1 61  ? -4.506  -10.832 4.717   1.00 28.67 ? 58  SER A N   1 
ATOM   496 C  CA  . SER A 1 61  ? -4.494  -10.661 6.177   1.00 27.98 ? 58  SER A CA  1 
ATOM   497 C  C   . SER A 1 61  ? -3.066  -10.300 6.650   1.00 28.84 ? 58  SER A C   1 
ATOM   498 O  O   . SER A 1 61  ? -2.885  -9.414  7.502   1.00 30.15 ? 58  SER A O   1 
ATOM   499 C  CB  . SER A 1 61  ? -4.980  -11.959 6.843   1.00 28.77 ? 58  SER A CB  1 
ATOM   500 O  OG  . SER A 1 61  ? -4.920  -11.810 8.246   1.00 30.82 ? 58  SER A OG  1 
ATOM   501 N  N   . ARG A 1 62  ? -2.064  -10.974 6.091   1.00 28.63 ? 59  ARG A N   1 
ATOM   502 C  CA  A ARG A 1 62  ? -0.659  -10.761 6.481   0.50 29.99 ? 59  ARG A CA  1 
ATOM   503 C  CA  B ARG A 1 62  ? -0.673  -10.747 6.491   0.50 29.05 ? 59  ARG A CA  1 
ATOM   504 C  C   . ARG A 1 62  ? -0.220  -9.352  6.099   1.00 29.34 ? 59  ARG A C   1 
ATOM   505 O  O   . ARG A 1 62  ? 0.449   -8.666  6.881   1.00 29.15 ? 59  ARG A O   1 
ATOM   506 C  CB  A ARG A 1 62  ? 0.274   -11.806 5.849   0.50 29.81 ? 59  ARG A CB  1 
ATOM   507 C  CB  B ARG A 1 62  ? 0.248   -11.796 5.881   0.50 28.74 ? 59  ARG A CB  1 
ATOM   508 C  CG  A ARG A 1 62  ? 1.717   -11.729 6.364   0.50 31.40 ? 59  ARG A CG  1 
ATOM   509 C  CG  B ARG A 1 62  ? 0.090   -13.169 6.502   0.50 27.09 ? 59  ARG A CG  1 
ATOM   510 C  CD  A ARG A 1 62  ? 2.659   -12.762 5.738   0.50 31.62 ? 59  ARG A CD  1 
ATOM   511 C  CD  B ARG A 1 62  ? 1.155   -14.073 5.993   0.50 25.66 ? 59  ARG A CD  1 
ATOM   512 N  NE  A ARG A 1 62  ? 3.935   -12.146 5.373   0.50 36.53 ? 59  ARG A NE  1 
ATOM   513 N  NE  B ARG A 1 62  ? 0.935   -15.444 6.435   0.50 29.54 ? 59  ARG A NE  1 
ATOM   514 C  CZ  A ARG A 1 62  ? 5.053   -12.791 5.051   0.50 36.11 ? 59  ARG A CZ  1 
ATOM   515 C  CZ  B ARG A 1 62  ? 1.365   -16.493 5.753   0.50 30.50 ? 59  ARG A CZ  1 
ATOM   516 N  NH1 A ARG A 1 62  ? 5.114   -14.122 5.062   0.50 37.63 ? 59  ARG A NH1 1 
ATOM   517 N  NH1 B ARG A 1 62  ? 2.001   -16.316 4.604   0.50 33.01 ? 59  ARG A NH1 1 
ATOM   518 N  NH2 A ARG A 1 62  ? 6.128   -12.083 4.720   0.50 37.15 ? 59  ARG A NH2 1 
ATOM   519 N  NH2 B ARG A 1 62  ? 1.131   -17.709 6.200   0.50 27.86 ? 59  ARG A NH2 1 
ATOM   520 N  N   . ARG A 1 63  ? -0.612  -8.910  4.898   1.00 28.62 ? 60  ARG A N   1 
ATOM   521 C  CA  . ARG A 1 63  ? -0.244  -7.549  4.468   1.00 29.17 ? 60  ARG A CA  1 
ATOM   522 C  C   . ARG A 1 63  ? -0.959  -6.447  5.263   1.00 28.84 ? 60  ARG A C   1 
ATOM   523 O  O   . ARG A 1 63  ? -0.349  -5.431  5.640   1.00 28.65 ? 60  ARG A O   1 
ATOM   524 C  CB  . ARG A 1 63  ? -0.516  -7.318  2.971   1.00 29.44 ? 60  ARG A CB  1 
ATOM   525 C  CG  . ARG A 1 63  ? 0.283   -8.170  2.038   1.00 30.90 ? 60  ARG A CG  1 
ATOM   526 C  CD  . ARG A 1 63  ? 1.768   -7.878  2.000   1.00 33.16 ? 60  ARG A CD  1 
ATOM   527 N  NE  . ARG A 1 63  ? 2.245   -8.587  0.832   1.00 37.27 ? 60  ARG A NE  1 
ATOM   528 C  CZ  . ARG A 1 63  ? 2.660   -9.857  0.871   1.00 37.04 ? 60  ARG A CZ  1 
ATOM   529 N  NH1 . ARG A 1 63  ? 2.748   -10.497 2.046   1.00 37.29 ? 60  ARG A NH1 1 
ATOM   530 N  NH2 . ARG A 1 63  ? 3.018   -10.470 -0.241  1.00 36.96 ? 60  ARG A NH2 1 
ATOM   531 N  N   . ILE A 1 64  ? -2.230  -6.696  5.582   1.00 29.26 ? 61  ILE A N   1 
ATOM   532 C  CA  . ILE A 1 64  ? -3.001  -5.773  6.400   1.00 30.51 ? 61  ILE A CA  1 
ATOM   533 C  C   . ILE A 1 64  ? -2.321  -5.651  7.772   1.00 30.34 ? 61  ILE A C   1 
ATOM   534 O  O   . ILE A 1 64  ? -2.178  -4.539  8.267   1.00 30.98 ? 61  ILE A O   1 
ATOM   535 C  CB  . ILE A 1 64  ? -4.484  -6.211  6.493   1.00 30.62 ? 61  ILE A CB  1 
ATOM   536 C  CG1 . ILE A 1 64  ? -5.173  -5.791  5.173   1.00 30.31 ? 61  ILE A CG1 1 
ATOM   537 C  CG2 . ILE A 1 64  ? -5.165  -5.559  7.732   1.00 31.48 ? 61  ILE A CG2 1 
ATOM   538 C  CD1 . ILE A 1 64  ? -6.701  -6.047  5.148   1.00 32.83 ? 61  ILE A CD1 1 
ATOM   539 N  N   . LYS A 1 65  ? -1.893  -6.758  8.363   1.00 30.75 ? 62  LYS A N   1 
ATOM   540 C  CA  . LYS A 1 65  ? -1.247  -6.674  9.680   1.00 30.94 ? 62  LYS A CA  1 
ATOM   541 C  C   . LYS A 1 65  ? 0.027   -5.819  9.571   1.00 30.64 ? 62  LYS A C   1 
ATOM   542 O  O   . LYS A 1 65  ? 0.299   -4.990  10.455  1.00 30.81 ? 62  LYS A O   1 
ATOM   543 C  CB  . LYS A 1 65  ? -0.892  -8.053  10.184  1.00 31.13 ? 62  LYS A CB  1 
ATOM   544 C  CG  . LYS A 1 65  ? -0.099  -8.019  11.462  1.00 33.76 ? 62  LYS A CG  1 
ATOM   545 C  CD  . LYS A 1 65  ? 0.361   -9.395  11.854  1.00 38.55 ? 62  LYS A CD  1 
ATOM   546 C  CE  . LYS A 1 65  ? 1.440   -9.269  12.925  1.00 40.18 ? 62  LYS A CE  1 
ATOM   547 N  NZ  . LYS A 1 65  ? 0.906   -8.470  14.063  1.00 43.76 ? 62  LYS A NZ  1 
ATOM   548 N  N   . ASP A 1 66  ? 0.794   -6.014  8.496   1.00 29.42 ? 63  ASP A N   1 
ATOM   549 C  CA  . ASP A 1 66  ? 2.083   -5.329  8.395   1.00 29.50 ? 63  ASP A CA  1 
ATOM   550 C  C   . ASP A 1 66  ? 1.761   -3.858  8.181   1.00 28.62 ? 63  ASP A C   1 
ATOM   551 O  O   . ASP A 1 66  ? 2.489   -2.983  8.667   1.00 28.98 ? 63  ASP A O   1 
ATOM   552 C  CB  . ASP A 1 66  ? 2.920   -5.835  7.214   1.00 30.07 ? 63  ASP A CB  1 
ATOM   553 C  CG  . ASP A 1 66  ? 3.496   -7.214  7.432   1.00 34.15 ? 63  ASP A CG  1 
ATOM   554 O  OD1 . ASP A 1 66  ? 3.629   -7.650  8.601   1.00 36.32 ? 63  ASP A OD1 1 
ATOM   555 O  OD2 . ASP A 1 66  ? 3.841   -7.822  6.384   1.00 37.95 ? 63  ASP A OD2 1 
ATOM   556 N  N   . LEU A 1 67  ? 0.695   -3.606  7.418   1.00 28.40 ? 64  LEU A N   1 
ATOM   557 C  CA  . LEU A 1 67  ? 0.294   -2.217  7.160   1.00 26.03 ? 64  LEU A CA  1 
ATOM   558 C  C   . LEU A 1 67  ? -0.206  -1.487  8.409   1.00 27.98 ? 64  LEU A C   1 
ATOM   559 O  O   . LEU A 1 67  ? 0.049   -0.286  8.583   1.00 28.27 ? 64  LEU A O   1 
ATOM   560 C  CB  . LEU A 1 67  ? -0.737  -2.114  6.017   1.00 27.42 ? 64  LEU A CB  1 
ATOM   561 C  CG  . LEU A 1 67  ? -0.186  -2.334  4.610   1.00 26.45 ? 64  LEU A CG  1 
ATOM   562 C  CD1 . LEU A 1 67  ? -1.374  -2.682  3.628   1.00 26.39 ? 64  LEU A CD1 1 
ATOM   563 C  CD2 . LEU A 1 67  ? 0.678   -1.224  4.057   1.00 28.59 ? 64  LEU A CD2 1 
ATOM   564 N  N   . ILE A 1 68  ? -0.944  -2.205  9.249   1.00 27.87 ? 65  ILE A N   1 
ATOM   565 C  CA  . ILE A 1 68  ? -1.388  -1.671  10.555  1.00 28.22 ? 65  ILE A CA  1 
ATOM   566 C  C   . ILE A 1 68  ? -0.148  -1.401  11.434  1.00 28.92 ? 65  ILE A C   1 
ATOM   567 O  O   . ILE A 1 68  ? -0.005  -0.329  12.027  1.00 28.86 ? 65  ILE A O   1 
ATOM   568 C  CB  . ILE A 1 68  ? -2.342  -2.658  11.234  1.00 27.86 ? 65  ILE A CB  1 
ATOM   569 C  CG1 . ILE A 1 68  ? -3.669  -2.730  10.467  1.00 28.61 ? 65  ILE A CG1 1 
ATOM   570 C  CG2 . ILE A 1 68  ? -2.563  -2.255  12.724  1.00 27.84 ? 65  ILE A CG2 1 
ATOM   571 C  CD1 . ILE A 1 68  ? -4.602  -3.873  10.960  1.00 28.47 ? 65  ILE A CD1 1 
ATOM   572 N  N   . ASP A 1 69  ? 0.748   -2.371  11.511  1.00 28.29 ? 66  ASP A N   1 
ATOM   573 C  CA  . ASP A 1 69  ? 1.970   -2.219  12.317  1.00 30.66 ? 66  ASP A CA  1 
ATOM   574 C  C   . ASP A 1 69  ? 2.827   -1.018  11.876  1.00 30.59 ? 66  ASP A C   1 
ATOM   575 O  O   . ASP A 1 69  ? 3.451   -0.354  12.717  1.00 30.51 ? 66  ASP A O   1 
ATOM   576 C  CB  . ASP A 1 69  ? 2.757   -3.525  12.322  1.00 31.59 ? 66  ASP A CB  1 
ATOM   577 C  CG  . ASP A 1 69  ? 2.055   -4.646  13.107  1.00 36.35 ? 66  ASP A CG  1 
ATOM   578 O  OD1 . ASP A 1 69  ? 1.015   -4.393  13.772  1.00 40.91 ? 66  ASP A OD1 1 
ATOM   579 O  OD2 . ASP A 1 69  ? 2.553   -5.784  13.066  1.00 39.91 ? 66  ASP A OD2 1 
ATOM   580 N  N   . SER A 1 70  ? 2.829   -0.739  10.572  1.00 29.87 ? 67  SER A N   1 
ATOM   581 C  CA  A SER A 1 70  ? 3.607   0.350   9.984   0.50 30.17 ? 67  SER A CA  1 
ATOM   582 C  CA  B SER A 1 70  ? 3.622   0.361   10.010  0.50 30.43 ? 67  SER A CA  1 
ATOM   583 C  C   . SER A 1 70  ? 2.889   1.699   10.025  1.00 30.20 ? 67  SER A C   1 
ATOM   584 O  O   . SER A 1 70  ? 3.449   2.711   9.600   1.00 30.92 ? 67  SER A O   1 
ATOM   585 C  CB  A SER A 1 70  ? 4.037   -0.022  8.561   0.50 30.09 ? 67  SER A CB  1 
ATOM   586 C  CB  B SER A 1 70  ? 4.111   0.029   8.600   0.50 30.49 ? 67  SER A CB  1 
ATOM   587 O  OG  A SER A 1 70  ? 4.899   -1.153  8.607   0.50 30.21 ? 67  SER A OG  1 
ATOM   588 O  OG  B SER A 1 70  ? 3.019   -0.152  7.737   0.50 31.76 ? 67  SER A OG  1 
ATOM   589 N  N   . GLY A 1 71  ? 1.658   1.698   10.558  1.00 29.53 ? 68  GLY A N   1 
ATOM   590 C  CA  . GLY A 1 71  ? 0.870   2.928   10.758  1.00 29.80 ? 68  GLY A CA  1 
ATOM   591 C  C   . GLY A 1 71  ? 0.208   3.483   9.508   1.00 29.21 ? 68  GLY A C   1 
ATOM   592 O  O   . GLY A 1 71  ? -0.179  4.662   9.475   1.00 30.11 ? 68  GLY A O   1 
ATOM   593 N  N   . LEU A 1 72  ? 0.097   2.661   8.466   1.00 29.88 ? 69  LEU A N   1 
ATOM   594 C  CA  . LEU A 1 72  ? -0.520  3.091   7.204   1.00 27.91 ? 69  LEU A CA  1 
ATOM   595 C  C   . LEU A 1 72  ? -2.004  2.724   7.089   1.00 29.19 ? 69  LEU A C   1 
ATOM   596 O  O   . LEU A 1 72  ? -2.710  3.323   6.272   1.00 29.94 ? 69  LEU A O   1 
ATOM   597 C  CB  . LEU A 1 72  ? 0.250   2.489   5.979   1.00 28.59 ? 69  LEU A CB  1 
ATOM   598 C  CG  . LEU A 1 72  ? 1.758   2.869   6.016   1.00 26.72 ? 69  LEU A CG  1 
ATOM   599 C  CD1 . LEU A 1 72  ? 2.389   2.301   4.792   1.00 30.74 ? 69  LEU A CD1 1 
ATOM   600 C  CD2 . LEU A 1 72  ? 1.942   4.397   6.044   1.00 28.81 ? 69  LEU A CD2 1 
ATOM   601 N  N   . VAL A 1 73  ? -2.446  1.712   7.844   1.00 29.25 ? 70  VAL A N   1 
ATOM   602 C  CA  . VAL A 1 73  ? -3.861  1.217   7.801   1.00 28.03 ? 70  VAL A CA  1 
ATOM   603 C  C   . VAL A 1 73  ? -4.352  1.045   9.240   1.00 28.87 ? 70  VAL A C   1 
ATOM   604 O  O   . VAL A 1 73  ? -3.564  0.798   10.145  1.00 28.62 ? 70  VAL A O   1 
ATOM   605 C  CB  . VAL A 1 73  ? -3.898  -0.110  7.040   1.00 28.54 ? 70  VAL A CB  1 
ATOM   606 C  CG1 . VAL A 1 73  ? -5.253  -0.878  7.188   1.00 29.42 ? 70  VAL A CG1 1 
ATOM   607 C  CG2 . VAL A 1 73  ? -3.600  0.148   5.561   1.00 28.41 ? 70  VAL A CG2 1 
ATOM   608 N  N   . GLU A 1 74  ? -5.654  1.234   9.451   1.00 28.71 ? 71  GLU A N   1 
ATOM   609 C  CA  . GLU A 1 74  ? -6.243  0.880   10.742  1.00 29.45 ? 71  GLU A CA  1 
ATOM   610 C  C   . GLU A 1 74  ? -7.502  0.056   10.514  1.00 31.15 ? 71  GLU A C   1 
ATOM   611 O  O   . GLU A 1 74  ? -8.194  0.202   9.463   1.00 29.70 ? 71  GLU A O   1 
ATOM   612 C  CB  . GLU A 1 74  ? -6.529  2.134   11.577  1.00 30.64 ? 71  GLU A CB  1 
ATOM   613 C  CG  . GLU A 1 74  ? -7.208  3.240   10.813  1.00 35.69 ? 71  GLU A CG  1 
ATOM   614 C  CD  . GLU A 1 74  ? -8.727  3.238   10.937  1.00 43.35 ? 71  GLU A CD  1 
ATOM   615 O  OE1 . GLU A 1 74  ? -9.335  4.220   10.465  1.00 42.21 ? 71  GLU A OE1 1 
ATOM   616 O  OE2 . GLU A 1 74  ? -9.301  2.273   11.515  1.00 46.17 ? 71  GLU A OE2 1 
ATOM   617 N  N   . ARG A 1 75  ? -7.764  -0.841  11.476  1.00 29.67 ? 72  ARG A N   1 
ATOM   618 C  CA  . ARG A 1 75  ? -8.978  -1.677  11.490  1.00 30.13 ? 72  ARG A CA  1 
ATOM   619 C  C   . ARG A 1 75  ? -9.966  -1.072  12.501  1.00 30.14 ? 72  ARG A C   1 
ATOM   620 O  O   . ARG A 1 75  ? -9.571  -0.712  13.612  1.00 30.30 ? 72  ARG A O   1 
ATOM   621 C  CB  . ARG A 1 75  ? -8.621  -3.117  11.889  1.00 31.80 ? 72  ARG A CB  1 
ATOM   622 C  CG  . ARG A 1 75  ? -9.833  -4.054  12.086  1.00 31.36 ? 72  ARG A CG  1 
ATOM   623 C  CD  . ARG A 1 75  ? -9.428  -5.417  12.797  1.00 32.95 ? 72  ARG A CD  1 
ATOM   624 N  NE  . ARG A 1 75  ? -8.530  -6.113  11.930  1.00 37.99 ? 72  ARG A NE  1 
ATOM   625 C  CZ  . ARG A 1 75  ? -7.230  -6.257  12.159  1.00 41.51 ? 72  ARG A CZ  1 
ATOM   626 N  NH1 . ARG A 1 75  ? -6.482  -6.892  11.258  1.00 38.82 ? 72  ARG A NH1 1 
ATOM   627 N  NH2 . ARG A 1 75  ? -6.689  -5.743  13.264  1.00 42.15 ? 72  ARG A NH2 1 
ATOM   628 N  N   . ARG A 1 76  ? -11.229 -0.921  12.092  1.00 28.92 ? 73  ARG A N   1 
ATOM   629 C  CA  . ARG A 1 76  ? -12.258 -0.566  13.053  1.00 29.77 ? 73  ARG A CA  1 
ATOM   630 C  C   . ARG A 1 76  ? -13.114 -1.779  13.346  1.00 28.36 ? 73  ARG A C   1 
ATOM   631 O  O   . ARG A 1 76  ? -13.694 -2.302  12.417  1.00 28.53 ? 73  ARG A O   1 
ATOM   632 C  CB  . ARG A 1 76  ? -13.162 0.508   12.448  1.00 30.56 ? 73  ARG A CB  1 
ATOM   633 C  CG  . ARG A 1 76  ? -14.227 1.014   13.416  1.00 32.27 ? 73  ARG A CG  1 
ATOM   634 C  CD  . ARG A 1 76  ? -15.162 2.016   12.720  1.00 31.81 ? 73  ARG A CD  1 
ATOM   635 N  NE  . ARG A 1 76  ? -16.189 2.529   13.623  1.00 35.20 ? 73  ARG A NE  1 
ATOM   636 C  CZ  . ARG A 1 76  ? -17.372 1.941   13.830  1.00 36.59 ? 73  ARG A CZ  1 
ATOM   637 N  NH1 . ARG A 1 76  ? -17.695 0.828   13.165  1.00 38.21 ? 73  ARG A NH1 1 
ATOM   638 N  NH2 . ARG A 1 76  ? -18.246 2.471   14.690  1.00 33.02 ? 73  ARG A NH2 1 
ATOM   639 N  N   . SER A 1 77  ? -13.230 -2.198  14.606  1.00 28.58 ? 74  SER A N   1 
ATOM   640 C  CA  . SER A 1 77  ? -14.125 -3.277  14.954  1.00 28.95 ? 74  SER A CA  1 
ATOM   641 C  C   . SER A 1 77  ? -15.373 -2.653  15.540  1.00 28.76 ? 74  SER A C   1 
ATOM   642 O  O   . SER A 1 77  ? -15.345 -2.114  16.661  1.00 28.16 ? 74  SER A O   1 
ATOM   643 C  CB  . SER A 1 77  ? -13.527 -4.241  16.005  1.00 30.53 ? 74  SER A CB  1 
ATOM   644 O  OG  . SER A 1 77  ? -12.245 -4.717  15.649  1.00 35.64 ? 74  SER A OG  1 
ATOM   645 N  N   . GLY A 1 78  ? -16.444 -2.664  14.752  1.00 29.21 ? 75  GLY A N   1 
ATOM   646 C  CA  . GLY A 1 78  ? -17.752 -2.186  15.190  1.00 28.28 ? 75  GLY A CA  1 
ATOM   647 C  C   . GLY A 1 78  ? -18.744 -3.340  15.033  1.00 29.02 ? 75  GLY A C   1 
ATOM   648 O  O   . GLY A 1 78  ? -18.410 -4.494  15.262  1.00 28.84 ? 75  GLY A O   1 
ATOM   649 N  N   . GLN A 1 79  ? -19.978 -3.047  14.662  1.00 27.77 ? 76  GLN A N   1 
ATOM   650 C  CA  . GLN A 1 79  ? -20.906 -4.139  14.395  1.00 27.63 ? 76  GLN A CA  1 
ATOM   651 C  C   . GLN A 1 79  ? -20.424 -4.902  13.167  1.00 28.99 ? 76  GLN A C   1 
ATOM   652 O  O   . GLN A 1 79  ? -20.744 -6.088  13.014  1.00 29.21 ? 76  GLN A O   1 
ATOM   653 C  CB  . GLN A 1 79  ? -22.316 -3.615  14.223  1.00 27.27 ? 76  GLN A CB  1 
ATOM   654 C  CG  . GLN A 1 79  ? -22.845 -3.114  15.550  1.00 26.64 ? 76  GLN A CG  1 
ATOM   655 C  CD  . GLN A 1 79  ? -24.241 -2.554  15.481  1.00 28.25 ? 76  GLN A CD  1 
ATOM   656 O  OE1 . GLN A 1 79  ? -24.549 -1.706  14.644  1.00 32.85 ? 76  GLN A OE1 1 
ATOM   657 N  NE2 . GLN A 1 79  ? -25.078 -2.992  16.377  1.00 29.95 ? 76  GLN A NE2 1 
ATOM   658 N  N   . ILE A 1 80  ? -19.697 -4.211  12.293  1.00 27.96 ? 77  ILE A N   1 
ATOM   659 C  CA  . ILE A 1 80  ? -18.894 -4.868  11.232  1.00 29.86 ? 77  ILE A CA  1 
ATOM   660 C  C   . ILE A 1 80  ? -17.442 -4.415  11.389  1.00 29.27 ? 77  ILE A C   1 
ATOM   661 O  O   . ILE A 1 80  ? -17.187 -3.421  12.076  1.00 30.11 ? 77  ILE A O   1 
ATOM   662 C  CB  . ILE A 1 80  ? -19.422 -4.554  9.804   1.00 28.85 ? 77  ILE A CB  1 
ATOM   663 C  CG1 . ILE A 1 80  ? -19.317 -3.046  9.503   1.00 32.17 ? 77  ILE A CG1 1 
ATOM   664 C  CG2 . ILE A 1 80  ? -20.885 -5.052  9.653   1.00 31.06 ? 77  ILE A CG2 1 
ATOM   665 C  CD1 . ILE A 1 80  ? -19.717 -2.627  8.052   1.00 33.47 ? 77  ILE A CD1 1 
ATOM   666 N  N   . THR A 1 81  ? -16.513 -5.163  10.787  1.00 28.43 ? 78  THR A N   1 
ATOM   667 C  CA  . THR A 1 81  ? -15.086 -4.839  10.835  1.00 28.22 ? 78  THR A CA  1 
ATOM   668 C  C   . THR A 1 81  ? -14.682 -4.273  9.489   1.00 28.52 ? 78  THR A C   1 
ATOM   669 O  O   . THR A 1 81  ? -14.920 -4.896  8.429   1.00 28.61 ? 78  THR A O   1 
ATOM   670 C  CB  . THR A 1 81  ? -14.255 -6.087  11.125  1.00 28.75 ? 78  THR A CB  1 
ATOM   671 O  OG1 . THR A 1 81  ? -14.647 -6.591  12.407  1.00 31.34 ? 78  THR A OG1 1 
ATOM   672 C  CG2 . THR A 1 81  ? -12.767 -5.750  11.176  1.00 31.08 ? 78  THR A CG2 1 
ATOM   673 N  N   . THR A 1 82  ? -14.086 -3.086  9.520   1.00 28.37 ? 79  THR A N   1 
ATOM   674 C  CA  . THR A 1 82  ? -13.724 -2.383  8.290   1.00 28.26 ? 79  THR A CA  1 
ATOM   675 C  C   . THR A 1 82  ? -12.307 -1.814  8.412   1.00 28.32 ? 79  THR A C   1 
ATOM   676 O  O   . THR A 1 82  ? -11.772 -1.751  9.520   1.00 28.07 ? 79  THR A O   1 
ATOM   677 C  CB  . THR A 1 82  ? -14.707 -1.233  7.978   1.00 29.29 ? 79  THR A CB  1 
ATOM   678 O  OG1 . THR A 1 82  ? -14.724 -0.325  9.077   1.00 29.38 ? 79  THR A OG1 1 
ATOM   679 C  CG2 . THR A 1 82  ? -16.133 -1.780  7.709   1.00 28.94 ? 79  THR A CG2 1 
ATOM   680 N  N   . TYR A 1 83  ? -11.748 -1.381  7.278   1.00 29.04 ? 80  TYR A N   1 
ATOM   681 C  CA  . TYR A 1 83  ? -10.354 -0.962  7.183   1.00 29.15 ? 80  TYR A CA  1 
ATOM   682 C  C   . TYR A 1 83  ? -10.318 0.362   6.411   1.00 29.55 ? 80  TYR A C   1 
ATOM   683 O  O   . TYR A 1 83  ? -11.147 0.631   5.539   1.00 29.25 ? 80  TYR A O   1 
ATOM   684 C  CB  . TYR A 1 83  ? -9.539  -2.054  6.444   1.00 29.63 ? 80  TYR A CB  1 
ATOM   685 C  CG  . TYR A 1 83  ? -9.621  -3.461  7.093   1.00 30.27 ? 80  TYR A CG  1 
ATOM   686 C  CD1 . TYR A 1 83  ? -8.619  -3.904  7.954   1.00 31.09 ? 80  TYR A CD1 1 
ATOM   687 C  CD2 . TYR A 1 83  ? -10.718 -4.307  6.872   1.00 30.34 ? 80  TYR A CD2 1 
ATOM   688 C  CE1 . TYR A 1 83  ? -8.706  -5.198  8.580   1.00 31.37 ? 80  TYR A CE1 1 
ATOM   689 C  CE2 . TYR A 1 83  ? -10.811 -5.584  7.494   1.00 31.96 ? 80  TYR A CE2 1 
ATOM   690 C  CZ  . TYR A 1 83  ? -9.803  -5.992  8.339   1.00 31.74 ? 80  TYR A CZ  1 
ATOM   691 O  OH  . TYR A 1 83  ? -9.923  -7.234  8.935   1.00 34.84 ? 80  TYR A OH  1 
ATOM   692 N  N   . ALA A 1 84  ? -9.332  1.174   6.747   1.00 30.07 ? 81  ALA A N   1 
ATOM   693 C  CA  . ALA A 1 84  ? -9.146  2.441   6.090   1.00 29.00 ? 81  ALA A CA  1 
ATOM   694 C  C   . ALA A 1 84  ? -7.676  2.821   6.194   1.00 29.39 ? 81  ALA A C   1 
ATOM   695 O  O   . ALA A 1 84  ? -6.952  2.399   7.102   1.00 28.04 ? 81  ALA A O   1 
ATOM   696 C  CB  . ALA A 1 84  ? -10.002 3.537   6.763   1.00 30.87 ? 81  ALA A CB  1 
ATOM   697 N  N   . LEU A 1 85  ? -7.253  3.665   5.272   1.00 27.83 ? 82  LEU A N   1 
ATOM   698 C  CA  . LEU A 1 85  ? -5.917  4.246   5.356   1.00 28.72 ? 82  LEU A CA  1 
ATOM   699 C  C   . LEU A 1 85  ? -5.876  5.291   6.484   1.00 28.37 ? 82  LEU A C   1 
ATOM   700 O  O   . LEU A 1 85  ? -6.836  6.073   6.705   1.00 29.93 ? 82  LEU A O   1 
ATOM   701 C  CB  . LEU A 1 85  ? -5.605  4.927   4.031   1.00 29.13 ? 82  LEU A CB  1 
ATOM   702 C  CG  . LEU A 1 85  ? -5.445  3.967   2.849   1.00 29.42 ? 82  LEU A CG  1 
ATOM   703 C  CD1 . LEU A 1 85  ? -5.288  4.837   1.627   1.00 30.83 ? 82  LEU A CD1 1 
ATOM   704 C  CD2 . LEU A 1 85  ? -4.220  3.055   3.042   1.00 32.79 ? 82  LEU A CD2 1 
ATOM   705 N  N   . THR A 1 86  ? -4.749  5.330   7.184   1.00 28.05 ? 83  THR A N   1 
ATOM   706 C  CA  . THR A 1 86  ? -4.449  6.442   8.079   1.00 29.08 ? 83  THR A CA  1 
ATOM   707 C  C   . THR A 1 86  ? -4.004  7.658   7.258   1.00 28.70 ? 83  THR A C   1 
ATOM   708 O  O   . THR A 1 86  ? -3.850  7.575   6.021   1.00 28.56 ? 83  THR A O   1 
ATOM   709 C  CB  . THR A 1 86  ? -3.290  6.054   9.013   1.00 28.31 ? 83  THR A CB  1 
ATOM   710 O  OG1 . THR A 1 86  ? -2.125  5.851   8.208   1.00 28.09 ? 83  THR A OG1 1 
ATOM   711 C  CG2 . THR A 1 86  ? -3.631  4.804   9.856   1.00 29.71 ? 83  THR A CG2 1 
ATOM   712 N  N   . GLU A 1 87  ? -3.792  8.802   7.919   1.00 28.48 ? 84  GLU A N   1 
ATOM   713 C  CA  . GLU A 1 87  ? -3.222  9.974   7.236   1.00 28.21 ? 84  GLU A CA  1 
ATOM   714 C  C   . GLU A 1 87  ? -1.933  9.601   6.518   1.00 27.98 ? 84  GLU A C   1 
ATOM   715 O  O   . GLU A 1 87  ? -1.741  9.959   5.355   1.00 28.08 ? 84  GLU A O   1 
ATOM   716 C  CB  . GLU A 1 87  ? -2.945  11.110  8.228   1.00 28.97 ? 84  GLU A CB  1 
ATOM   717 C  CG  . GLU A 1 87  ? -2.343  12.320  7.553   1.00 32.03 ? 84  GLU A CG  1 
ATOM   718 C  CD  . GLU A 1 87  ? -2.497  13.597  8.350   1.00 37.40 ? 84  GLU A CD  1 
ATOM   719 O  OE1 . GLU A 1 87  ? -2.964  13.551  9.517   1.00 39.68 ? 84  GLU A OE1 1 
ATOM   720 O  OE2 . GLU A 1 87  ? -2.143  14.658  7.793   1.00 40.80 ? 84  GLU A OE2 1 
ATOM   721 N  N   . LYS A 1 88  ? -1.060  8.854   7.191   1.00 26.90 ? 85  LYS A N   1 
ATOM   722 C  CA  . LYS A 1 88  ? 0.190   8.387   6.515   1.00 27.64 ? 85  LYS A CA  1 
ATOM   723 C  C   . LYS A 1 88  ? -0.088  7.479   5.311   1.00 27.48 ? 85  LYS A C   1 
ATOM   724 O  O   . LYS A 1 88  ? 0.557   7.642   4.261   1.00 28.05 ? 85  LYS A O   1 
ATOM   725 C  CB  . LYS A 1 88  ? 1.150   7.699   7.481   1.00 26.47 ? 85  LYS A CB  1 
ATOM   726 C  CG  . LYS A 1 88  ? 1.768   8.646   8.540   1.00 29.97 ? 85  LYS A CG  1 
ATOM   727 C  CD  . LYS A 1 88  ? 2.548   7.835   9.526   1.00 31.77 ? 85  LYS A CD  1 
ATOM   728 C  CE  . LYS A 1 88  ? 3.250   8.746   10.537  1.00 34.52 ? 85  LYS A CE  1 
ATOM   729 N  NZ  . LYS A 1 88  ? 3.859   7.933   11.651  1.00 37.09 ? 85  LYS A NZ  1 
ATOM   730 N  N   . GLY A 1 89  ? -1.035  6.550   5.447   1.00 27.29 ? 86  GLY A N   1 
ATOM   731 C  CA  . GLY A 1 89  ? -1.363  5.629   4.338   1.00 27.82 ? 86  GLY A CA  1 
ATOM   732 C  C   . GLY A 1 89  ? -1.901  6.412   3.145   1.00 27.71 ? 86  GLY A C   1 
ATOM   733 O  O   . GLY A 1 89  ? -1.567  6.102   1.973   1.00 26.30 ? 86  GLY A O   1 
HETATM 734 N  N   . MSE A 1 90  ? -2.714  7.425   3.431   1.00 28.52 ? 87  MSE A N   1 
HETATM 735 C  CA  . MSE A 1 90  ? -3.260  8.263   2.343   1.00 29.23 ? 87  MSE A CA  1 
HETATM 736 C  C   . MSE A 1 90  ? -2.146  9.085   1.644   1.00 29.18 ? 87  MSE A C   1 
HETATM 737 O  O   . MSE A 1 90  ? -2.137  9.237   0.408   1.00 28.95 ? 87  MSE A O   1 
HETATM 738 C  CB  . MSE A 1 90  ? -4.373  9.196   2.842   1.00 30.36 ? 87  MSE A CB  1 
HETATM 739 C  CG  . MSE A 1 90  ? -5.034  9.979   1.681   1.00 32.97 ? 87  MSE A CG  1 
HETATM 740 SE SE  . MSE A 1 90  ? -5.913  8.815   0.323   0.55 36.03 ? 87  MSE A SE  1 
HETATM 741 C  CE  . MSE A 1 90  ? -7.261  8.062   1.476   1.00 35.53 ? 87  MSE A CE  1 
ATOM   742 N  N   . ASN A 1 91  ? -1.177  9.554   2.416   1.00 28.62 ? 88  ASN A N   1 
ATOM   743 C  CA  . ASN A 1 91  ? 0.011   10.177  1.821   1.00 28.64 ? 88  ASN A CA  1 
ATOM   744 C  C   . ASN A 1 91  ? 0.783   9.230   0.905   1.00 27.84 ? 88  ASN A C   1 
ATOM   745 O  O   . ASN A 1 91  ? 1.204   9.601   -0.194  1.00 27.84 ? 88  ASN A O   1 
ATOM   746 C  CB  . ASN A 1 91  ? 0.936   10.703  2.916   1.00 29.00 ? 88  ASN A CB  1 
ATOM   747 C  CG  . ASN A 1 91  ? 0.344   11.879  3.658   1.00 29.45 ? 88  ASN A CG  1 
ATOM   748 O  OD1 . ASN A 1 91  ? -0.496  12.612  3.123   1.00 27.66 ? 88  ASN A OD1 1 
ATOM   749 N  ND2 . ASN A 1 91  ? 0.765   12.064  4.891   1.00 28.75 ? 88  ASN A ND2 1 
ATOM   750 N  N   . VAL A 1 92  ? 1.016   8.010   1.360   1.00 27.04 ? 89  VAL A N   1 
ATOM   751 C  CA  . VAL A 1 92  ? 1.596   7.009   0.459   1.00 28.12 ? 89  VAL A CA  1 
ATOM   752 C  C   . VAL A 1 92  ? 0.747   6.837   -0.821  1.00 27.67 ? 89  VAL A C   1 
ATOM   753 O  O   . VAL A 1 92  ? 1.288   6.789   -1.912  1.00 26.90 ? 89  VAL A O   1 
ATOM   754 C  CB  . VAL A 1 92  ? 1.750   5.651   1.196   1.00 28.20 ? 89  VAL A CB  1 
ATOM   755 C  CG1 . VAL A 1 92  ? 2.205   4.494   0.214   1.00 27.42 ? 89  VAL A CG1 1 
ATOM   756 C  CG2 . VAL A 1 92  ? 2.757   5.797   2.399   1.00 30.21 ? 89  VAL A CG2 1 
ATOM   757 N  N   . ARG A 1 93  ? -0.571  6.758   -0.667  1.00 28.09 ? 90  ARG A N   1 
ATOM   758 C  CA  . ARG A 1 93  ? -1.423  6.446   -1.814  1.00 28.32 ? 90  ARG A CA  1 
ATOM   759 C  C   . ARG A 1 93  ? -1.282  7.583   -2.781  1.00 27.74 ? 90  ARG A C   1 
ATOM   760 O  O   . ARG A 1 93  ? -1.188  7.382   -3.995  1.00 27.95 ? 90  ARG A O   1 
ATOM   761 C  CB  . ARG A 1 93  ? -2.871  6.297   -1.408  1.00 28.07 ? 90  ARG A CB  1 
ATOM   762 C  CG  . ARG A 1 93  ? -3.724  5.792   -2.588  1.00 25.86 ? 90  ARG A CG  1 
ATOM   763 C  CD  . ARG A 1 93  ? -5.159  5.709   -2.196  1.00 26.49 ? 90  ARG A CD  1 
ATOM   764 N  NE  . ARG A 1 93  ? -6.005  5.046   -3.183  1.00 28.18 ? 90  ARG A NE  1 
ATOM   765 C  CZ  . ARG A 1 93  ? -6.525  5.617   -4.271  1.00 29.31 ? 90  ARG A CZ  1 
ATOM   766 N  NH1 . ARG A 1 93  ? -7.272  4.888   -5.112  1.00 25.94 ? 90  ARG A NH1 1 
ATOM   767 N  NH2 . ARG A 1 93  ? -6.316  6.911   -4.518  1.00 26.86 ? 90  ARG A NH2 1 
ATOM   768 N  N   . ASN A 1 94  ? -1.258  8.787   -2.231  1.00 28.92 ? 91  ASN A N   1 
ATOM   769 C  CA  . ASN A 1 94  ? -1.143  10.015  -3.053  1.00 29.99 ? 91  ASN A CA  1 
ATOM   770 C  C   . ASN A 1 94  ? 0.112   9.970   -3.950  1.00 32.12 ? 91  ASN A C   1 
ATOM   771 O  O   . ASN A 1 94  ? 0.040   10.320  -5.122  1.00 31.33 ? 91  ASN A O   1 
ATOM   772 C  CB  . ASN A 1 94  ? -1.132  11.298  -2.199  1.00 30.37 ? 91  ASN A CB  1 
ATOM   773 C  CG  . ASN A 1 94  ? -2.503  11.638  -1.643  1.00 32.67 ? 91  ASN A CG  1 
ATOM   774 O  OD1 . ASN A 1 94  ? -3.524  11.103  -2.098  1.00 32.25 ? 91  ASN A OD1 1 
ATOM   775 N  ND2 . ASN A 1 94  ? -2.535  12.515  -0.631  1.00 32.87 ? 91  ASN A ND2 1 
ATOM   776 N  N   . SER A 1 95  ? 1.244   9.535   -3.400  1.00 32.21 ? 92  SER A N   1 
ATOM   777 C  CA  A SER A 1 95  ? 2.469   9.414   -4.203  0.50 33.67 ? 92  SER A CA  1 
ATOM   778 C  CA  B SER A 1 95  ? 2.481   9.404   -4.173  0.50 33.29 ? 92  SER A CA  1 
ATOM   779 C  C   . SER A 1 95  ? 2.485   8.190   -5.096  1.00 33.56 ? 92  SER A C   1 
ATOM   780 O  O   . SER A 1 95  ? 3.198   8.156   -6.091  1.00 35.19 ? 92  SER A O   1 
ATOM   781 C  CB  A SER A 1 95  ? 3.718   9.441   -3.326  0.50 33.85 ? 92  SER A CB  1 
ATOM   782 C  CB  B SER A 1 95  ? 3.691   9.379   -3.237  0.50 33.40 ? 92  SER A CB  1 
ATOM   783 O  OG  A SER A 1 95  ? 3.654   10.509  -2.415  0.50 34.68 ? 92  SER A OG  1 
ATOM   784 O  OG  B SER A 1 95  ? 3.554   8.353   -2.266  0.50 31.80 ? 92  SER A OG  1 
ATOM   785 N  N   . LEU A 1 96  ? 1.683   7.182   -4.762  1.00 32.37 ? 93  LEU A N   1 
ATOM   786 C  CA  . LEU A 1 96  ? 1.631   5.969   -5.525  1.00 32.67 ? 93  LEU A CA  1 
ATOM   787 C  C   . LEU A 1 96  ? 0.872   6.103   -6.827  1.00 30.83 ? 93  LEU A C   1 
ATOM   788 O  O   . LEU A 1 96  ? 1.270   5.485   -7.816  1.00 30.82 ? 93  LEU A O   1 
ATOM   789 C  CB  . LEU A 1 96  ? 0.963   4.882   -4.674  1.00 33.56 ? 93  LEU A CB  1 
ATOM   790 C  CG  . LEU A 1 96  ? 1.175   3.404   -4.822  1.00 38.72 ? 93  LEU A CG  1 
ATOM   791 C  CD1 . LEU A 1 96  ? 2.690   3.071   -5.006  1.00 35.81 ? 93  LEU A CD1 1 
ATOM   792 C  CD2 . LEU A 1 96  ? 0.568   2.690   -3.565  1.00 34.93 ? 93  LEU A CD2 1 
HETATM 793 N  N   . MSE A 1 97  ? -0.211  6.894   -6.846  1.00 30.72 ? 94  MSE A N   1 
HETATM 794 C  CA  . MSE A 1 97  ? -1.128  6.869   -8.005  1.00 30.72 ? 94  MSE A CA  1 
HETATM 795 C  C   . MSE A 1 97  ? -0.460  7.268   -9.335  1.00 29.84 ? 94  MSE A C   1 
HETATM 796 O  O   . MSE A 1 97  ? -0.703  6.611   -10.336 1.00 30.74 ? 94  MSE A O   1 
HETATM 797 C  CB  . MSE A 1 97  ? -2.429  7.628   -7.737  1.00 31.52 ? 94  MSE A CB  1 
HETATM 798 C  CG  . MSE A 1 97  ? -3.268  7.064   -6.576  1.00 34.65 ? 94  MSE A CG  1 
HETATM 799 SE SE  . MSE A 1 97  ? -3.322  5.085   -6.380  0.70 44.93 ? 94  MSE A SE  1 
HETATM 800 C  CE  . MSE A 1 97  ? -4.318  4.728   -7.938  1.00 41.24 ? 94  MSE A CE  1 
ATOM   801 N  N   . PRO A 1 98  ? 0.387   8.320   -9.356  1.00 29.05 ? 95  PRO A N   1 
ATOM   802 C  CA  . PRO A 1 98  ? 1.027   8.600   -10.655 1.00 29.62 ? 95  PRO A CA  1 
ATOM   803 C  C   . PRO A 1 98  ? 1.921   7.473   -11.168 1.00 29.38 ? 95  PRO A C   1 
ATOM   804 O  O   . PRO A 1 98  ? 1.997   7.238   -12.399 1.00 28.71 ? 95  PRO A O   1 
ATOM   805 C  CB  . PRO A 1 98  ? 1.808   9.903   -10.387 1.00 27.95 ? 95  PRO A CB  1 
ATOM   806 C  CG  . PRO A 1 98  ? 1.106   10.541  -9.180  1.00 29.52 ? 95  PRO A CG  1 
ATOM   807 C  CD  . PRO A 1 98  ? 0.777   9.310   -8.335  1.00 28.86 ? 95  PRO A CD  1 
ATOM   808 N  N   . LEU A 1 99  ? 2.548   6.740   -10.248 1.00 29.20 ? 96  LEU A N   1 
ATOM   809 C  CA  . LEU A 1 99  ? 3.383   5.602   -10.598 1.00 29.63 ? 96  LEU A CA  1 
ATOM   810 C  C   . LEU A 1 99  ? 2.511   4.493   -11.187 1.00 28.97 ? 96  LEU A C   1 
ATOM   811 O  O   . LEU A 1 99  ? 2.819   3.972   -12.279 1.00 29.73 ? 96  LEU A O   1 
ATOM   812 C  CB  . LEU A 1 99  ? 4.126   5.093   -9.378  1.00 29.90 ? 96  LEU A CB  1 
ATOM   813 C  CG  . LEU A 1 99  ? 4.977   3.871   -9.637  1.00 31.39 ? 96  LEU A CG  1 
ATOM   814 C  CD1 . LEU A 1 99  ? 6.119   4.133   -10.667 1.00 30.66 ? 96  LEU A CD1 1 
ATOM   815 C  CD2 . LEU A 1 99  ? 5.500   3.410   -8.305  1.00 31.76 ? 96  LEU A CD2 1 
ATOM   816 N  N   . LEU A 1 100 ? 1.413   4.162   -10.504 1.00 28.17 ? 97  LEU A N   1 
ATOM   817 C  CA  . LEU A 1 100 ? 0.495   3.158   -11.027 1.00 28.95 ? 97  LEU A CA  1 
ATOM   818 C  C   . LEU A 1 100 ? -0.159  3.554   -12.364 1.00 27.53 ? 97  LEU A C   1 
ATOM   819 O  O   . LEU A 1 100 ? -0.316  2.699   -13.250 1.00 27.72 ? 97  LEU A O   1 
ATOM   820 C  CB  . LEU A 1 100 ? -0.526  2.709   -9.969  1.00 29.88 ? 97  LEU A CB  1 
ATOM   821 C  CG  . LEU A 1 100 ? 0.124   2.026   -8.744  1.00 31.71 ? 97  LEU A CG  1 
ATOM   822 C  CD1 . LEU A 1 100 ? -0.970  1.562   -7.781  1.00 34.06 ? 97  LEU A CD1 1 
ATOM   823 C  CD2 . LEU A 1 100 ? 1.079   0.860   -9.073  1.00 35.43 ? 97  LEU A CD2 1 
ATOM   824 N  N   . GLN A 1 101 ? -0.532  4.833   -12.512 1.00 28.07 ? 98  GLN A N   1 
ATOM   825 C  CA  . GLN A 1 101 ? -1.040  5.336   -13.755 1.00 28.02 ? 98  GLN A CA  1 
ATOM   826 C  C   . GLN A 1 101 ? -0.031  5.015   -14.866 1.00 28.41 ? 98  GLN A C   1 
ATOM   827 O  O   . GLN A 1 101 ? -0.407  4.453   -15.900 1.00 27.55 ? 98  GLN A O   1 
ATOM   828 C  CB  . GLN A 1 101 ? -1.296  6.838   -13.643 1.00 27.70 ? 98  GLN A CB  1 
ATOM   829 C  CG  . GLN A 1 101 ? -1.855  7.486   -14.905 1.00 29.75 ? 98  GLN A CG  1 
ATOM   830 C  CD  . GLN A 1 101 ? -2.155  8.950   -14.677 1.00 36.26 ? 98  GLN A CD  1 
ATOM   831 O  OE1 . GLN A 1 101 ? -1.251  9.737   -14.354 1.00 39.47 ? 98  GLN A OE1 1 
ATOM   832 N  NE2 . GLN A 1 101 ? -3.421  9.331   -14.828 1.00 36.49 ? 98  GLN A NE2 1 
ATOM   833 N  N   . TYR A 1 102 ? 1.244   5.336   -14.629 1.00 27.05 ? 99  TYR A N   1 
ATOM   834 C  CA  . TYR A 1 102 ? 2.212   5.169   -15.713 1.00 27.21 ? 99  TYR A CA  1 
ATOM   835 C  C   . TYR A 1 102 ? 2.433   3.687   -15.985 1.00 26.42 ? 99  TYR A C   1 
ATOM   836 O  O   . TYR A 1 102 ? 2.547   3.289   -17.134 1.00 27.13 ? 99  TYR A O   1 
ATOM   837 C  CB  . TYR A 1 102 ? 3.542   5.850   -15.463 1.00 27.35 ? 99  TYR A CB  1 
ATOM   838 C  CG  . TYR A 1 102 ? 4.409   5.782   -16.704 1.00 26.25 ? 99  TYR A CG  1 
ATOM   839 C  CD1 . TYR A 1 102 ? 3.960   6.311   -17.912 1.00 27.25 ? 99  TYR A CD1 1 
ATOM   840 C  CD2 . TYR A 1 102 ? 5.674   5.195   -16.679 1.00 25.54 ? 99  TYR A CD2 1 
ATOM   841 C  CE1 . TYR A 1 102 ? 4.737   6.260   -19.079 1.00 26.32 ? 99  TYR A CE1 1 
ATOM   842 C  CE2 . TYR A 1 102 ? 6.460   5.132   -17.850 1.00 24.84 ? 99  TYR A CE2 1 
ATOM   843 C  CZ  . TYR A 1 102 ? 6.001   5.670   -19.027 1.00 26.75 ? 99  TYR A CZ  1 
ATOM   844 O  OH  . TYR A 1 102 ? 6.756   5.642   -20.191 1.00 25.91 ? 99  TYR A OH  1 
ATOM   845 N  N   . ILE A 1 103 ? 2.479   2.878   -14.937 1.00 27.50 ? 100 ILE A N   1 
ATOM   846 C  CA  . ILE A 1 103 ? 2.532   1.429   -15.089 1.00 27.88 ? 100 ILE A CA  1 
ATOM   847 C  C   . ILE A 1 103 ? 1.412   0.910   -16.001 1.00 27.65 ? 100 ILE A C   1 
ATOM   848 O  O   . ILE A 1 103 ? 1.657   0.042   -16.854 1.00 27.73 ? 100 ILE A O   1 
ATOM   849 C  CB  . ILE A 1 103 ? 2.513   0.724   -13.728 1.00 29.23 ? 100 ILE A CB  1 
ATOM   850 C  CG1 . ILE A 1 103 ? 3.876   0.912   -13.057 1.00 30.88 ? 100 ILE A CG1 1 
ATOM   851 C  CG2 . ILE A 1 103 ? 2.253   -0.767  -13.876 1.00 28.51 ? 100 ILE A CG2 1 
ATOM   852 C  CD1 . ILE A 1 103 ? 3.912   0.380   -11.636 1.00 33.46 ? 100 ILE A CD1 1 
ATOM   853 N  N   . SER A 1 104 ? 0.202   1.430   -15.828 1.00 27.79 ? 101 SER A N   1 
ATOM   854 C  CA  A SER A 1 104 ? -0.904  0.971   -16.649 0.50 27.34 ? 101 SER A CA  1 
ATOM   855 C  CA  B SER A 1 104 ? -0.923  1.011   -16.645 0.50 26.90 ? 101 SER A CA  1 
ATOM   856 C  C   . SER A 1 104 ? -0.636  1.314   -18.107 1.00 27.49 ? 101 SER A C   1 
ATOM   857 O  O   . SER A 1 104 ? -0.966  0.521   -18.998 1.00 28.21 ? 101 SER A O   1 
ATOM   858 C  CB  A SER A 1 104 ? -2.254  1.513   -16.156 0.50 27.70 ? 101 SER A CB  1 
ATOM   859 C  CB  B SER A 1 104 ? -2.213  1.701   -16.197 0.50 27.16 ? 101 SER A CB  1 
ATOM   860 O  OG  A SER A 1 104 ? -2.300  2.919   -16.215 0.50 26.64 ? 101 SER A OG  1 
ATOM   861 O  OG  B SER A 1 104 ? -3.280  1.301   -17.026 0.50 23.49 ? 101 SER A OG  1 
ATOM   862 N  N   . VAL A 1 105 ? -0.032  2.482   -18.358 1.00 27.35 ? 102 VAL A N   1 
ATOM   863 C  CA  . VAL A 1 105 ? 0.346   2.890   -19.725 1.00 28.27 ? 102 VAL A CA  1 
ATOM   864 C  C   . VAL A 1 105 ? 1.381   1.907   -20.286 1.00 27.87 ? 102 VAL A C   1 
ATOM   865 O  O   . VAL A 1 105 ? 1.236   1.413   -21.408 1.00 28.29 ? 102 VAL A O   1 
ATOM   866 C  CB  . VAL A 1 105 ? 0.891   4.341   -19.767 1.00 28.99 ? 102 VAL A CB  1 
ATOM   867 C  CG1 . VAL A 1 105 ? 1.550   4.678   -21.143 1.00 28.92 ? 102 VAL A CG1 1 
ATOM   868 C  CG2 . VAL A 1 105 ? -0.212  5.354   -19.412 1.00 29.40 ? 102 VAL A CG2 1 
ATOM   869 N  N   . LEU A 1 106 ? 2.428   1.635   -19.521 1.00 27.98 ? 103 LEU A N   1 
ATOM   870 C  CA  . LEU A 1 106 ? 3.424   0.623   -19.932 1.00 29.11 ? 103 LEU A CA  1 
ATOM   871 C  C   . LEU A 1 106 ? 2.823   -0.747  -20.241 1.00 29.49 ? 103 LEU A C   1 
ATOM   872 O  O   . LEU A 1 106 ? 3.220   -1.390  -21.221 1.00 28.40 ? 103 LEU A O   1 
ATOM   873 C  CB  . LEU A 1 106 ? 4.511   0.481   -18.883 1.00 29.16 ? 103 LEU A CB  1 
ATOM   874 C  CG  . LEU A 1 106 ? 5.432   1.671   -18.647 1.00 28.98 ? 103 LEU A CG  1 
ATOM   875 C  CD1 . LEU A 1 106 ? 6.284   1.354   -17.422 1.00 27.21 ? 103 LEU A CD1 1 
ATOM   876 C  CD2 . LEU A 1 106 ? 6.331   1.957   -19.816 1.00 28.46 ? 103 LEU A CD2 1 
ATOM   877 N  N   . ASP A 1 107 ? 1.855   -1.179  -19.437 1.00 30.00 ? 104 ASP A N   1 
ATOM   878 C  CA  . ASP A 1 107 ? 1.222   -2.491  -19.610 1.00 31.31 ? 104 ASP A CA  1 
ATOM   879 C  C   . ASP A 1 107 ? 0.480   -2.617  -20.935 1.00 32.94 ? 104 ASP A C   1 
ATOM   880 O  O   . ASP A 1 107 ? 0.294   -3.720  -21.439 1.00 32.77 ? 104 ASP A O   1 
ATOM   881 C  CB  . ASP A 1 107 ? 0.268   -2.774  -18.449 1.00 30.81 ? 104 ASP A CB  1 
ATOM   882 C  CG  . ASP A 1 107 ? 1.005   -3.068  -17.147 1.00 31.73 ? 104 ASP A CG  1 
ATOM   883 O  OD1 . ASP A 1 107 ? 2.220   -3.405  -17.208 1.00 32.85 ? 104 ASP A OD1 1 
ATOM   884 O  OD2 . ASP A 1 107 ? 0.358   -2.996  -16.079 1.00 30.11 ? 104 ASP A OD2 1 
ATOM   885 N  N   . ARG A 1 108 ? 0.090   -1.481  -21.495 1.00 35.82 ? 105 ARG A N   1 
ATOM   886 C  CA  . ARG A 1 108 ? -0.567  -1.442  -22.806 1.00 38.32 ? 105 ARG A CA  1 
ATOM   887 C  C   . ARG A 1 108 ? 0.449   -1.481  -23.950 1.00 40.36 ? 105 ARG A C   1 
ATOM   888 O  O   . ARG A 1 108 ? 0.089   -1.762  -25.105 1.00 41.27 ? 105 ARG A O   1 
ATOM   889 C  CB  . ARG A 1 108 ? -1.429  -0.185  -22.930 1.00 38.71 ? 105 ARG A CB  1 
ATOM   890 C  CG  . ARG A 1 108 ? -2.597  -0.089  -21.959 1.00 39.12 ? 105 ARG A CG  1 
ATOM   891 C  CD  . ARG A 1 108 ? -3.800  -0.977  -22.338 1.00 41.50 ? 105 ARG A CD  1 
ATOM   892 N  NE  . ARG A 1 108 ? -3.996  -1.164  -23.778 1.00 39.33 ? 105 ARG A NE  1 
ATOM   893 C  CZ  . ARG A 1 108 ? -4.695  -0.353  -24.576 1.00 40.78 ? 105 ARG A CZ  1 
ATOM   894 N  NH1 . ARG A 1 108 ? -5.264  0.755   -24.100 1.00 39.73 ? 105 ARG A NH1 1 
ATOM   895 N  NH2 . ARG A 1 108 ? -4.809  -0.645  -25.865 1.00 39.54 ? 105 ARG A NH2 1 
ATOM   896 N  N   . ASN A 1 109 ? 1.710   -1.205  -23.610 1.00 42.89 ? 106 ASN A N   1 
ATOM   897 C  CA  . ASN A 1 109 ? 2.867   -1.112  -24.522 1.00 44.82 ? 106 ASN A CA  1 
ATOM   898 C  C   . ASN A 1 109 ? 3.190   0.318   -24.952 1.00 45.47 ? 106 ASN A C   1 
ATOM   899 O  O   . ASN A 1 109 ? 2.666   0.817   -25.956 1.00 46.71 ? 106 ASN A O   1 
ATOM   900 C  CB  . ASN A 1 109 ? 2.749   -2.050  -25.735 1.00 45.67 ? 106 ASN A CB  1 
ATOM   901 C  CG  . ASN A 1 109 ? 3.466   -3.379  -25.527 1.00 47.92 ? 106 ASN A CG  1 
ATOM   902 O  OD1 . ASN A 1 109 ? 4.004   -3.955  -26.479 1.00 50.81 ? 106 ASN A OD1 1 
ATOM   903 N  ND2 . ASN A 1 109 ? 3.476   -3.874  -24.288 1.00 49.19 ? 106 ASN A ND2 1 
HETATM 904 C  C   . ACT B 2 .   ? 15.020  14.287  -10.306 1.00 59.76 ? 109 ACT A C   1 
HETATM 905 O  O   . ACT B 2 .   ? 14.157  13.484  -9.888  1.00 60.05 ? 109 ACT A O   1 
HETATM 906 O  OXT . ACT B 2 .   ? 14.584  15.318  -10.867 1.00 60.03 ? 109 ACT A OXT 1 
HETATM 907 C  CH3 . ACT B 2 .   ? 16.481  14.030  -10.133 1.00 58.95 ? 109 ACT A CH3 1 
HETATM 908 C  C   . ACT C 2 .   ? 1.782   -7.661  -7.801  1.00 56.93 ? 110 ACT A C   1 
HETATM 909 O  O   . ACT C 2 .   ? 0.582   -8.028  -7.859  1.00 56.76 ? 110 ACT A O   1 
HETATM 910 O  OXT . ACT C 2 .   ? 2.579   -8.282  -8.551  1.00 56.96 ? 110 ACT A OXT 1 
HETATM 911 C  CH3 . ACT C 2 .   ? 2.244   -6.570  -6.879  1.00 55.77 ? 110 ACT A CH3 1 
HETATM 912 O  O   . HOH D 3 .   ? 0.957   -4.334  -5.260  1.00 20.20 ? 111 HOH A O   1 
HETATM 913 O  O   . HOH D 3 .   ? -0.521  6.478   11.542  1.00 29.25 ? 112 HOH A O   1 
HETATM 914 O  O   . HOH D 3 .   ? -15.602 -9.298  5.132   1.00 29.37 ? 113 HOH A O   1 
HETATM 915 O  O   . HOH D 3 .   ? -17.583 -7.594  9.467   1.00 37.43 ? 114 HOH A O   1 
HETATM 916 O  O   . HOH D 3 .   ? 3.648   -13.387 2.461   1.00 46.42 ? 115 HOH A O   1 
HETATM 917 O  O   . HOH D 3 .   ? -9.148  4.561   3.367   1.00 27.49 ? 116 HOH A O   1 
HETATM 918 O  O   . HOH D 3 .   ? 3.369   -4.006  -3.745  1.00 20.38 ? 117 HOH A O   1 
HETATM 919 O  O   . HOH D 3 .   ? -16.383 -0.984  11.127  1.00 22.53 ? 118 HOH A O   1 
HETATM 920 O  O   . HOH D 3 .   ? -20.504 0.517   15.260  1.00 34.53 ? 119 HOH A O   1 
HETATM 921 O  O   . HOH D 3 .   ? 2.582   12.115  -0.397  1.00 41.29 ? 120 HOH A O   1 
HETATM 922 O  O   . HOH D 3 .   ? -18.424 0.589   5.704   1.00 40.83 ? 121 HOH A O   1 
HETATM 923 O  O   . HOH D 3 .   ? 3.252   -9.534  4.556   1.00 47.06 ? 122 HOH A O   1 
HETATM 924 O  O   . HOH D 3 .   ? -4.749  9.081   -3.466  1.00 30.68 ? 123 HOH A O   1 
HETATM 925 O  O   . HOH D 3 .   ? -8.153  -17.263 0.068   1.00 38.60 ? 124 HOH A O   1 
HETATM 926 O  O   . HOH D 3 .   ? -12.453 -0.946  -4.584  1.00 36.01 ? 125 HOH A O   1 
HETATM 927 O  O   . HOH D 3 .   ? -10.131 -3.041  15.509  0.50 24.00 ? 126 HOH A O   1 
HETATM 928 O  O   . HOH D 3 .   ? -4.479  8.975   10.774  1.00 27.34 ? 127 HOH A O   1 
HETATM 929 O  O   . HOH D 3 .   ? -8.123  6.286   9.221   1.00 30.75 ? 128 HOH A O   1 
HETATM 930 O  O   . HOH D 3 .   ? -15.245 -4.659  -3.842  1.00 52.78 ? 129 HOH A O   1 
HETATM 931 O  O   . HOH D 3 .   ? 1.567   8.967   -14.374 1.00 27.06 ? 130 HOH A O   1 
HETATM 932 O  O   . HOH D 3 .   ? -4.651  -8.749  9.553   1.00 27.90 ? 131 HOH A O   1 
HETATM 933 O  O   . HOH D 3 .   ? -20.125 -1.019  12.302  1.00 44.38 ? 132 HOH A O   1 
HETATM 934 O  O   . HOH D 3 .   ? 22.671  10.809  -5.375  1.00 32.35 ? 133 HOH A O   1 
HETATM 935 O  O   . HOH D 3 .   ? -2.415  -14.799 -3.326  1.00 44.37 ? 134 HOH A O   1 
HETATM 936 O  O   . HOH D 3 .   ? -9.903  7.870   -4.281  1.00 41.15 ? 135 HOH A O   1 
HETATM 937 O  O   . HOH D 3 .   ? 9.161   -2.683  5.639   1.00 36.30 ? 136 HOH A O   1 
HETATM 938 O  O   . HOH D 3 .   ? 23.945  5.157   -2.979  1.00 35.47 ? 137 HOH A O   1 
HETATM 939 O  O   . HOH D 3 .   ? 19.487  16.720  0.178   1.00 39.52 ? 138 HOH A O   1 
HETATM 940 O  O   . HOH D 3 .   ? -5.716  -18.058 2.172   1.00 29.75 ? 139 HOH A O   1 
HETATM 941 O  O   . HOH D 3 .   ? 14.764  20.372  -6.019  1.00 26.68 ? 140 HOH A O   1 
HETATM 942 O  O   . HOH D 3 .   ? 10.131  -6.463  -0.574  1.00 45.07 ? 141 HOH A O   1 
HETATM 943 O  O   . HOH D 3 .   ? -13.730 4.005   -6.926  1.00 38.18 ? 142 HOH A O   1 
HETATM 944 O  O   . HOH D 3 .   ? -0.111  13.519  0.003   1.00 50.74 ? 143 HOH A O   1 
HETATM 945 O  O   . HOH D 3 .   ? 8.370   15.360  -8.661  1.00 41.80 ? 144 HOH A O   1 
HETATM 946 O  O   . HOH D 3 .   ? -1.847  11.407  -6.491  1.00 35.33 ? 145 HOH A O   1 
HETATM 947 O  O   . HOH D 3 .   ? -17.742 5.643   15.594  1.00 34.32 ? 146 HOH A O   1 
HETATM 948 O  O   . HOH D 3 .   ? 15.956  11.322  2.923   1.00 37.05 ? 147 HOH A O   1 
HETATM 949 O  O   . HOH D 3 .   ? -12.185 4.584   3.846   1.00 49.37 ? 148 HOH A O   1 
HETATM 950 O  O   . HOH D 3 .   ? -11.663 1.670   3.161   1.00 37.56 ? 149 HOH A O   1 
HETATM 951 O  O   . HOH D 3 .   ? 4.867   9.912   -7.179  0.50 25.06 ? 150 HOH A O   1 
HETATM 952 O  O   . HOH D 3 .   ? -19.264 -7.038  6.834   1.00 46.19 ? 151 HOH A O   1 
HETATM 953 O  O   . HOH D 3 .   ? -14.913 5.203   14.374  1.00 41.46 ? 152 HOH A O   1 
HETATM 954 O  O   . HOH D 3 .   ? -11.159 3.649   12.909  1.00 44.67 ? 153 HOH A O   1 
HETATM 955 O  O   . HOH D 3 .   ? 6.638   -10.515 -2.661  1.00 40.16 ? 154 HOH A O   1 
HETATM 956 O  O   . HOH D 3 .   ? -5.528  7.757   -14.934 1.00 42.40 ? 155 HOH A O   1 
HETATM 957 O  O   . HOH D 3 .   ? -18.464 -9.829  3.614   1.00 52.16 ? 156 HOH A O   1 
HETATM 958 O  O   . HOH D 3 .   ? 0.280   -2.616  15.691  1.00 43.45 ? 157 HOH A O   1 
HETATM 959 O  O   . HOH D 3 .   ? 6.090   -9.133  7.783   1.00 55.97 ? 158 HOH A O   1 
HETATM 960 O  O   . HOH D 3 .   ? -18.036 4.033   6.201   1.00 47.00 ? 159 HOH A O   1 
HETATM 961 O  O   . HOH D 3 .   ? 14.953  22.969  -5.047  1.00 30.75 ? 160 HOH A O   1 
HETATM 962 O  O   . HOH D 3 .   ? -19.886 -1.079  17.545  1.00 20.93 ? 161 HOH A O   1 
HETATM 963 O  O   . HOH D 3 .   ? 12.753  17.970  -4.820  1.00 42.77 ? 162 HOH A O   1 
HETATM 964 O  O   . HOH D 3 .   ? 2.231   -1.832  17.066  1.00 35.04 ? 163 HOH A O   1 
HETATM 965 O  O   . HOH D 3 .   ? 14.655  21.861  -2.609  1.00 40.78 ? 164 HOH A O   1 
HETATM 966 O  O   . HOH D 3 .   ? -14.240 -7.403  7.582   1.00 27.14 ? 165 HOH A O   1 
HETATM 967 O  O   . HOH D 3 .   ? -1.245  8.533   10.191  1.00 26.42 ? 166 HOH A O   1 
HETATM 968 O  O   . HOH D 3 .   ? 15.469  4.173   5.132   1.00 33.75 ? 167 HOH A O   1 
HETATM 969 O  O   . HOH D 3 .   ? -0.107  11.059  10.966  1.00 37.33 ? 168 HOH A O   1 
HETATM 970 O  O   . HOH D 3 .   ? -12.856 6.201   8.055   1.00 42.18 ? 169 HOH A O   1 
HETATM 971 O  O   . HOH D 3 .   ? 4.400   -6.262  11.314  1.00 41.56 ? 170 HOH A O   1 
HETATM 972 O  O   . HOH D 3 .   ? -3.965  -7.399  12.069  1.00 40.95 ? 171 HOH A O   1 
HETATM 973 O  O   . HOH D 3 .   ? -15.290 6.345   3.779   1.00 51.39 ? 172 HOH A O   1 
HETATM 974 O  O   . HOH D 3 .   ? -16.513 9.168   1.413   1.00 42.69 ? 173 HOH A O   1 
HETATM 975 O  O   . HOH D 3 .   ? -17.668 -5.262  -2.507  1.00 49.43 ? 174 HOH A O   1 
HETATM 976 O  O   . HOH D 3 .   ? 0.443   14.084  7.180   1.00 46.79 ? 175 HOH A O   1 
HETATM 977 O  O   . HOH D 3 .   ? 2.031   -9.782  8.824   1.00 50.88 ? 176 HOH A O   1 
HETATM 978 O  O   . HOH D 3 .   ? -18.247 0.455   -1.490  1.00 52.99 ? 177 HOH A O   1 
HETATM 979 O  O   . HOH D 3 .   ? -3.326  -1.397  -18.382 1.00 45.98 ? 178 HOH A O   1 
HETATM 980 O  O   . HOH D 3 .   ? -12.842 -10.054 -7.994  1.00 54.36 ? 179 HOH A O   1 
HETATM 981 O  O   . HOH D 3 .   ? -1.205  -4.595  -25.031 1.00 59.94 ? 180 HOH A O   1 
HETATM 982 O  O   . HOH D 3 .   ? -2.517  -13.212 9.588   1.00 55.01 ? 181 HOH A O   1 
HETATM 983 O  O   . HOH D 3 .   ? -4.682  -13.844 10.873  1.00 46.39 ? 182 HOH A O   1 
HETATM 984 O  O   . HOH D 3 .   ? -14.928 -4.582  -6.307  1.00 51.38 ? 183 HOH A O   1 
HETATM 985 O  O   . HOH D 3 .   ? -14.370 -11.509 5.866   1.00 40.61 ? 184 HOH A O   1 
HETATM 986 O  O   . HOH D 3 .   ? -18.831 0.092   10.017  1.00 41.09 ? 185 HOH A O   1 
HETATM 987 O  O   . HOH D 3 .   ? -4.394  12.192  11.614  1.00 49.91 ? 186 HOH A O   1 
HETATM 988 O  O   . HOH D 3 .   ? -3.363  12.420  3.842   1.00 53.00 ? 187 HOH A O   1 
HETATM 989 O  O   . HOH D 3 .   ? -5.848  12.237  4.724   1.00 45.57 ? 188 HOH A O   1 
HETATM 990 O  O   . HOH D 3 .   ? -6.798  9.935   4.463   1.00 49.01 ? 189 HOH A O   1 
HETATM 991 O  O   . HOH D 3 .   ? 5.739   -0.800  -22.256 1.00 45.53 ? 190 HOH A O   1 
HETATM 992 O  O   . HOH D 3 .   ? 7.435   -2.011  -19.948 1.00 36.11 ? 191 HOH A O   1 
HETATM 993 O  O   . HOH D 3 .   ? 0.485   2.306   -23.860 1.00 55.92 ? 192 HOH A O   1 
HETATM 994 O  O   . HOH D 3 .   ? 5.543   5.612   -22.444 1.00 36.54 ? 193 HOH A O   1 
HETATM 995 O  O   . HOH D 3 .   ? -9.960  -11.540 -5.432  1.00 42.93 ? 194 HOH A O   1 
# 
